data_1FFX
#
_entry.id   1FFX
#
_cell.length_a   328.500
_cell.length_b   328.500
_cell.length_c   54.400
_cell.angle_alpha   90.00
_cell.angle_beta   90.00
_cell.angle_gamma   120.00
#
_symmetry.space_group_name_H-M   'P 65'
#
loop_
_entity.id
_entity.type
_entity.pdbx_description
1 polymer 'PROTEIN (TUBULIN)'
2 polymer 'PROTEIN (TUBULIN)'
3 polymer 'PROTEIN (STATHMIN-LIKE DOMAIN OF RB3)'
4 non-polymer "GUANOSINE-5'-TRIPHOSPHATE"
5 non-polymer "GUANOSINE-5'-DIPHOSPHATE"
#
loop_
_entity_poly.entity_id
_entity_poly.type
_entity_poly.pdbx_seq_one_letter_code
_entity_poly.pdbx_strand_id
1 'polypeptide(L)'
;MRECISIHVGQAGVQIGNACWELYCLEHGIQPDGQMPSDKTIGGGDDSFNTFFSETGAGKHVPRAVFVDLEPTVIDEVRT
GTYRQLFHPEQLITGKEDAANNYARGHYTIGKEIIDLVLDRIRKLADQCTGLQGFSVFHSFGGGTGSGFTSLLMERLSVD
YGKKSKLEFSIYPAPQVSTAVVEPYNSILTTHTTLEHSDCAFMVDNEAIYDICRRNLDIERPTYTNLNRLIGQIVSSITA
SLRFDGALNVDLTEFQTNLVPYPRAHFPLATYAPVISAEKAYHEQLSVAEITNACFEPANQMVKCDPRHGKYMACCLLYR
GDVVPKDVNAAIATIKTKRTIQFVDWCPTGFKVGINYEPPTVVPGGDLAKVQRAVCMLSNTTAIAEAWARLDHKFDLMYA
KRAFVHWYVGEGMEEGEFSEAREDMAALEKDYEEVGVDSVEGEGEEEGEEY
;
A,C
2 'polypeptide(L)'
;MREIVHIQAGQCGNQIGAKFWEVISDEHGIDPTGSYHGDSDLQLERINVYYNEAAGNKYVPRAILVDLEPGTMDSVRSGP
FGQIFRPDNFVFGQSGAGNNWAKGHYTEGAELVDSVLDVVRKESESCDCLQGFQLTHSLGGGTGSGMGTLLISKIREEYP
DRIMNTFSVVPSPKVSDTVVEPYNATLSVHQLVENTDETYCIDNEALYDICFRTLKLTTPTYGDLNHLVSATMSGVTTCL
RFPGQLNADLRKLAVNMVPFPRLHFFMPGFAPLTSRGSQQYRALTVPELTQQMFDAKNMMAACDPRHGRYLTVAAVFRGR
MSMKEVDEQMLNVQNKNSSYFVEWIPNNVKTAVCDIPPRGLKMSATFIGNSTAIQELFKRISEQFTAMFRRKAFLHWYTG
EGMDEMEFTEAESNMNDLVSEYQQYQDATADEQGEFEEEGEEDEA
;
B,D
3 'polypeptide(L)'
;(UNK)(UNK)(UNK)(UNK)(UNK)(UNK)(UNK)(UNK)(UNK)(UNK)(UNK)(UNK)(UNK)(UNK)(UNK)(UNK)
(UNK)(UNK)(UNK)(UNK)(UNK)(UNK)(UNK)(UNK)(UNK)(UNK)(UNK)(UNK)(UNK)(UNK)(UNK)(UNK)
(UNK)(UNK)(UNK)(UNK)(UNK)(UNK)(UNK)(UNK)(UNK)(UNK)(UNK)(UNK)(UNK)(UNK)(UNK)(UNK)
(UNK)(UNK)(UNK)(UNK)(UNK)(UNK)(UNK)(UNK)(UNK)(UNK)(UNK)(UNK)(UNK)(UNK)(UNK)(UNK)
(UNK)(UNK)(UNK)(UNK)(UNK)(UNK)(UNK)(UNK)(UNK)(UNK)(UNK)(UNK)(UNK)(UNK)(UNK)(UNK)
(UNK)(UNK)(UNK)(UNK)(UNK)(UNK)(UNK)(UNK)(UNK)(UNK)(UNK)
;
E
#
loop_
_chem_comp.id
_chem_comp.type
_chem_comp.name
_chem_comp.formula
GDP RNA linking GUANOSINE-5'-DIPHOSPHATE 'C10 H15 N5 O11 P2'
GTP non-polymer GUANOSINE-5'-TRIPHOSPHATE 'C10 H16 N5 O14 P3'
#
# COMPACT_ATOMS: atom_id res chain seq x y z
N MET A 1 -68.67 -40.99 -9.55
CA MET A 1 -68.77 -41.31 -8.09
C MET A 1 -67.39 -41.32 -7.42
N ARG A 2 -66.76 -42.49 -7.41
CA ARG A 2 -65.43 -42.67 -6.80
C ARG A 2 -64.36 -41.82 -7.50
N GLU A 3 -63.95 -40.72 -6.87
CA GLU A 3 -62.95 -39.81 -7.45
C GLU A 3 -61.53 -40.10 -7.05
N CYS A 4 -60.63 -40.09 -8.03
CA CYS A 4 -59.21 -40.30 -7.79
C CYS A 4 -58.65 -38.90 -7.52
N ILE A 5 -57.69 -38.74 -6.61
CA ILE A 5 -57.15 -37.39 -6.35
C ILE A 5 -55.92 -37.09 -7.21
N SER A 6 -55.73 -35.81 -7.54
CA SER A 6 -54.58 -35.41 -8.34
C SER A 6 -53.79 -34.32 -7.65
N ILE A 7 -52.46 -34.39 -7.73
CA ILE A 7 -51.58 -33.43 -7.09
C ILE A 7 -50.42 -33.06 -8.02
N HIS A 8 -50.36 -31.82 -8.50
CA HIS A 8 -49.27 -31.41 -9.38
C HIS A 8 -48.21 -30.59 -8.68
N VAL A 9 -47.08 -31.21 -8.35
CA VAL A 9 -46.00 -30.53 -7.67
C VAL A 9 -44.98 -30.06 -8.69
N GLY A 10 -44.66 -28.76 -8.66
CA GLY A 10 -43.64 -28.21 -9.54
C GLY A 10 -43.96 -27.54 -10.85
N GLN A 11 -43.57 -26.28 -10.98
CA GLN A 11 -43.80 -25.49 -12.18
C GLN A 11 -44.18 -26.31 -13.43
N ALA A 12 -43.32 -27.22 -13.85
CA ALA A 12 -43.56 -28.04 -15.04
C ALA A 12 -44.85 -28.77 -14.87
N GLY A 13 -45.14 -29.18 -13.64
CA GLY A 13 -46.39 -29.85 -13.38
C GLY A 13 -47.51 -28.83 -13.21
N VAL A 14 -47.30 -27.84 -12.35
CA VAL A 14 -48.30 -26.81 -12.12
C VAL A 14 -48.71 -26.25 -13.48
N GLN A 15 -47.77 -25.73 -14.24
CA GLN A 15 -48.13 -25.20 -15.55
C GLN A 15 -48.93 -26.24 -16.37
N ILE A 16 -48.43 -27.47 -16.50
CA ILE A 16 -49.17 -28.51 -17.22
C ILE A 16 -50.53 -28.50 -16.53
N GLY A 17 -50.65 -29.21 -15.41
CA GLY A 17 -51.92 -29.28 -14.69
C GLY A 17 -52.77 -28.06 -14.90
N ASN A 18 -52.19 -26.89 -14.73
CA ASN A 18 -52.90 -25.64 -14.89
C ASN A 18 -53.62 -25.56 -16.23
N ALA A 19 -53.02 -26.14 -17.27
CA ALA A 19 -53.60 -26.11 -18.60
C ALA A 19 -54.41 -27.35 -18.92
N CYS A 20 -54.67 -28.17 -17.92
CA CYS A 20 -55.46 -29.37 -18.12
C CYS A 20 -56.86 -29.12 -17.62
N TRP A 21 -57.00 -28.57 -16.43
CA TRP A 21 -58.35 -28.30 -15.99
C TRP A 21 -58.88 -27.22 -16.95
N GLU A 22 -58.02 -26.77 -17.86
CA GLU A 22 -58.47 -25.81 -18.83
C GLU A 22 -58.98 -26.64 -19.99
N LEU A 23 -58.40 -27.82 -20.17
CA LEU A 23 -58.81 -28.74 -21.25
C LEU A 23 -60.00 -29.52 -20.71
N TYR A 24 -59.97 -29.78 -19.41
CA TYR A 24 -61.03 -30.50 -18.76
C TYR A 24 -62.19 -29.59 -18.72
N CYS A 25 -62.45 -28.91 -19.85
CA CYS A 25 -63.59 -27.98 -20.02
C CYS A 25 -64.67 -28.80 -20.74
N LEU A 26 -64.34 -30.07 -20.94
CA LEU A 26 -65.23 -31.03 -21.56
C LEU A 26 -66.39 -31.26 -20.57
N GLU A 27 -67.45 -30.53 -20.87
CA GLU A 27 -68.71 -30.57 -20.14
C GLU A 27 -68.77 -30.06 -18.72
N HIS A 28 -69.95 -30.32 -18.11
CA HIS A 28 -70.35 -29.93 -16.76
C HIS A 28 -69.27 -30.03 -15.65
N GLY A 29 -68.70 -28.87 -15.29
CA GLY A 29 -67.67 -28.76 -14.28
C GLY A 29 -67.07 -27.39 -14.49
N ILE A 30 -67.93 -26.40 -14.72
CA ILE A 30 -67.54 -25.00 -14.96
C ILE A 30 -68.45 -23.96 -14.27
N GLN A 31 -69.63 -23.70 -14.85
CA GLN A 31 -70.58 -22.73 -14.29
C GLN A 31 -70.83 -22.81 -12.78
N PRO A 32 -71.36 -21.72 -12.18
CA PRO A 32 -71.68 -21.57 -10.77
C PRO A 32 -71.45 -22.78 -9.89
N ASP A 33 -70.25 -23.33 -10.01
CA ASP A 33 -69.85 -24.49 -9.25
C ASP A 33 -68.82 -23.98 -8.23
N GLY A 34 -68.33 -22.76 -8.47
CA GLY A 34 -67.38 -22.16 -7.56
C GLY A 34 -67.91 -22.39 -6.17
N GLN A 35 -67.27 -23.28 -5.42
CA GLN A 35 -67.71 -23.57 -4.06
C GLN A 35 -69.06 -24.27 -4.02
N MET A 36 -69.50 -24.75 -5.18
CA MET A 36 -70.76 -25.49 -5.28
C MET A 36 -70.33 -26.91 -5.60
N PRO A 37 -69.99 -27.70 -4.54
CA PRO A 37 -69.54 -29.09 -4.66
C PRO A 37 -70.66 -30.02 -5.03
N SER A 38 -71.86 -29.59 -4.66
CA SER A 38 -73.10 -30.34 -4.88
C SER A 38 -73.33 -30.82 -6.31
N ASP A 39 -74.40 -31.59 -6.47
CA ASP A 39 -74.77 -32.14 -7.77
C ASP A 39 -74.13 -33.50 -8.08
N LYS A 40 -73.87 -33.72 -9.36
CA LYS A 40 -73.27 -34.95 -9.87
C LYS A 40 -71.89 -35.18 -9.21
N THR A 41 -71.48 -36.45 -9.16
CA THR A 41 -70.19 -36.80 -8.56
C THR A 41 -69.01 -37.05 -9.51
N ILE A 42 -68.66 -36.08 -10.35
CA ILE A 42 -67.49 -36.31 -11.21
C ILE A 42 -66.96 -35.25 -12.18
N GLY A 43 -65.62 -35.20 -12.17
CA GLY A 43 -64.83 -34.24 -12.96
C GLY A 43 -64.12 -33.49 -11.85
N GLY A 44 -64.47 -33.89 -10.64
CA GLY A 44 -64.00 -33.30 -9.43
C GLY A 44 -65.30 -32.76 -8.87
N GLY A 45 -65.75 -33.30 -7.73
CA GLY A 45 -67.00 -32.85 -7.09
C GLY A 45 -66.90 -31.41 -6.62
N ASP A 46 -65.83 -30.80 -7.11
CA ASP A 46 -65.38 -29.45 -6.85
C ASP A 46 -64.11 -29.38 -7.71
N ASP A 47 -64.24 -29.86 -8.95
CA ASP A 47 -63.15 -29.93 -9.95
C ASP A 47 -61.91 -29.15 -9.50
N ALA A 65 -57.57 -32.36 -6.05
CA ALA A 65 -57.22 -30.99 -6.33
C ALA A 65 -56.19 -30.43 -5.32
N VAL A 66 -54.91 -30.64 -5.62
CA VAL A 66 -53.84 -30.14 -4.76
C VAL A 66 -52.70 -29.56 -5.57
N PHE A 67 -52.50 -28.25 -5.51
CA PHE A 67 -51.43 -27.62 -6.26
C PHE A 67 -50.32 -27.20 -5.30
N VAL A 68 -49.24 -27.97 -5.28
CA VAL A 68 -48.13 -27.66 -4.41
C VAL A 68 -46.82 -27.44 -5.14
N ASP A 69 -46.42 -26.18 -5.22
CA ASP A 69 -45.17 -25.85 -5.86
C ASP A 69 -44.27 -25.38 -4.76
N LEU A 70 -43.00 -25.22 -5.07
CA LEU A 70 -42.06 -24.75 -4.08
C LEU A 70 -41.62 -23.32 -4.35
N GLU A 71 -42.06 -22.78 -5.48
CA GLU A 71 -41.76 -21.42 -5.95
C GLU A 71 -43.06 -20.62 -5.96
N PRO A 72 -43.42 -20.00 -4.83
CA PRO A 72 -44.66 -19.22 -4.74
C PRO A 72 -44.75 -18.15 -5.82
N THR A 73 -45.15 -18.55 -7.02
CA THR A 73 -45.25 -17.60 -8.11
C THR A 73 -45.83 -18.26 -9.37
N VAL A 74 -45.13 -19.27 -9.91
CA VAL A 74 -45.58 -19.96 -11.11
C VAL A 74 -46.89 -20.55 -10.71
N ILE A 75 -46.95 -20.86 -9.44
CA ILE A 75 -48.13 -21.41 -8.86
C ILE A 75 -48.94 -20.28 -8.21
N ASP A 76 -48.72 -19.05 -8.68
CA ASP A 76 -49.45 -17.91 -8.15
C ASP A 76 -50.34 -17.30 -9.24
N GLU A 77 -50.15 -17.80 -10.47
CA GLU A 77 -50.96 -17.35 -11.60
C GLU A 77 -52.26 -18.16 -11.53
N VAL A 78 -52.87 -18.15 -10.34
CA VAL A 78 -54.12 -18.87 -10.09
C VAL A 78 -54.89 -18.06 -9.05
N ARG A 79 -54.25 -17.73 -7.93
CA ARG A 79 -54.92 -17.00 -6.86
C ARG A 79 -54.55 -15.50 -6.76
N THR A 80 -53.31 -15.21 -6.35
CA THR A 80 -52.82 -13.82 -6.21
C THR A 80 -52.35 -13.32 -7.60
N GLY A 81 -53.27 -12.64 -8.26
CA GLY A 81 -53.03 -12.15 -9.60
C GLY A 81 -53.92 -13.07 -10.40
N THR A 82 -54.08 -14.28 -9.85
CA THR A 82 -54.93 -15.29 -10.47
C THR A 82 -54.39 -15.61 -11.84
N TYR A 83 -55.27 -15.93 -12.78
CA TYR A 83 -54.89 -16.25 -14.16
C TYR A 83 -56.12 -16.79 -14.90
N ARG A 84 -57.08 -15.90 -15.14
CA ARG A 84 -58.30 -16.27 -15.84
C ARG A 84 -59.20 -17.17 -15.03
N GLN A 85 -58.75 -17.60 -13.87
CA GLN A 85 -59.58 -18.49 -13.08
C GLN A 85 -59.06 -18.93 -11.72
N LEU A 86 -59.92 -19.61 -10.98
CA LEU A 86 -59.58 -20.11 -9.66
C LEU A 86 -60.57 -21.18 -9.18
N PHE A 87 -60.03 -22.38 -8.86
CA PHE A 87 -60.83 -23.50 -8.36
C PHE A 87 -61.18 -23.30 -6.92
N HIS A 88 -60.20 -23.43 -6.02
CA HIS A 88 -60.47 -23.26 -4.59
C HIS A 88 -59.34 -22.74 -3.74
N PRO A 89 -59.11 -21.41 -3.75
CA PRO A 89 -58.03 -20.79 -2.96
C PRO A 89 -57.89 -21.47 -1.59
N GLU A 90 -56.99 -22.45 -1.55
CA GLU A 90 -56.75 -23.23 -0.35
C GLU A 90 -56.05 -24.52 -0.73
N GLN A 91 -56.37 -25.04 -1.91
CA GLN A 91 -55.79 -26.30 -2.40
C GLN A 91 -54.50 -26.08 -3.17
N LEU A 92 -53.95 -24.89 -3.06
CA LEU A 92 -52.69 -24.58 -3.73
C LEU A 92 -51.60 -24.20 -2.72
N ILE A 93 -51.05 -25.20 -2.05
CA ILE A 93 -50.01 -24.99 -1.11
C ILE A 93 -48.90 -24.23 -1.77
N THR A 94 -48.15 -23.45 -1.00
CA THR A 94 -47.04 -22.66 -1.51
C THR A 94 -46.06 -22.23 -0.40
N GLY A 95 -44.79 -22.04 -0.75
CA GLY A 95 -43.80 -21.62 0.24
C GLY A 95 -43.25 -20.22 0.00
N LYS A 96 -41.93 -20.05 0.15
CA LYS A 96 -41.28 -18.76 -0.07
C LYS A 96 -39.95 -18.98 -0.72
N GLU A 97 -39.29 -20.04 -0.27
CA GLU A 97 -37.98 -20.51 -0.75
C GLU A 97 -37.92 -20.58 -2.27
N ASP A 98 -37.78 -19.37 -2.86
CA ASP A 98 -37.69 -19.07 -4.31
C ASP A 98 -37.65 -20.27 -5.26
N ALA A 99 -37.00 -21.35 -4.82
CA ALA A 99 -36.86 -22.57 -5.56
C ALA A 99 -36.15 -23.63 -4.73
N ALA A 100 -35.07 -24.17 -5.33
CA ALA A 100 -34.20 -25.21 -4.79
C ALA A 100 -33.22 -25.63 -5.91
N ASN A 101 -33.48 -26.80 -6.46
CA ASN A 101 -32.72 -27.37 -7.57
C ASN A 101 -31.47 -28.11 -7.20
N ASN A 102 -31.61 -28.96 -6.18
CA ASN A 102 -30.53 -29.81 -5.69
C ASN A 102 -31.24 -31.00 -5.08
N TYR A 103 -32.24 -31.52 -5.79
CA TYR A 103 -33.03 -32.67 -5.32
C TYR A 103 -33.05 -32.68 -3.80
N ALA A 104 -31.94 -33.06 -3.20
CA ALA A 104 -31.87 -33.05 -1.76
C ALA A 104 -32.49 -31.72 -1.42
N ARG A 105 -32.05 -30.69 -2.12
CA ARG A 105 -32.55 -29.33 -1.91
C ARG A 105 -33.95 -29.27 -2.44
N GLY A 106 -34.88 -29.78 -1.64
CA GLY A 106 -36.29 -29.80 -2.02
C GLY A 106 -36.90 -31.16 -1.75
N HIS A 107 -36.06 -32.16 -1.53
CA HIS A 107 -36.54 -33.51 -1.23
C HIS A 107 -36.33 -33.75 0.27
N TYR A 108 -35.24 -33.19 0.77
CA TYR A 108 -34.90 -33.27 2.18
C TYR A 108 -35.08 -31.85 2.76
N THR A 109 -33.97 -31.18 3.03
CA THR A 109 -33.93 -29.81 3.57
C THR A 109 -35.27 -29.10 3.54
N ILE A 110 -35.51 -28.33 2.48
CA ILE A 110 -36.77 -27.58 2.34
C ILE A 110 -37.99 -28.47 2.34
N GLY A 111 -38.00 -29.41 1.39
CA GLY A 111 -39.11 -30.33 1.28
C GLY A 111 -39.67 -30.61 2.65
N LYS A 112 -38.88 -31.27 3.47
CA LYS A 112 -39.29 -31.63 4.81
C LYS A 112 -40.15 -30.56 5.48
N GLU A 113 -40.14 -29.33 4.99
CA GLU A 113 -40.93 -28.31 5.64
C GLU A 113 -42.38 -28.30 5.16
N ILE A 114 -42.58 -28.07 3.85
CA ILE A 114 -43.92 -28.06 3.27
C ILE A 114 -44.05 -29.44 2.65
N ILE A 115 -44.51 -30.38 3.47
CA ILE A 115 -44.73 -31.78 3.09
C ILE A 115 -45.76 -32.30 4.09
N ASP A 116 -46.00 -31.51 5.12
CA ASP A 116 -46.99 -31.83 6.14
C ASP A 116 -48.18 -30.86 6.10
N LEU A 117 -48.17 -29.97 5.12
CA LEU A 117 -49.27 -29.05 4.97
C LEU A 117 -49.87 -29.62 3.72
N VAL A 118 -49.00 -30.21 2.90
CA VAL A 118 -49.42 -30.84 1.65
C VAL A 118 -49.97 -32.25 1.96
N LEU A 119 -49.28 -32.98 2.84
CA LEU A 119 -49.73 -34.33 3.19
C LEU A 119 -50.94 -34.30 4.08
N ASP A 120 -51.15 -33.18 4.76
CA ASP A 120 -52.31 -32.96 5.65
C ASP A 120 -53.52 -32.54 4.80
N ARG A 121 -53.24 -31.63 3.87
CA ARG A 121 -54.24 -31.12 2.96
C ARG A 121 -54.77 -32.31 2.19
N ILE A 122 -53.88 -32.99 1.49
CA ILE A 122 -54.26 -34.17 0.73
C ILE A 122 -55.16 -35.07 1.54
N ARG A 123 -54.65 -35.64 2.63
CA ARG A 123 -55.44 -36.52 3.49
C ARG A 123 -56.78 -35.86 3.80
N LYS A 124 -56.75 -34.55 3.99
CA LYS A 124 -57.97 -33.82 4.27
C LYS A 124 -58.63 -33.39 2.96
N LEU A 125 -58.68 -34.34 2.02
CA LEU A 125 -59.26 -34.13 0.71
C LEU A 125 -59.40 -35.55 0.21
N ALA A 126 -58.31 -36.31 0.32
CA ALA A 126 -58.28 -37.70 -0.09
C ALA A 126 -59.15 -38.49 0.89
N ASP A 127 -59.67 -37.77 1.87
CA ASP A 127 -60.53 -38.40 2.84
C ASP A 127 -61.81 -37.59 3.00
N GLN A 128 -62.52 -37.48 1.87
CA GLN A 128 -63.79 -36.76 1.76
C GLN A 128 -64.67 -37.57 0.80
N CYS A 129 -65.89 -37.84 1.24
CA CYS A 129 -66.83 -38.65 0.47
C CYS A 129 -66.23 -40.05 0.31
N THR A 130 -66.89 -41.01 0.95
CA THR A 130 -66.49 -42.42 1.01
C THR A 130 -65.89 -43.06 -0.26
N GLY A 131 -65.04 -44.06 -0.03
CA GLY A 131 -64.40 -44.78 -1.12
C GLY A 131 -63.40 -43.98 -1.94
N LEU A 132 -62.12 -44.09 -1.61
CA LEU A 132 -61.05 -43.33 -2.30
C LEU A 132 -60.58 -43.99 -3.58
N GLN A 133 -59.45 -44.68 -3.50
CA GLN A 133 -58.99 -45.36 -4.67
C GLN A 133 -58.41 -44.42 -5.72
N GLY A 134 -57.14 -44.08 -5.61
CA GLY A 134 -56.53 -43.22 -6.62
C GLY A 134 -55.74 -41.95 -6.28
N PHE A 135 -54.74 -41.68 -7.11
CA PHE A 135 -53.88 -40.53 -6.98
C PHE A 135 -53.16 -40.19 -8.27
N SER A 136 -53.65 -39.24 -9.06
CA SER A 136 -52.91 -38.94 -10.25
C SER A 136 -51.90 -37.82 -9.98
N VAL A 137 -50.64 -38.18 -9.80
CA VAL A 137 -49.58 -37.21 -9.52
C VAL A 137 -48.95 -36.66 -10.79
N PHE A 138 -49.30 -35.43 -11.15
CA PHE A 138 -48.73 -34.78 -12.33
C PHE A 138 -47.34 -34.32 -11.87
N HIS A 139 -46.32 -34.81 -12.53
CA HIS A 139 -44.98 -34.53 -12.05
C HIS A 139 -44.12 -33.56 -12.79
N SER A 140 -43.00 -34.09 -13.28
CA SER A 140 -41.95 -33.43 -14.06
C SER A 140 -40.66 -33.56 -13.32
N PHE A 141 -39.73 -34.38 -13.81
CA PHE A 141 -38.46 -34.52 -13.13
C PHE A 141 -37.29 -33.89 -13.84
N GLY A 142 -36.27 -33.57 -13.04
CA GLY A 142 -35.07 -32.92 -13.50
C GLY A 142 -34.88 -31.54 -12.89
N GLY A 143 -35.52 -31.26 -11.77
CA GLY A 143 -35.36 -29.94 -11.18
C GLY A 143 -35.87 -29.73 -9.76
N GLY A 144 -35.52 -30.63 -8.84
CA GLY A 144 -35.94 -30.47 -7.46
C GLY A 144 -37.33 -29.88 -7.34
N THR A 145 -37.69 -29.47 -6.14
CA THR A 145 -39.02 -28.95 -5.92
C THR A 145 -39.91 -30.03 -6.44
N GLY A 146 -40.28 -29.90 -7.70
CA GLY A 146 -41.13 -30.88 -8.33
C GLY A 146 -40.36 -32.07 -8.85
N SER A 147 -39.11 -32.18 -8.44
CA SER A 147 -38.30 -33.29 -8.90
C SER A 147 -37.85 -34.04 -7.67
N GLY A 148 -37.68 -33.29 -6.58
CA GLY A 148 -37.24 -33.87 -5.33
C GLY A 148 -38.29 -33.88 -4.26
N PHE A 149 -39.22 -32.92 -4.28
CA PHE A 149 -40.25 -32.87 -3.28
C PHE A 149 -41.33 -33.94 -3.42
N THR A 150 -41.55 -34.40 -4.64
CA THR A 150 -42.56 -35.43 -4.94
C THR A 150 -41.97 -36.82 -4.67
N SER A 151 -40.64 -36.85 -4.71
CA SER A 151 -39.87 -38.06 -4.46
C SER A 151 -40.21 -38.46 -3.03
N LEU A 152 -40.66 -37.45 -2.29
CA LEU A 152 -41.04 -37.54 -0.88
C LEU A 152 -42.56 -37.63 -0.72
N LEU A 153 -43.26 -36.77 -1.45
CA LEU A 153 -44.71 -36.73 -1.39
C LEU A 153 -45.14 -38.17 -1.37
N MET A 154 -44.81 -38.88 -2.45
CA MET A 154 -45.16 -40.30 -2.62
C MET A 154 -44.64 -41.19 -1.51
N GLU A 155 -43.39 -41.02 -1.15
CA GLU A 155 -42.80 -41.84 -0.10
C GLU A 155 -43.72 -41.73 1.11
N ARG A 156 -44.48 -40.65 1.13
CA ARG A 156 -45.40 -40.36 2.22
C ARG A 156 -46.74 -41.03 1.96
N LEU A 157 -47.33 -40.68 0.82
CA LEU A 157 -48.62 -41.21 0.41
C LEU A 157 -48.59 -42.72 0.55
N SER A 158 -47.64 -43.34 -0.14
CA SER A 158 -47.47 -44.80 -0.12
C SER A 158 -47.46 -45.35 1.30
N VAL A 159 -47.20 -44.45 2.24
CA VAL A 159 -47.15 -44.80 3.65
C VAL A 159 -48.55 -44.71 4.25
N ASP A 160 -49.42 -43.93 3.61
CA ASP A 160 -50.77 -43.76 4.13
C ASP A 160 -51.89 -43.96 3.11
N TYR A 161 -51.65 -44.78 2.09
CA TYR A 161 -52.65 -45.06 1.06
C TYR A 161 -52.19 -46.27 0.26
N GLY A 162 -51.28 -47.04 0.86
CA GLY A 162 -50.74 -48.22 0.21
C GLY A 162 -51.74 -49.00 -0.63
N LYS A 163 -52.96 -49.17 -0.12
CA LYS A 163 -53.97 -49.91 -0.84
C LYS A 163 -54.53 -49.14 -2.02
N LYS A 164 -54.10 -47.89 -2.17
CA LYS A 164 -54.56 -47.06 -3.28
C LYS A 164 -53.48 -47.04 -4.38
N SER A 165 -53.91 -46.91 -5.63
CA SER A 165 -52.99 -46.89 -6.75
C SER A 165 -52.49 -45.45 -7.06
N LYS A 166 -51.47 -45.34 -7.90
CA LYS A 166 -50.91 -44.04 -8.25
C LYS A 166 -50.47 -43.94 -9.71
N LEU A 167 -50.87 -42.86 -10.36
CA LEU A 167 -50.46 -42.58 -11.73
C LEU A 167 -49.63 -41.30 -11.68
N GLU A 168 -48.78 -41.09 -12.69
CA GLU A 168 -47.94 -39.91 -12.70
C GLU A 168 -47.47 -39.62 -14.10
N PHE A 169 -47.82 -38.46 -14.59
CA PHE A 169 -47.43 -38.04 -15.92
C PHE A 169 -46.15 -37.24 -15.75
N SER A 170 -45.05 -37.92 -15.43
CA SER A 170 -43.80 -37.19 -15.23
C SER A 170 -43.15 -36.65 -16.52
N ILE A 171 -43.05 -35.34 -16.62
CA ILE A 171 -42.46 -34.69 -17.79
C ILE A 171 -40.97 -34.96 -17.88
N TYR A 172 -40.56 -35.68 -18.92
CA TYR A 172 -39.15 -36.01 -19.15
C TYR A 172 -38.41 -34.80 -19.74
N PRO A 173 -37.14 -34.57 -19.33
CA PRO A 173 -36.26 -33.48 -19.76
C PRO A 173 -36.11 -33.39 -21.27
N ALA A 174 -35.70 -32.24 -21.76
CA ALA A 174 -35.59 -32.05 -23.21
C ALA A 174 -34.21 -31.86 -23.76
N PRO A 175 -33.76 -32.81 -24.59
CA PRO A 175 -32.45 -32.82 -25.25
C PRO A 175 -32.01 -31.43 -25.63
N GLN A 176 -32.95 -30.50 -25.67
CA GLN A 176 -32.63 -29.12 -25.95
C GLN A 176 -31.95 -28.78 -24.64
N VAL A 177 -31.73 -29.84 -23.87
CA VAL A 177 -31.14 -29.82 -22.53
C VAL A 177 -31.37 -28.53 -21.74
N SER A 178 -32.33 -28.59 -20.82
CA SER A 178 -32.62 -27.46 -20.00
C SER A 178 -31.96 -27.79 -18.68
N THR A 179 -30.81 -27.18 -18.43
CA THR A 179 -30.08 -27.37 -17.19
C THR A 179 -29.15 -28.60 -17.09
N ALA A 180 -28.04 -28.43 -16.39
CA ALA A 180 -27.09 -29.50 -16.16
C ALA A 180 -27.48 -29.87 -14.76
N VAL A 181 -26.85 -30.86 -14.15
CA VAL A 181 -27.29 -31.27 -12.81
C VAL A 181 -28.75 -31.73 -12.95
N VAL A 182 -29.29 -31.49 -14.14
CA VAL A 182 -30.66 -31.84 -14.49
C VAL A 182 -30.68 -33.33 -14.84
N GLU A 183 -29.82 -33.76 -15.78
CA GLU A 183 -29.78 -35.16 -16.17
C GLU A 183 -29.85 -36.02 -14.91
N PRO A 184 -28.85 -35.89 -14.06
CA PRO A 184 -28.74 -36.64 -12.80
C PRO A 184 -29.89 -36.64 -11.80
N TYR A 185 -30.86 -35.74 -11.94
CA TYR A 185 -31.97 -35.76 -10.99
C TYR A 185 -32.78 -37.03 -11.19
N ASN A 186 -33.21 -37.24 -12.43
CA ASN A 186 -33.99 -38.41 -12.78
C ASN A 186 -33.51 -39.62 -11.99
N SER A 187 -32.23 -39.93 -12.09
CA SER A 187 -31.62 -41.08 -11.41
C SER A 187 -31.78 -41.07 -9.88
N ILE A 188 -31.27 -40.04 -9.19
CA ILE A 188 -31.43 -40.00 -7.75
C ILE A 188 -32.91 -39.81 -7.41
N LEU A 189 -33.75 -39.82 -8.45
CA LEU A 189 -35.20 -39.64 -8.31
C LEU A 189 -35.93 -40.99 -8.50
N THR A 190 -35.82 -41.55 -9.70
CA THR A 190 -36.45 -42.82 -9.98
C THR A 190 -36.15 -43.79 -8.83
N THR A 191 -34.86 -44.05 -8.59
CA THR A 191 -34.39 -44.95 -7.55
C THR A 191 -35.33 -45.30 -6.41
N HIS A 192 -36.26 -44.40 -6.11
CA HIS A 192 -37.19 -44.65 -5.02
C HIS A 192 -38.55 -44.11 -5.36
N THR A 193 -38.66 -43.38 -6.46
CA THR A 193 -39.96 -42.88 -6.81
C THR A 193 -40.66 -43.97 -7.66
N THR A 194 -40.39 -45.24 -7.34
CA THR A 194 -40.97 -46.40 -8.03
C THR A 194 -41.58 -47.35 -6.99
N LEU A 195 -41.08 -48.58 -6.94
CA LEU A 195 -41.57 -49.59 -6.00
C LEU A 195 -42.24 -48.96 -4.79
N GLU A 196 -41.54 -47.98 -4.23
CA GLU A 196 -42.00 -47.27 -3.05
C GLU A 196 -43.16 -46.35 -3.44
N HIS A 197 -43.84 -46.71 -4.53
CA HIS A 197 -44.98 -45.98 -5.08
C HIS A 197 -45.12 -46.13 -6.59
N SER A 198 -46.26 -45.67 -7.11
CA SER A 198 -46.55 -45.65 -8.55
C SER A 198 -46.60 -47.00 -9.24
N ASP A 199 -47.77 -47.35 -9.76
CA ASP A 199 -47.94 -48.60 -10.46
C ASP A 199 -47.73 -48.32 -11.95
N CYS A 200 -48.11 -47.11 -12.35
CA CYS A 200 -47.98 -46.67 -13.73
C CYS A 200 -47.38 -45.26 -13.74
N ALA A 201 -46.86 -44.85 -14.90
CA ALA A 201 -46.27 -43.52 -15.05
C ALA A 201 -46.02 -43.22 -16.52
N PHE A 202 -46.62 -42.16 -17.02
CA PHE A 202 -46.48 -41.77 -18.43
C PHE A 202 -45.41 -40.72 -18.81
N MET A 203 -44.25 -41.21 -19.20
CA MET A 203 -43.16 -40.34 -19.58
C MET A 203 -43.51 -39.45 -20.75
N VAL A 204 -43.29 -38.13 -20.61
CA VAL A 204 -43.59 -37.17 -21.68
C VAL A 204 -42.42 -36.82 -22.60
N ASP A 205 -41.28 -36.42 -22.05
CA ASP A 205 -40.11 -36.05 -22.86
C ASP A 205 -40.31 -34.82 -23.74
N ASN A 206 -40.26 -33.64 -23.11
CA ASN A 206 -40.42 -32.37 -23.80
C ASN A 206 -39.79 -32.34 -25.16
N GLU A 207 -38.65 -33.00 -25.32
CA GLU A 207 -37.98 -33.04 -26.61
C GLU A 207 -39.07 -33.25 -27.64
N ALA A 208 -39.84 -34.33 -27.46
CA ALA A 208 -40.94 -34.72 -28.35
C ALA A 208 -41.69 -33.56 -28.97
N ILE A 209 -42.47 -32.90 -28.13
CA ILE A 209 -43.29 -31.76 -28.50
C ILE A 209 -42.55 -30.57 -29.14
N TYR A 210 -41.49 -30.07 -28.50
CA TYR A 210 -40.74 -28.97 -29.08
C TYR A 210 -40.31 -29.38 -30.46
N ASP A 211 -40.73 -30.59 -30.87
CA ASP A 211 -40.44 -31.16 -32.19
C ASP A 211 -41.76 -31.34 -32.94
N ILE A 212 -42.73 -32.01 -32.31
CA ILE A 212 -44.02 -32.25 -32.96
C ILE A 212 -44.86 -30.99 -33.06
N CYS A 213 -44.90 -30.22 -31.96
CA CYS A 213 -45.66 -28.98 -31.94
C CYS A 213 -44.91 -27.94 -32.75
N ARG A 214 -43.96 -28.42 -33.54
CA ARG A 214 -43.16 -27.57 -34.37
C ARG A 214 -43.29 -28.08 -35.78
N ARG A 215 -43.71 -29.34 -35.91
CA ARG A 215 -43.90 -29.98 -37.21
C ARG A 215 -45.37 -30.14 -37.54
N ASN A 216 -46.01 -31.10 -36.89
CA ASN A 216 -47.43 -31.37 -37.10
C ASN A 216 -48.30 -30.18 -36.70
N LEU A 217 -47.71 -29.19 -36.05
CA LEU A 217 -48.46 -28.02 -35.60
C LEU A 217 -47.72 -26.73 -35.91
N ASP A 218 -46.79 -26.80 -36.85
CA ASP A 218 -46.05 -25.62 -37.22
C ASP A 218 -45.48 -25.04 -35.95
N ILE A 219 -45.69 -23.74 -35.72
CA ILE A 219 -45.17 -23.06 -34.53
C ILE A 219 -43.65 -23.02 -34.55
N GLU A 220 -43.09 -21.83 -34.50
CA GLU A 220 -41.64 -21.70 -34.55
C GLU A 220 -40.93 -22.05 -33.23
N ARG A 221 -41.25 -21.30 -32.18
CA ARG A 221 -40.61 -21.41 -30.87
C ARG A 221 -41.58 -21.89 -29.83
N PRO A 222 -42.02 -23.13 -29.96
CA PRO A 222 -42.97 -23.83 -29.06
C PRO A 222 -43.03 -23.41 -27.59
N THR A 223 -43.76 -22.33 -27.27
CA THR A 223 -43.88 -21.83 -25.90
C THR A 223 -44.44 -22.88 -24.91
N TYR A 224 -44.00 -22.85 -23.65
CA TYR A 224 -44.46 -23.82 -22.65
C TYR A 224 -45.94 -24.11 -22.73
N THR A 225 -46.76 -23.06 -22.90
CA THR A 225 -48.21 -23.27 -22.99
C THR A 225 -48.54 -24.08 -24.24
N ASN A 226 -47.84 -23.79 -25.35
CA ASN A 226 -48.03 -24.50 -26.60
C ASN A 226 -47.78 -25.98 -26.26
N LEU A 227 -46.74 -26.20 -25.48
CA LEU A 227 -46.36 -27.52 -25.10
C LEU A 227 -47.26 -27.99 -24.00
N ASN A 228 -47.98 -27.08 -23.37
CA ASN A 228 -48.88 -27.52 -22.29
C ASN A 228 -50.27 -27.83 -22.88
N ARG A 229 -50.66 -27.06 -23.90
CA ARG A 229 -51.95 -27.23 -24.56
C ARG A 229 -51.90 -28.51 -25.39
N LEU A 230 -50.78 -29.23 -25.30
CA LEU A 230 -50.60 -30.45 -26.06
C LEU A 230 -50.26 -31.65 -25.19
N ILE A 231 -49.62 -31.45 -24.02
CA ILE A 231 -49.33 -32.56 -23.11
C ILE A 231 -50.62 -32.63 -22.33
N GLY A 232 -51.37 -31.54 -22.38
CA GLY A 232 -52.64 -31.47 -21.68
C GLY A 232 -53.74 -32.22 -22.41
N GLN A 233 -53.70 -32.21 -23.74
CA GLN A 233 -54.72 -32.90 -24.51
C GLN A 233 -54.56 -34.38 -24.24
N ILE A 234 -53.37 -34.88 -24.53
CA ILE A 234 -53.05 -36.28 -24.35
C ILE A 234 -53.53 -36.81 -23.02
N VAL A 235 -53.28 -36.05 -21.94
CA VAL A 235 -53.69 -36.44 -20.59
C VAL A 235 -55.19 -36.68 -20.52
N SER A 236 -55.94 -35.88 -21.25
CA SER A 236 -57.37 -36.06 -21.24
C SER A 236 -57.56 -37.42 -21.91
N SER A 237 -57.04 -37.55 -23.13
CA SER A 237 -57.15 -38.80 -23.88
C SER A 237 -56.47 -39.95 -23.20
N ILE A 238 -56.59 -39.99 -21.86
CA ILE A 238 -56.07 -41.07 -20.99
C ILE A 238 -56.97 -40.98 -19.79
N THR A 239 -56.46 -40.35 -18.75
CA THR A 239 -57.20 -40.16 -17.53
C THR A 239 -58.63 -39.94 -17.93
N ALA A 240 -58.95 -38.69 -18.25
CA ALA A 240 -60.29 -38.33 -18.65
C ALA A 240 -60.82 -39.37 -19.68
N SER A 241 -60.05 -39.58 -20.75
CA SER A 241 -60.40 -40.52 -21.83
C SER A 241 -60.93 -41.83 -21.30
N LEU A 242 -60.56 -42.15 -20.07
CA LEU A 242 -61.01 -43.39 -19.49
C LEU A 242 -61.32 -43.21 -18.02
N ARG A 243 -62.04 -42.16 -17.68
CA ARG A 243 -62.33 -41.97 -16.27
C ARG A 243 -63.69 -41.40 -15.88
N PHE A 244 -64.62 -41.48 -16.83
CA PHE A 244 -66.02 -41.04 -16.65
C PHE A 244 -67.05 -42.01 -17.30
N ASP A 245 -67.20 -43.20 -16.73
CA ASP A 245 -68.15 -44.21 -17.21
C ASP A 245 -68.47 -43.91 -18.65
N GLY A 246 -69.75 -43.59 -18.92
CA GLY A 246 -70.25 -43.30 -20.26
C GLY A 246 -70.77 -44.53 -21.02
N ALA A 247 -69.85 -45.15 -21.75
CA ALA A 247 -70.12 -46.36 -22.51
C ALA A 247 -69.05 -47.40 -22.13
N LEU A 248 -68.21 -47.76 -23.11
CA LEU A 248 -67.13 -48.71 -22.86
C LEU A 248 -66.30 -48.02 -21.77
N ASN A 249 -65.91 -48.76 -20.76
CA ASN A 249 -65.20 -48.07 -19.71
C ASN A 249 -63.88 -48.65 -19.20
N VAL A 250 -63.51 -48.28 -17.95
CA VAL A 250 -62.26 -48.68 -17.27
C VAL A 250 -62.24 -48.26 -15.77
N ASP A 251 -61.37 -48.90 -15.00
CA ASP A 251 -61.19 -48.58 -13.56
C ASP A 251 -59.68 -48.39 -13.31
N LEU A 252 -59.32 -47.44 -12.46
CA LEU A 252 -57.91 -47.18 -12.19
C LEU A 252 -57.21 -48.45 -11.80
N THR A 253 -57.90 -49.25 -11.00
CA THR A 253 -57.34 -50.52 -10.59
C THR A 253 -56.95 -51.28 -11.85
N GLU A 254 -57.87 -51.29 -12.81
CA GLU A 254 -57.68 -51.99 -14.07
C GLU A 254 -57.01 -51.14 -15.12
N PHE A 255 -55.96 -50.44 -14.72
CA PHE A 255 -55.23 -49.57 -15.64
C PHE A 255 -53.89 -50.23 -15.91
N GLN A 256 -53.39 -50.93 -14.89
CA GLN A 256 -52.11 -51.65 -14.99
C GLN A 256 -52.31 -53.06 -15.56
N THR A 257 -53.32 -53.75 -15.03
CA THR A 257 -53.70 -55.10 -15.45
C THR A 257 -53.54 -55.17 -16.94
N ASN A 258 -53.67 -54.01 -17.55
CA ASN A 258 -53.53 -53.84 -18.97
C ASN A 258 -52.69 -52.56 -19.12
N LEU A 259 -51.40 -52.75 -19.37
CA LEU A 259 -50.44 -51.67 -19.53
C LEU A 259 -49.27 -51.90 -18.62
N VAL A 260 -49.47 -52.75 -17.62
CA VAL A 260 -48.41 -52.94 -16.67
C VAL A 260 -47.99 -54.36 -16.41
N PRO A 261 -47.01 -54.84 -17.20
CA PRO A 261 -46.44 -56.20 -17.13
C PRO A 261 -46.02 -56.63 -15.72
N TYR A 262 -44.89 -56.14 -15.26
CA TYR A 262 -44.39 -56.51 -13.94
C TYR A 262 -44.35 -55.37 -12.93
N PRO A 263 -44.35 -55.70 -11.62
CA PRO A 263 -44.32 -54.64 -10.61
C PRO A 263 -43.26 -53.61 -10.95
N ARG A 264 -42.25 -53.99 -11.75
CA ARG A 264 -41.19 -53.06 -12.12
C ARG A 264 -41.75 -51.91 -12.94
N ALA A 265 -42.71 -51.22 -12.29
CA ALA A 265 -43.46 -50.06 -12.76
C ALA A 265 -43.50 -49.62 -14.19
N HIS A 266 -43.02 -50.47 -15.10
CA HIS A 266 -42.97 -50.19 -16.53
C HIS A 266 -43.73 -48.95 -16.97
N PHE A 267 -43.04 -48.17 -17.78
CA PHE A 267 -43.51 -46.87 -18.24
C PHE A 267 -44.17 -46.97 -19.58
N PRO A 268 -45.52 -47.03 -19.60
CA PRO A 268 -46.20 -47.13 -20.90
C PRO A 268 -45.97 -45.92 -21.80
N LEU A 269 -45.75 -46.16 -23.08
CA LEU A 269 -45.50 -45.08 -24.01
C LEU A 269 -46.81 -44.59 -24.62
N ALA A 270 -46.97 -43.26 -24.73
CA ALA A 270 -48.19 -42.61 -25.27
C ALA A 270 -48.08 -42.10 -26.72
N THR A 271 -49.20 -42.05 -27.42
CA THR A 271 -49.19 -41.59 -28.81
C THR A 271 -50.55 -41.12 -29.33
N TYR A 272 -50.66 -39.82 -29.58
CA TYR A 272 -51.88 -39.14 -30.05
C TYR A 272 -51.76 -39.01 -31.57
N ALA A 273 -52.85 -39.22 -32.31
CA ALA A 273 -52.74 -39.17 -33.77
C ALA A 273 -53.38 -38.06 -34.61
N PRO A 274 -54.61 -37.64 -34.31
CA PRO A 274 -55.14 -36.57 -35.18
C PRO A 274 -54.81 -35.17 -34.70
N VAL A 275 -53.67 -34.66 -35.13
CA VAL A 275 -53.21 -33.33 -34.70
C VAL A 275 -53.13 -32.39 -35.91
N ILE A 276 -54.05 -31.43 -35.92
CA ILE A 276 -54.10 -30.45 -37.01
C ILE A 276 -54.44 -29.06 -36.48
N SER A 277 -53.53 -28.12 -36.79
CA SER A 277 -53.58 -26.72 -36.38
C SER A 277 -54.89 -25.94 -36.59
N ALA A 278 -55.06 -25.45 -37.81
CA ALA A 278 -56.25 -24.68 -38.17
C ALA A 278 -55.89 -23.97 -39.50
N GLU A 279 -54.62 -23.59 -39.59
CA GLU A 279 -54.05 -22.90 -40.73
C GLU A 279 -53.75 -23.86 -41.88
N LYS A 280 -53.83 -25.16 -41.59
CA LYS A 280 -53.58 -26.22 -42.59
C LYS A 280 -54.83 -27.11 -42.70
N ALA A 281 -54.93 -27.87 -43.79
CA ALA A 281 -56.11 -28.71 -44.05
C ALA A 281 -56.15 -30.07 -43.35
N TYR A 282 -57.17 -30.16 -42.49
CA TYR A 282 -57.54 -31.29 -41.62
C TYR A 282 -57.99 -32.41 -42.54
N HIS A 283 -58.26 -32.01 -43.79
CA HIS A 283 -58.70 -32.87 -44.89
C HIS A 283 -60.16 -33.25 -44.72
N GLU A 284 -60.92 -32.33 -44.10
CA GLU A 284 -62.32 -32.59 -43.82
C GLU A 284 -62.39 -33.60 -42.69
N GLN A 285 -61.61 -34.65 -42.84
CA GLN A 285 -61.54 -35.71 -41.85
C GLN A 285 -60.49 -36.74 -42.27
N LEU A 286 -60.19 -37.64 -41.33
CA LEU A 286 -59.26 -38.73 -41.57
C LEU A 286 -60.05 -39.99 -41.28
N SER A 287 -60.08 -40.91 -42.22
CA SER A 287 -60.82 -42.13 -41.99
C SER A 287 -60.48 -42.57 -40.58
N VAL A 288 -61.42 -43.27 -39.94
CA VAL A 288 -61.20 -43.75 -38.58
C VAL A 288 -59.98 -44.67 -38.57
N ALA A 289 -59.35 -44.75 -39.73
CA ALA A 289 -58.17 -45.56 -39.90
C ALA A 289 -57.08 -44.70 -40.53
N GLU A 290 -57.44 -43.56 -41.11
CA GLU A 290 -56.48 -42.63 -41.72
C GLU A 290 -55.61 -42.09 -40.59
N ILE A 291 -56.17 -42.19 -39.39
CA ILE A 291 -55.59 -41.75 -38.12
C ILE A 291 -54.75 -42.81 -37.44
N THR A 292 -55.38 -43.95 -37.17
CA THR A 292 -54.76 -45.08 -36.48
C THR A 292 -53.66 -45.78 -37.26
N ASN A 293 -52.70 -44.98 -37.70
CA ASN A 293 -51.52 -45.40 -38.44
C ASN A 293 -50.50 -44.29 -38.16
N ALA A 294 -50.97 -43.04 -38.20
CA ALA A 294 -50.12 -41.91 -37.86
C ALA A 294 -50.03 -42.21 -36.38
N CYS A 295 -51.14 -42.66 -35.81
CA CYS A 295 -51.16 -43.08 -34.43
C CYS A 295 -50.03 -44.12 -34.25
N PHE A 296 -49.51 -44.63 -35.36
CA PHE A 296 -48.44 -45.59 -35.29
C PHE A 296 -47.22 -45.02 -35.99
N GLU A 297 -47.25 -43.72 -36.24
CA GLU A 297 -46.13 -43.06 -36.87
C GLU A 297 -45.21 -42.59 -35.73
N PRO A 298 -43.89 -42.76 -35.90
CA PRO A 298 -43.03 -42.31 -34.81
C PRO A 298 -43.34 -40.92 -34.28
N ALA A 299 -43.05 -39.91 -35.08
CA ALA A 299 -43.26 -38.52 -34.68
C ALA A 299 -44.56 -38.15 -34.00
N ASN A 300 -45.47 -39.09 -33.82
CA ASN A 300 -46.71 -38.75 -33.13
C ASN A 300 -46.79 -39.35 -31.70
N GLN A 301 -45.64 -39.75 -31.17
CA GLN A 301 -45.57 -40.33 -29.83
C GLN A 301 -45.17 -39.28 -28.82
N MET A 302 -44.98 -39.73 -27.59
CA MET A 302 -44.53 -38.90 -26.49
C MET A 302 -43.01 -39.11 -26.36
N VAL A 303 -42.58 -40.08 -25.55
CA VAL A 303 -41.17 -40.37 -25.39
C VAL A 303 -40.53 -40.58 -26.73
N LYS A 304 -39.55 -39.76 -27.11
CA LYS A 304 -38.89 -39.93 -28.41
C LYS A 304 -38.07 -41.25 -28.46
N CYS A 305 -38.81 -42.34 -28.51
CA CYS A 305 -38.28 -43.70 -28.51
C CYS A 305 -37.98 -44.26 -29.89
N ASP A 306 -38.36 -45.53 -30.06
CA ASP A 306 -38.19 -46.30 -31.31
C ASP A 306 -38.48 -47.79 -31.07
N PRO A 307 -39.77 -48.14 -30.84
CA PRO A 307 -40.25 -49.49 -30.60
C PRO A 307 -39.98 -50.36 -31.82
N ARG A 308 -39.08 -49.87 -32.66
CA ARG A 308 -38.67 -50.56 -33.87
C ARG A 308 -37.76 -51.70 -33.47
N HIS A 309 -37.35 -51.71 -32.20
CA HIS A 309 -36.49 -52.76 -31.68
C HIS A 309 -37.02 -53.19 -30.33
N GLY A 310 -38.19 -53.82 -30.30
CA GLY A 310 -38.73 -54.21 -29.01
C GLY A 310 -40.11 -54.82 -29.05
N LYS A 311 -40.25 -55.92 -28.33
CA LYS A 311 -41.50 -56.68 -28.25
C LYS A 311 -42.51 -56.13 -27.27
N TYR A 312 -43.54 -55.47 -27.79
CA TYR A 312 -44.59 -54.90 -26.96
C TYR A 312 -45.02 -55.94 -25.93
N MET A 313 -45.34 -55.51 -24.73
CA MET A 313 -45.79 -56.42 -23.71
C MET A 313 -47.28 -56.18 -23.50
N ALA A 314 -47.80 -55.22 -24.26
CA ALA A 314 -49.23 -54.81 -24.26
C ALA A 314 -49.68 -54.21 -25.60
N CYS A 315 -50.08 -52.94 -25.56
CA CYS A 315 -50.57 -52.19 -26.71
C CYS A 315 -52.11 -52.26 -26.67
N CYS A 316 -52.75 -51.11 -26.53
CA CYS A 316 -54.22 -51.01 -26.46
C CYS A 316 -54.69 -49.62 -26.91
N LEU A 317 -55.40 -49.56 -28.03
CA LEU A 317 -55.87 -48.28 -28.58
C LEU A 317 -56.96 -47.62 -27.77
N LEU A 318 -57.08 -46.31 -27.96
CA LEU A 318 -58.10 -45.51 -27.29
C LEU A 318 -58.64 -44.54 -28.37
N TYR A 319 -59.77 -44.87 -29.00
CA TYR A 319 -60.37 -44.00 -30.01
C TYR A 319 -61.31 -43.17 -29.17
N ARG A 320 -61.61 -41.96 -29.65
CA ARG A 320 -62.49 -41.07 -28.92
C ARG A 320 -63.42 -40.35 -29.87
N GLY A 321 -64.60 -40.02 -29.37
CA GLY A 321 -65.54 -39.32 -30.20
C GLY A 321 -66.19 -40.27 -31.14
N ASP A 322 -67.30 -40.83 -30.69
CA ASP A 322 -68.11 -41.77 -31.46
C ASP A 322 -67.53 -42.52 -32.67
N VAL A 323 -67.29 -43.81 -32.46
CA VAL A 323 -66.78 -44.68 -33.50
C VAL A 323 -67.37 -46.09 -33.36
N VAL A 324 -67.65 -46.73 -34.49
CA VAL A 324 -68.24 -48.07 -34.51
C VAL A 324 -67.15 -49.08 -34.76
N PRO A 325 -66.92 -49.96 -33.78
CA PRO A 325 -65.89 -51.01 -33.84
C PRO A 325 -65.65 -51.65 -35.21
N LYS A 326 -66.71 -52.06 -35.88
CA LYS A 326 -66.61 -52.70 -37.19
C LYS A 326 -65.65 -52.02 -38.16
N ASP A 327 -65.31 -50.77 -37.88
CA ASP A 327 -64.40 -50.04 -38.76
C ASP A 327 -63.00 -49.95 -38.16
N VAL A 328 -62.92 -50.04 -36.84
CA VAL A 328 -61.65 -49.94 -36.18
C VAL A 328 -60.69 -51.03 -36.63
N ASN A 329 -61.01 -52.28 -36.29
CA ASN A 329 -60.15 -53.42 -36.64
C ASN A 329 -59.68 -53.40 -38.09
N ALA A 330 -60.37 -52.61 -38.90
CA ALA A 330 -60.03 -52.48 -40.31
C ALA A 330 -58.57 -52.07 -40.50
N ALA A 331 -58.01 -51.38 -39.51
CA ALA A 331 -56.62 -50.96 -39.54
C ALA A 331 -55.83 -51.83 -38.58
N ILE A 332 -56.44 -52.16 -37.44
CA ILE A 332 -55.80 -53.05 -36.46
C ILE A 332 -55.40 -54.29 -37.30
N ALA A 333 -56.05 -54.39 -38.45
CA ALA A 333 -55.84 -55.47 -39.39
C ALA A 333 -54.69 -55.07 -40.29
N THR A 334 -55.02 -54.20 -41.22
CA THR A 334 -54.05 -53.69 -42.16
C THR A 334 -52.66 -53.70 -41.52
N ILE A 335 -52.59 -53.13 -40.33
CA ILE A 335 -51.31 -53.10 -39.64
C ILE A 335 -50.81 -54.55 -39.50
N LYS A 336 -51.58 -55.36 -38.78
CA LYS A 336 -51.27 -56.75 -38.51
C LYS A 336 -50.60 -57.36 -39.73
N THR A 337 -51.09 -57.00 -40.91
CA THR A 337 -50.58 -57.52 -42.18
C THR A 337 -49.11 -57.16 -42.43
N LYS A 338 -48.57 -56.23 -41.62
CA LYS A 338 -47.18 -55.81 -41.71
C LYS A 338 -46.29 -56.67 -40.77
N ARG A 339 -45.32 -57.35 -41.36
CA ARG A 339 -44.39 -58.24 -40.64
C ARG A 339 -43.71 -57.59 -39.42
N THR A 340 -43.66 -56.26 -39.43
CA THR A 340 -43.05 -55.50 -38.35
C THR A 340 -43.81 -55.65 -37.04
N ILE A 341 -43.82 -54.59 -36.23
CA ILE A 341 -44.49 -54.62 -34.94
C ILE A 341 -43.92 -55.76 -34.10
N GLN A 342 -44.62 -56.89 -34.06
CA GLN A 342 -44.14 -58.05 -33.30
C GLN A 342 -44.22 -57.82 -31.79
N PHE A 343 -44.73 -58.81 -31.08
CA PHE A 343 -44.84 -58.73 -29.64
C PHE A 343 -43.79 -59.61 -29.03
N VAL A 344 -44.03 -60.03 -27.80
CA VAL A 344 -43.11 -60.90 -27.09
C VAL A 344 -43.63 -62.32 -27.23
N ASP A 345 -44.03 -62.89 -26.09
CA ASP A 345 -44.54 -64.24 -26.04
C ASP A 345 -45.66 -64.29 -25.02
N TRP A 346 -45.24 -64.32 -23.76
CA TRP A 346 -46.14 -64.42 -22.61
C TRP A 346 -47.35 -63.48 -22.61
N CYS A 347 -47.70 -62.98 -23.79
CA CYS A 347 -48.83 -62.06 -23.93
C CYS A 347 -49.57 -62.22 -25.29
N PRO A 348 -50.92 -62.46 -25.24
CA PRO A 348 -51.72 -62.61 -26.47
C PRO A 348 -51.59 -61.43 -27.42
N THR A 349 -50.55 -61.50 -28.25
CA THR A 349 -50.20 -60.45 -29.22
C THR A 349 -51.37 -59.79 -29.90
N GLY A 350 -52.18 -59.12 -29.08
CA GLY A 350 -53.36 -58.41 -29.52
C GLY A 350 -53.49 -56.95 -29.08
N PHE A 351 -54.69 -56.56 -28.66
CA PHE A 351 -54.96 -55.20 -28.26
C PHE A 351 -55.84 -55.15 -27.02
N LYS A 352 -56.71 -54.13 -26.96
CA LYS A 352 -57.63 -53.90 -25.84
C LYS A 352 -58.45 -52.69 -26.17
N VAL A 353 -58.39 -52.30 -27.44
CA VAL A 353 -59.08 -51.14 -28.01
C VAL A 353 -60.35 -50.61 -27.30
N GLY A 354 -60.33 -49.33 -26.93
CA GLY A 354 -61.48 -48.77 -26.28
C GLY A 354 -61.96 -47.61 -27.10
N ILE A 355 -63.27 -47.51 -27.31
CA ILE A 355 -63.89 -46.42 -28.07
C ILE A 355 -64.76 -45.49 -27.22
N ASN A 356 -64.60 -44.19 -27.45
CA ASN A 356 -65.34 -43.14 -26.74
C ASN A 356 -66.19 -42.39 -27.77
N TYR A 357 -67.46 -42.20 -27.46
CA TYR A 357 -68.32 -41.48 -28.37
C TYR A 357 -68.10 -40.01 -28.14
N GLU A 358 -67.89 -39.64 -26.89
CA GLU A 358 -67.65 -38.24 -26.53
C GLU A 358 -66.70 -37.57 -27.52
N PRO A 359 -67.08 -36.42 -28.08
CA PRO A 359 -66.20 -35.77 -29.04
C PRO A 359 -64.96 -35.16 -28.41
N PRO A 360 -63.87 -35.06 -29.19
CA PRO A 360 -62.58 -34.50 -28.77
C PRO A 360 -62.68 -33.01 -28.54
N THR A 361 -62.54 -32.61 -27.27
CA THR A 361 -62.63 -31.23 -26.83
C THR A 361 -61.39 -30.39 -27.15
N VAL A 362 -61.58 -29.32 -27.92
CA VAL A 362 -60.49 -28.43 -28.30
C VAL A 362 -60.80 -27.08 -27.72
N VAL A 363 -59.76 -26.27 -27.49
CA VAL A 363 -59.93 -24.93 -26.93
C VAL A 363 -59.58 -23.85 -27.90
N PRO A 364 -60.00 -22.62 -27.61
CA PRO A 364 -59.79 -21.41 -28.41
C PRO A 364 -58.35 -21.05 -28.80
N GLY A 365 -57.93 -21.53 -29.97
CA GLY A 365 -56.58 -21.31 -30.48
C GLY A 365 -55.56 -22.17 -29.74
N GLY A 366 -55.90 -22.50 -28.49
CA GLY A 366 -55.04 -23.30 -27.62
C GLY A 366 -54.78 -24.74 -27.99
N ASP A 367 -55.84 -25.46 -28.41
CA ASP A 367 -55.72 -26.87 -28.81
C ASP A 367 -55.57 -26.96 -30.33
N LEU A 368 -56.11 -25.96 -31.00
CA LEU A 368 -56.03 -25.87 -32.43
C LEU A 368 -56.82 -26.92 -33.25
N ALA A 369 -57.99 -26.49 -33.70
CA ALA A 369 -58.87 -27.32 -34.52
C ALA A 369 -59.49 -28.45 -33.74
N LYS A 370 -60.79 -28.68 -33.95
CA LYS A 370 -61.47 -29.79 -33.30
C LYS A 370 -61.45 -30.99 -34.26
N VAL A 371 -61.25 -32.19 -33.74
CA VAL A 371 -61.19 -33.34 -34.61
C VAL A 371 -62.58 -33.96 -34.63
N GLN A 372 -62.73 -34.94 -35.52
CA GLN A 372 -63.97 -35.69 -35.65
C GLN A 372 -63.71 -36.97 -34.88
N ARG A 373 -62.48 -37.46 -35.01
CA ARG A 373 -62.08 -38.67 -34.33
C ARG A 373 -60.74 -38.54 -33.64
N ALA A 374 -60.78 -38.75 -32.34
CA ALA A 374 -59.60 -38.68 -31.50
C ALA A 374 -59.05 -40.09 -31.35
N VAL A 375 -57.73 -40.23 -31.42
CA VAL A 375 -57.10 -41.54 -31.27
C VAL A 375 -55.75 -41.45 -30.55
N CYS A 376 -55.66 -42.17 -29.43
CA CYS A 376 -54.45 -42.18 -28.61
C CYS A 376 -54.31 -43.52 -27.89
N MET A 377 -53.37 -44.34 -28.33
CA MET A 377 -53.16 -45.66 -27.74
C MET A 377 -52.09 -45.69 -26.65
N LEU A 378 -51.85 -46.87 -26.07
CA LEU A 378 -50.88 -47.02 -24.99
C LEU A 378 -50.18 -48.34 -25.03
N SER A 379 -48.90 -48.35 -25.40
CA SER A 379 -48.14 -49.60 -25.45
C SER A 379 -46.81 -49.45 -24.72
N ASN A 380 -46.37 -50.50 -24.05
CA ASN A 380 -45.09 -50.41 -23.34
C ASN A 380 -44.06 -51.27 -24.05
N THR A 381 -43.51 -50.73 -25.13
CA THR A 381 -42.53 -51.45 -25.90
C THR A 381 -41.23 -51.50 -25.16
N THR A 382 -40.52 -52.62 -25.24
CA THR A 382 -39.24 -52.73 -24.56
C THR A 382 -38.19 -51.88 -25.25
N ALA A 383 -38.63 -50.85 -25.96
CA ALA A 383 -37.71 -49.97 -26.67
C ALA A 383 -37.60 -48.60 -26.02
N ILE A 384 -38.54 -48.28 -25.13
CA ILE A 384 -38.49 -46.99 -24.46
C ILE A 384 -37.18 -47.01 -23.65
N ALA A 385 -36.81 -48.22 -23.23
CA ALA A 385 -35.60 -48.43 -22.47
C ALA A 385 -34.47 -47.65 -23.13
N GLU A 386 -34.53 -47.52 -24.44
CA GLU A 386 -33.50 -46.80 -25.15
C GLU A 386 -33.45 -45.31 -24.80
N ALA A 387 -34.44 -44.55 -25.23
CA ALA A 387 -34.44 -43.13 -24.94
C ALA A 387 -34.60 -42.96 -23.44
N TRP A 388 -34.54 -44.06 -22.72
CA TRP A 388 -34.69 -44.00 -21.28
C TRP A 388 -33.44 -44.35 -20.49
N ALA A 389 -32.37 -44.72 -21.18
CA ALA A 389 -31.10 -45.04 -20.51
C ALA A 389 -30.03 -44.13 -21.06
N ARG A 390 -30.35 -43.42 -22.13
CA ARG A 390 -29.43 -42.46 -22.74
C ARG A 390 -29.37 -41.34 -21.71
N LEU A 391 -30.44 -41.23 -20.94
CA LEU A 391 -30.54 -40.26 -19.87
C LEU A 391 -29.69 -40.81 -18.71
N ASP A 392 -29.15 -42.02 -18.87
CA ASP A 392 -28.33 -42.60 -17.85
C ASP A 392 -26.91 -42.33 -18.30
N HIS A 393 -26.71 -41.98 -19.58
CA HIS A 393 -25.38 -41.66 -20.13
C HIS A 393 -24.93 -40.24 -19.74
N LYS A 394 -25.82 -39.29 -19.89
CA LYS A 394 -25.51 -37.93 -19.52
C LYS A 394 -25.60 -37.93 -18.03
N PHE A 395 -24.99 -38.94 -17.41
CA PHE A 395 -24.97 -39.13 -15.95
C PHE A 395 -23.79 -40.02 -15.56
N ASP A 396 -23.78 -41.23 -16.12
CA ASP A 396 -22.68 -42.14 -15.88
C ASP A 396 -21.48 -41.38 -16.44
N LEU A 397 -21.76 -40.32 -17.22
CA LEU A 397 -20.75 -39.48 -17.84
C LEU A 397 -20.00 -38.64 -16.83
N MET A 398 -20.67 -37.59 -16.34
CA MET A 398 -20.09 -36.70 -15.35
C MET A 398 -20.17 -37.33 -13.96
N TYR A 399 -21.40 -37.51 -13.48
CA TYR A 399 -21.67 -38.08 -12.18
C TYR A 399 -20.97 -39.40 -11.78
N ALA A 400 -19.89 -39.70 -12.48
CA ALA A 400 -19.09 -40.89 -12.22
C ALA A 400 -17.64 -40.45 -12.33
N LYS A 401 -17.44 -39.31 -12.96
CA LYS A 401 -16.11 -38.81 -13.12
C LYS A 401 -15.81 -37.52 -12.42
N ARG A 402 -16.65 -37.14 -11.44
CA ARG A 402 -16.47 -35.91 -10.64
C ARG A 402 -17.81 -35.24 -10.39
N ALA A 403 -18.31 -34.57 -11.45
CA ALA A 403 -19.59 -33.84 -11.54
C ALA A 403 -20.03 -32.94 -10.39
N PHE A 404 -21.16 -32.26 -10.60
CA PHE A 404 -21.74 -31.33 -9.62
C PHE A 404 -22.21 -32.05 -8.39
N VAL A 405 -21.58 -33.16 -8.00
CA VAL A 405 -22.03 -33.93 -6.85
C VAL A 405 -22.00 -33.24 -5.48
N HIS A 406 -21.16 -32.22 -5.34
CA HIS A 406 -21.05 -31.54 -4.04
C HIS A 406 -22.19 -30.63 -3.63
N TRP A 407 -23.15 -30.37 -4.51
CA TRP A 407 -24.27 -29.53 -4.11
C TRP A 407 -25.30 -30.45 -3.47
N TYR A 408 -25.44 -31.65 -4.02
CA TYR A 408 -26.38 -32.60 -3.47
C TYR A 408 -25.79 -33.10 -2.16
N VAL A 409 -24.94 -32.28 -1.57
CA VAL A 409 -24.29 -32.62 -0.31
C VAL A 409 -24.33 -31.40 0.59
N GLY A 410 -23.69 -30.33 0.12
CA GLY A 410 -23.62 -29.08 0.86
C GLY A 410 -24.99 -28.45 0.99
N GLU A 411 -26.02 -29.26 0.77
CA GLU A 411 -27.39 -28.82 0.89
C GLU A 411 -28.22 -30.02 1.28
N GLY A 412 -27.55 -31.02 1.85
CA GLY A 412 -28.26 -32.23 2.26
C GLY A 412 -27.32 -33.42 2.22
N MET A 413 -27.81 -34.59 2.59
CA MET A 413 -26.98 -35.81 2.63
C MET A 413 -26.84 -36.51 1.29
N GLU A 414 -25.97 -37.53 1.24
CA GLU A 414 -25.70 -38.25 -0.02
C GLU A 414 -24.39 -39.08 -0.06
N GLU A 415 -23.56 -38.78 -1.08
CA GLU A 415 -22.26 -39.39 -1.36
C GLU A 415 -22.49 -40.84 -1.67
N GLY A 416 -23.52 -41.08 -2.47
CA GLY A 416 -23.91 -42.44 -2.81
C GLY A 416 -25.42 -42.34 -2.81
N GLU A 417 -25.86 -41.08 -2.81
CA GLU A 417 -27.28 -40.70 -2.89
C GLU A 417 -27.47 -41.15 -4.31
N PHE A 418 -26.34 -41.20 -4.99
CA PHE A 418 -26.19 -41.60 -6.35
C PHE A 418 -25.59 -43.03 -6.26
N SER A 419 -25.12 -43.58 -7.37
CA SER A 419 -24.55 -44.93 -7.35
C SER A 419 -25.55 -45.85 -6.72
N GLU A 420 -25.61 -45.84 -5.39
CA GLU A 420 -26.57 -46.67 -4.66
C GLU A 420 -27.90 -46.65 -5.40
N ALA A 421 -28.24 -45.47 -5.92
CA ALA A 421 -29.48 -45.25 -6.65
C ALA A 421 -29.17 -45.09 -8.15
N ARG A 422 -28.44 -46.04 -8.70
CA ARG A 422 -28.10 -45.99 -10.11
C ARG A 422 -28.22 -47.43 -10.60
N GLU A 423 -28.12 -48.36 -9.66
CA GLU A 423 -28.20 -49.79 -9.97
C GLU A 423 -29.64 -50.19 -10.32
N ASP A 424 -30.59 -49.92 -9.43
CA ASP A 424 -31.98 -50.27 -9.69
C ASP A 424 -32.44 -49.50 -10.89
N MET A 425 -31.95 -48.28 -11.03
CA MET A 425 -32.31 -47.45 -12.18
C MET A 425 -31.44 -47.87 -13.34
N ALA A 426 -30.70 -48.95 -13.12
CA ALA A 426 -29.83 -49.50 -14.15
C ALA A 426 -30.45 -50.86 -14.42
N ALA A 427 -30.81 -51.53 -13.33
CA ALA A 427 -31.43 -52.83 -13.39
C ALA A 427 -32.69 -52.71 -14.24
N LEU A 428 -33.05 -51.48 -14.60
CA LEU A 428 -34.23 -51.25 -15.43
C LEU A 428 -33.96 -51.71 -16.84
N GLU A 429 -32.97 -51.14 -17.48
CA GLU A 429 -32.70 -51.60 -18.82
C GLU A 429 -32.24 -53.05 -18.66
N LYS A 430 -32.05 -53.47 -17.41
CA LYS A 430 -31.65 -54.84 -17.14
C LYS A 430 -32.95 -55.63 -17.33
N ASP A 431 -33.97 -55.29 -16.56
CA ASP A 431 -35.29 -55.94 -16.61
C ASP A 431 -35.88 -55.89 -18.01
N TYR A 432 -35.75 -54.72 -18.62
CA TYR A 432 -36.27 -54.51 -19.96
C TYR A 432 -35.68 -55.42 -21.01
N GLU A 433 -34.87 -56.37 -20.58
CA GLU A 433 -34.28 -57.34 -21.49
C GLU A 433 -34.60 -58.72 -20.98
N GLU A 434 -35.04 -58.77 -19.73
CA GLU A 434 -35.43 -60.03 -19.13
C GLU A 434 -36.84 -60.28 -19.65
N VAL A 435 -37.19 -59.54 -20.70
CA VAL A 435 -38.47 -59.63 -21.36
C VAL A 435 -38.25 -59.26 -22.83
N GLY A 436 -37.05 -59.54 -23.35
CA GLY A 436 -36.78 -59.18 -24.73
C GLY A 436 -35.65 -59.88 -25.43
N VAL A 437 -34.73 -60.46 -24.67
CA VAL A 437 -33.59 -61.15 -25.27
C VAL A 437 -33.90 -62.61 -25.59
N ASP A 438 -34.85 -63.18 -24.85
CA ASP A 438 -35.19 -64.59 -25.07
C ASP A 438 -36.66 -64.99 -25.10
N SER A 439 -36.85 -66.24 -25.50
CA SER A 439 -38.16 -66.86 -25.65
C SER A 439 -38.90 -67.21 -24.35
N VAL A 440 -38.55 -66.53 -23.26
CA VAL A 440 -39.21 -66.80 -22.00
C VAL A 440 -40.30 -65.74 -21.78
N MET B 1 -38.60 -11.62 -4.75
CA MET B 1 -37.96 -12.53 -3.75
C MET B 1 -36.45 -12.51 -3.82
N ARG B 2 -35.89 -12.44 -5.03
CA ARG B 2 -34.45 -12.37 -5.15
C ARG B 2 -33.97 -11.07 -4.48
N GLU B 3 -34.33 -10.90 -3.22
CA GLU B 3 -33.93 -9.73 -2.46
C GLU B 3 -32.39 -9.73 -2.46
N ILE B 4 -31.78 -8.93 -3.35
CA ILE B 4 -30.32 -8.85 -3.38
C ILE B 4 -29.79 -7.70 -2.57
N VAL B 5 -28.89 -8.00 -1.63
CA VAL B 5 -28.31 -6.97 -0.75
C VAL B 5 -26.98 -6.51 -1.32
N HIS B 6 -27.04 -5.65 -2.32
CA HIS B 6 -25.84 -5.15 -3.00
C HIS B 6 -24.81 -4.47 -2.10
N ILE B 7 -23.58 -4.97 -2.13
CA ILE B 7 -22.49 -4.39 -1.36
C ILE B 7 -21.53 -3.73 -2.33
N GLN B 8 -20.96 -2.61 -1.89
CA GLN B 8 -20.02 -1.82 -2.68
C GLN B 8 -19.01 -1.20 -1.71
N ALA B 9 -17.79 -1.72 -1.68
CA ALA B 9 -16.77 -1.19 -0.76
C ALA B 9 -15.46 -0.83 -1.41
N GLY B 10 -14.69 0.01 -0.74
CA GLY B 10 -13.40 0.44 -1.27
C GLY B 10 -13.47 1.61 -2.22
N GLN B 11 -12.54 2.54 -2.10
CA GLN B 11 -12.53 3.72 -2.96
C GLN B 11 -12.62 3.39 -4.42
N CYS B 12 -11.53 2.83 -4.92
CA CYS B 12 -11.45 2.48 -6.32
C CYS B 12 -12.32 1.24 -6.67
N GLY B 13 -13.41 1.11 -5.93
CA GLY B 13 -14.38 0.04 -6.11
C GLY B 13 -15.75 0.69 -6.18
N ASN B 14 -16.01 1.66 -5.33
CA ASN B 14 -17.28 2.38 -5.30
C ASN B 14 -17.41 3.08 -6.64
N GLN B 15 -16.31 3.66 -7.08
CA GLN B 15 -16.27 4.40 -8.32
C GLN B 15 -16.90 3.63 -9.47
N ILE B 16 -16.63 2.33 -9.53
CA ILE B 16 -17.17 1.45 -10.57
C ILE B 16 -18.57 1.02 -10.15
N GLY B 17 -18.66 0.40 -8.98
CA GLY B 17 -19.94 -0.04 -8.47
C GLY B 17 -20.95 1.09 -8.42
N ALA B 18 -20.48 2.32 -8.49
CA ALA B 18 -21.38 3.46 -8.48
C ALA B 18 -22.04 3.57 -9.84
N LYS B 19 -21.26 4.02 -10.81
CA LYS B 19 -21.74 4.23 -12.17
C LYS B 19 -22.36 2.99 -12.78
N PHE B 20 -22.58 2.01 -11.92
CA PHE B 20 -23.22 0.76 -12.28
C PHE B 20 -24.69 1.12 -12.11
N TRP B 21 -24.99 1.76 -10.98
CA TRP B 21 -26.35 2.18 -10.66
C TRP B 21 -26.67 3.34 -11.58
N GLU B 22 -25.70 3.69 -12.40
CA GLU B 22 -25.94 4.73 -13.35
C GLU B 22 -26.45 3.91 -14.52
N VAL B 23 -25.84 2.73 -14.69
CA VAL B 23 -26.24 1.84 -15.79
C VAL B 23 -27.62 1.23 -15.51
N ILE B 24 -27.93 0.98 -14.24
CA ILE B 24 -29.24 0.46 -13.94
C ILE B 24 -30.17 1.68 -14.09
N SER B 25 -30.64 1.87 -15.33
CA SER B 25 -31.53 2.98 -15.68
C SER B 25 -33.02 2.57 -15.73
N ASP B 26 -33.75 3.13 -14.77
CA ASP B 26 -35.19 2.94 -14.56
C ASP B 26 -35.55 3.95 -13.45
N GLU B 27 -34.58 4.78 -13.09
CA GLU B 27 -34.67 5.82 -12.07
C GLU B 27 -35.55 5.52 -10.85
N HIS B 28 -36.16 6.59 -10.37
CA HIS B 28 -37.09 6.55 -9.24
C HIS B 28 -38.47 6.94 -9.83
N GLY B 29 -39.11 5.96 -10.48
CA GLY B 29 -40.40 6.12 -11.13
C GLY B 29 -40.14 6.76 -12.49
N ILE B 30 -41.21 6.97 -13.25
CA ILE B 30 -41.15 7.59 -14.58
C ILE B 30 -40.65 6.65 -15.70
N ASP B 31 -41.25 5.46 -15.78
CA ASP B 31 -40.92 4.43 -16.79
C ASP B 31 -41.98 4.34 -17.91
N VAL B 49 -39.61 -6.32 -17.79
CA VAL B 49 -40.65 -5.50 -18.42
C VAL B 49 -41.39 -4.71 -17.36
N TYR B 50 -42.47 -4.03 -17.77
CA TYR B 50 -43.25 -3.29 -16.80
C TYR B 50 -43.83 -4.29 -15.77
N TYR B 51 -43.35 -5.53 -15.83
CA TYR B 51 -43.75 -6.54 -14.87
C TYR B 51 -42.42 -6.79 -14.17
N ASN B 52 -41.88 -5.67 -13.71
CA ASN B 52 -40.60 -5.54 -13.00
C ASN B 52 -40.24 -6.55 -11.91
N GLU B 53 -38.95 -6.83 -11.87
CA GLU B 53 -38.38 -7.76 -10.92
C GLU B 53 -37.34 -7.00 -10.08
N ALA B 54 -37.77 -5.91 -9.44
CA ALA B 54 -36.89 -5.09 -8.60
C ALA B 54 -36.28 -5.85 -7.41
N ALA B 55 -35.20 -6.57 -7.72
CA ALA B 55 -34.47 -7.38 -6.75
C ALA B 55 -33.50 -6.52 -5.97
N GLY B 56 -33.45 -6.79 -4.66
CA GLY B 56 -32.60 -6.03 -3.76
C GLY B 56 -33.50 -5.42 -2.70
N ASN B 57 -33.75 -4.12 -2.80
CA ASN B 57 -34.60 -3.43 -1.82
C ASN B 57 -35.59 -2.40 -2.42
N LYS B 58 -36.34 -1.74 -1.54
CA LYS B 58 -37.31 -0.74 -1.93
C LYS B 58 -36.64 0.28 -2.86
N TYR B 59 -37.42 1.25 -3.34
CA TYR B 59 -36.93 2.27 -4.31
C TYR B 59 -35.81 3.24 -3.97
N VAL B 60 -34.77 2.67 -3.39
CA VAL B 60 -33.55 3.33 -3.00
C VAL B 60 -32.56 2.17 -3.01
N PRO B 61 -31.59 2.19 -3.93
CA PRO B 61 -30.58 1.15 -4.07
C PRO B 61 -30.37 0.41 -2.77
N ARG B 62 -30.53 -0.90 -2.74
CA ARG B 62 -30.30 -1.61 -1.47
C ARG B 62 -28.82 -1.47 -1.14
N ALA B 63 -28.08 -0.94 -2.11
CA ALA B 63 -26.64 -0.72 -1.98
C ALA B 63 -26.25 -0.25 -0.59
N ILE B 64 -25.09 -0.71 -0.14
CA ILE B 64 -24.55 -0.39 1.16
C ILE B 64 -23.08 -0.03 0.98
N LEU B 65 -22.83 1.12 0.36
CA LEU B 65 -21.49 1.61 0.10
C LEU B 65 -20.62 1.52 1.35
N VAL B 66 -19.34 1.19 1.20
CA VAL B 66 -18.44 1.06 2.34
C VAL B 66 -17.01 1.38 1.97
N ASP B 67 -16.46 2.44 2.55
CA ASP B 67 -15.07 2.83 2.28
C ASP B 67 -14.30 2.98 3.58
N LEU B 68 -12.99 2.79 3.52
CA LEU B 68 -12.16 2.92 4.70
C LEU B 68 -11.85 4.41 4.89
N GLU B 69 -11.46 5.06 3.79
CA GLU B 69 -11.14 6.50 3.77
C GLU B 69 -12.40 7.30 3.41
N PRO B 70 -12.27 8.51 2.85
CA PRO B 70 -13.53 9.20 2.56
C PRO B 70 -14.01 9.11 1.11
N GLY B 71 -13.57 8.08 0.39
CA GLY B 71 -13.94 7.91 -1.01
C GLY B 71 -15.41 7.62 -1.33
N THR B 72 -16.25 7.47 -0.31
CA THR B 72 -17.67 7.20 -0.52
C THR B 72 -18.36 8.44 -1.07
N MET B 73 -17.56 9.43 -1.48
CA MET B 73 -18.13 10.67 -1.99
C MET B 73 -17.77 11.00 -3.44
N ASP B 74 -16.48 10.84 -3.77
CA ASP B 74 -15.96 11.12 -5.12
C ASP B 74 -17.09 11.48 -6.05
N SER B 75 -17.34 10.61 -7.03
CA SER B 75 -18.44 10.84 -7.94
C SER B 75 -19.53 10.00 -7.35
N VAL B 76 -19.20 9.35 -6.23
CA VAL B 76 -20.15 8.52 -5.53
C VAL B 76 -21.32 9.46 -5.27
N ARG B 77 -21.15 10.34 -4.29
CA ARG B 77 -22.18 11.31 -3.94
C ARG B 77 -21.96 12.55 -4.82
N SER B 78 -21.81 12.33 -6.12
CA SER B 78 -21.58 13.40 -7.09
C SER B 78 -22.56 13.40 -8.26
N GLY B 79 -22.20 14.15 -9.30
CA GLY B 79 -23.01 14.27 -10.51
C GLY B 79 -23.90 13.10 -10.90
N PRO B 80 -23.39 11.86 -10.83
CA PRO B 80 -24.25 10.74 -11.21
C PRO B 80 -25.53 10.67 -10.37
N PHE B 81 -25.47 9.85 -9.34
CA PHE B 81 -26.59 9.65 -8.44
C PHE B 81 -26.03 9.68 -7.02
N GLY B 82 -25.66 10.88 -6.56
CA GLY B 82 -25.10 11.02 -5.24
C GLY B 82 -26.19 11.03 -4.18
N GLN B 83 -27.00 9.97 -4.17
CA GLN B 83 -28.11 9.81 -3.22
C GLN B 83 -28.31 8.33 -2.86
N ILE B 84 -27.22 7.57 -2.81
CA ILE B 84 -27.28 6.13 -2.53
C ILE B 84 -27.69 5.87 -1.08
N PHE B 85 -28.92 6.25 -0.72
CA PHE B 85 -29.42 6.06 0.64
C PHE B 85 -28.57 6.86 1.61
N ARG B 86 -27.84 7.83 1.07
CA ARG B 86 -26.93 8.72 1.82
C ARG B 86 -26.82 8.52 3.34
N PRO B 87 -27.94 8.66 4.07
CA PRO B 87 -27.98 8.50 5.54
C PRO B 87 -27.70 7.07 6.04
N ASP B 88 -26.67 6.45 5.48
CA ASP B 88 -26.32 5.10 5.86
C ASP B 88 -24.87 4.82 5.48
N ASN B 89 -24.42 5.48 4.41
CA ASN B 89 -23.06 5.35 3.88
C ASN B 89 -22.01 5.16 4.99
N PHE B 90 -20.95 4.43 4.67
CA PHE B 90 -19.92 4.19 5.66
C PHE B 90 -18.57 4.83 5.46
N VAL B 91 -18.01 5.35 6.54
CA VAL B 91 -16.73 6.02 6.51
C VAL B 91 -16.14 5.89 7.89
N PHE B 92 -17.06 5.93 8.88
CA PHE B 92 -16.78 5.87 10.33
C PHE B 92 -16.58 7.32 10.76
N GLY B 93 -15.85 8.03 9.91
CA GLY B 93 -15.50 9.42 10.13
C GLY B 93 -13.99 9.44 10.36
N GLN B 94 -13.23 9.92 9.37
CA GLN B 94 -11.79 9.99 9.54
C GLN B 94 -11.17 8.60 9.74
N SER B 95 -10.14 8.31 8.96
CA SER B 95 -9.40 7.04 9.03
C SER B 95 -8.32 6.97 7.97
N GLY B 96 -7.92 5.76 7.62
CA GLY B 96 -6.89 5.57 6.62
C GLY B 96 -6.93 4.29 5.80
N ALA B 97 -6.04 3.35 6.13
CA ALA B 97 -5.91 2.06 5.43
C ALA B 97 -5.61 2.24 3.95
N GLY B 98 -4.33 2.42 3.63
CA GLY B 98 -3.89 2.61 2.25
C GLY B 98 -3.73 1.31 1.49
N ASN B 99 -2.50 0.84 1.30
CA ASN B 99 -2.29 -0.40 0.57
C ASN B 99 -1.70 -1.49 1.44
N ASN B 100 -2.27 -1.64 2.62
CA ASN B 100 -1.83 -2.65 3.57
C ASN B 100 -2.95 -3.65 3.83
N TRP B 101 -2.83 -4.86 3.30
CA TRP B 101 -3.90 -5.83 3.54
C TRP B 101 -4.14 -5.89 5.02
N ALA B 102 -3.12 -6.26 5.79
CA ALA B 102 -3.28 -6.33 7.25
C ALA B 102 -4.23 -5.20 7.69
N LYS B 103 -4.07 -4.05 7.04
CA LYS B 103 -4.91 -2.90 7.30
C LYS B 103 -6.26 -3.16 6.66
N GLY B 104 -7.33 -2.82 7.35
CA GLY B 104 -8.66 -3.02 6.79
C GLY B 104 -9.11 -4.46 6.76
N HIS B 105 -8.45 -5.30 7.52
CA HIS B 105 -8.80 -6.71 7.58
C HIS B 105 -8.20 -7.33 8.84
N TYR B 106 -7.49 -6.50 9.59
CA TYR B 106 -6.87 -6.90 10.83
C TYR B 106 -6.80 -5.66 11.70
N THR B 107 -6.81 -4.51 11.05
CA THR B 107 -6.69 -3.23 11.74
C THR B 107 -7.68 -2.17 11.29
N GLU B 108 -7.20 -0.97 10.98
CA GLU B 108 -8.04 0.15 10.55
C GLU B 108 -9.16 -0.24 9.61
N GLY B 109 -10.07 -1.05 10.12
CA GLY B 109 -11.19 -1.54 9.35
C GLY B 109 -11.96 -2.44 10.28
N ALA B 110 -11.23 -3.24 11.05
CA ALA B 110 -11.86 -4.13 12.02
C ALA B 110 -12.60 -3.17 12.92
N GLU B 111 -12.39 -1.89 12.65
CA GLU B 111 -13.05 -0.85 13.37
C GLU B 111 -14.38 -0.74 12.64
N LEU B 112 -14.28 -0.52 11.33
CA LEU B 112 -15.45 -0.36 10.49
C LEU B 112 -16.36 -1.57 10.42
N VAL B 113 -15.80 -2.76 10.20
CA VAL B 113 -16.63 -3.96 10.13
C VAL B 113 -17.89 -3.83 10.97
N ASP B 114 -17.69 -3.76 12.27
CA ASP B 114 -18.78 -3.66 13.23
C ASP B 114 -19.77 -2.64 12.74
N SER B 115 -19.29 -1.57 12.16
CA SER B 115 -20.17 -0.53 11.66
C SER B 115 -21.02 -1.08 10.54
N VAL B 116 -20.35 -1.71 9.58
CA VAL B 116 -21.05 -2.28 8.43
C VAL B 116 -21.94 -3.42 8.88
N LEU B 117 -21.31 -4.44 9.46
CA LEU B 117 -22.06 -5.59 9.94
C LEU B 117 -23.04 -5.17 11.03
N ASP B 118 -23.59 -3.96 10.87
CA ASP B 118 -24.58 -3.37 11.78
C ASP B 118 -25.61 -2.68 10.91
N VAL B 119 -25.18 -2.25 9.72
CA VAL B 119 -26.09 -1.56 8.81
C VAL B 119 -26.51 -2.41 7.64
N VAL B 120 -25.80 -3.51 7.40
CA VAL B 120 -26.17 -4.38 6.31
C VAL B 120 -27.25 -5.25 6.90
N ARG B 121 -27.09 -5.61 8.17
CA ARG B 121 -28.08 -6.43 8.83
C ARG B 121 -29.35 -5.61 8.99
N LYS B 122 -29.22 -4.37 9.44
CA LYS B 122 -30.41 -3.52 9.58
C LYS B 122 -30.77 -3.05 8.17
N GLU B 123 -30.61 -3.97 7.23
CA GLU B 123 -30.89 -3.74 5.82
C GLU B 123 -31.15 -5.06 5.14
N SER B 124 -30.30 -6.03 5.45
CA SER B 124 -30.41 -7.36 4.86
C SER B 124 -31.82 -7.83 5.13
N GLU B 125 -32.08 -8.10 6.41
CA GLU B 125 -33.36 -8.57 6.88
C GLU B 125 -34.47 -8.07 5.96
N SER B 126 -35.01 -6.88 6.22
CA SER B 126 -36.09 -6.30 5.40
C SER B 126 -36.92 -7.44 4.79
N CYS B 127 -37.90 -7.90 5.58
CA CYS B 127 -38.84 -8.99 5.24
C CYS B 127 -38.44 -9.97 4.11
N ASP B 128 -38.98 -9.74 2.90
CA ASP B 128 -38.68 -10.56 1.74
C ASP B 128 -37.44 -11.44 1.90
N CYS B 129 -37.52 -12.67 1.41
CA CYS B 129 -36.40 -13.61 1.49
C CYS B 129 -35.13 -12.98 0.89
N LEU B 130 -34.03 -13.03 1.65
CA LEU B 130 -32.76 -12.45 1.21
C LEU B 130 -32.01 -13.30 0.23
N GLN B 131 -31.79 -12.75 -0.95
CA GLN B 131 -31.08 -13.45 -2.01
C GLN B 131 -29.72 -13.93 -1.54
N GLY B 132 -28.84 -12.96 -1.35
CA GLY B 132 -27.49 -13.20 -0.88
C GLY B 132 -26.86 -11.82 -0.88
N PHE B 133 -25.56 -11.74 -1.12
CA PHE B 133 -24.89 -10.44 -1.16
C PHE B 133 -23.87 -10.41 -2.29
N GLN B 134 -24.10 -9.57 -3.29
CA GLN B 134 -23.13 -9.47 -4.35
C GLN B 134 -22.24 -8.29 -3.96
N LEU B 135 -21.08 -8.61 -3.39
CA LEU B 135 -20.12 -7.60 -2.92
C LEU B 135 -19.17 -7.12 -4.03
N THR B 136 -19.13 -5.82 -4.28
CA THR B 136 -18.23 -5.29 -5.31
C THR B 136 -16.92 -4.87 -4.66
N HIS B 137 -15.85 -4.79 -5.47
CA HIS B 137 -14.51 -4.37 -4.99
C HIS B 137 -13.40 -4.86 -5.93
N SER B 138 -12.17 -4.38 -5.71
CA SER B 138 -11.06 -4.78 -6.57
C SER B 138 -9.85 -5.36 -5.85
N LEU B 139 -9.75 -6.70 -5.85
CA LEU B 139 -8.65 -7.44 -5.22
C LEU B 139 -7.31 -6.69 -5.21
N GLY B 140 -6.63 -6.71 -4.06
CA GLY B 140 -5.33 -6.08 -3.92
C GLY B 140 -5.20 -4.60 -3.65
N GLY B 141 -5.86 -4.12 -2.59
CA GLY B 141 -5.81 -2.72 -2.27
C GLY B 141 -6.37 -2.42 -0.88
N GLY B 142 -6.30 -3.42 -0.01
CA GLY B 142 -6.75 -3.35 1.38
C GLY B 142 -7.82 -2.40 1.87
N THR B 143 -8.02 -1.26 1.21
CA THR B 143 -9.02 -0.32 1.65
C THR B 143 -10.33 -1.06 1.66
N GLY B 144 -10.81 -1.38 0.46
CA GLY B 144 -12.07 -2.08 0.33
C GLY B 144 -11.86 -3.37 -0.40
N SER B 145 -10.64 -3.91 -0.33
CA SER B 145 -10.32 -5.19 -0.95
C SER B 145 -9.56 -5.97 0.10
N GLY B 146 -9.79 -5.51 1.34
CA GLY B 146 -9.20 -6.07 2.54
C GLY B 146 -10.30 -5.94 3.58
N MET B 147 -11.11 -4.90 3.41
CA MET B 147 -12.25 -4.65 4.28
C MET B 147 -13.33 -5.56 3.78
N GLY B 148 -13.54 -5.51 2.47
CA GLY B 148 -14.54 -6.33 1.83
C GLY B 148 -14.24 -7.81 1.90
N THR B 149 -13.00 -8.18 1.59
CA THR B 149 -12.66 -9.60 1.64
C THR B 149 -12.86 -10.06 3.08
N LEU B 150 -12.95 -9.09 3.98
CA LEU B 150 -13.18 -9.37 5.38
C LEU B 150 -14.69 -9.49 5.57
N LEU B 151 -15.42 -8.48 5.10
CA LEU B 151 -16.89 -8.46 5.18
C LEU B 151 -17.40 -9.85 4.84
N ILE B 152 -16.93 -10.36 3.70
CA ILE B 152 -17.32 -11.68 3.25
C ILE B 152 -17.19 -12.66 4.41
N SER B 153 -15.96 -13.01 4.77
CA SER B 153 -15.73 -13.92 5.86
C SER B 153 -16.52 -13.48 7.07
N LYS B 154 -17.05 -12.26 7.03
CA LYS B 154 -17.82 -11.70 8.12
C LYS B 154 -19.31 -11.78 7.87
N ILE B 155 -19.70 -11.88 6.59
CA ILE B 155 -21.11 -12.00 6.22
C ILE B 155 -21.34 -13.51 6.22
N ARG B 156 -20.27 -14.22 5.92
CA ARG B 156 -20.28 -15.66 5.86
C ARG B 156 -20.39 -16.08 7.30
N GLU B 157 -20.03 -17.34 7.55
CA GLU B 157 -20.05 -17.93 8.87
C GLU B 157 -20.99 -17.15 9.80
N GLU B 158 -22.10 -16.72 9.20
CA GLU B 158 -23.16 -15.97 9.86
C GLU B 158 -24.42 -16.22 9.02
N TYR B 159 -24.28 -16.08 7.69
CA TYR B 159 -25.38 -16.33 6.75
C TYR B 159 -25.04 -17.54 5.90
N PRO B 160 -24.51 -18.62 6.48
CA PRO B 160 -24.17 -19.75 5.63
C PRO B 160 -25.11 -19.92 4.47
N ASP B 161 -26.31 -20.43 4.75
CA ASP B 161 -27.29 -20.65 3.70
C ASP B 161 -27.08 -19.74 2.47
N ARG B 162 -27.33 -18.44 2.67
CA ARG B 162 -27.24 -17.46 1.61
C ARG B 162 -26.03 -17.52 0.71
N ILE B 163 -26.29 -17.32 -0.60
CA ILE B 163 -25.25 -17.34 -1.62
C ILE B 163 -24.66 -15.95 -1.73
N MET B 164 -23.33 -15.91 -1.77
CA MET B 164 -22.59 -14.67 -1.89
C MET B 164 -21.98 -14.51 -3.28
N ASN B 165 -21.90 -13.28 -3.74
CA ASN B 165 -21.36 -12.98 -5.05
C ASN B 165 -20.29 -11.92 -4.88
N THR B 166 -19.42 -11.76 -5.87
CA THR B 166 -18.38 -10.73 -5.83
C THR B 166 -17.89 -10.39 -7.21
N PHE B 167 -17.79 -9.11 -7.50
CA PHE B 167 -17.31 -8.67 -8.81
C PHE B 167 -15.89 -8.17 -8.65
N SER B 168 -15.06 -8.97 -8.01
CA SER B 168 -13.67 -8.59 -7.78
C SER B 168 -12.93 -8.15 -9.06
N VAL B 169 -12.03 -7.19 -8.93
CA VAL B 169 -11.28 -6.72 -10.07
C VAL B 169 -9.84 -7.08 -9.85
N VAL B 170 -9.24 -7.88 -10.72
CA VAL B 170 -7.82 -8.25 -10.56
C VAL B 170 -6.87 -7.19 -11.12
N PRO B 171 -5.86 -6.82 -10.32
CA PRO B 171 -4.86 -5.82 -10.67
C PRO B 171 -4.14 -6.19 -11.94
N SER B 172 -4.36 -5.41 -12.97
CA SER B 172 -3.73 -5.66 -14.27
C SER B 172 -2.27 -6.03 -14.15
N PRO B 173 -1.87 -7.07 -14.85
CA PRO B 173 -0.47 -7.49 -14.79
C PRO B 173 0.50 -6.28 -14.98
N LYS B 174 -0.07 -5.16 -15.41
CA LYS B 174 0.69 -3.95 -15.64
C LYS B 174 1.56 -3.58 -14.43
N VAL B 175 0.99 -3.75 -13.25
CA VAL B 175 1.66 -3.48 -11.98
C VAL B 175 1.74 -2.05 -11.46
N SER B 176 0.71 -1.66 -10.70
CA SER B 176 0.65 -0.35 -10.05
C SER B 176 1.14 -0.78 -8.65
N ASP B 177 1.80 0.11 -7.92
CA ASP B 177 2.29 -0.27 -6.60
C ASP B 177 3.14 -1.51 -6.51
N THR B 178 4.25 -1.38 -5.80
CA THR B 178 5.15 -2.51 -5.58
C THR B 178 4.26 -3.36 -4.69
N VAL B 179 3.07 -2.84 -4.44
CA VAL B 179 2.09 -3.52 -3.61
C VAL B 179 0.74 -3.85 -4.32
N VAL B 180 0.34 -3.11 -5.35
CA VAL B 180 -0.91 -3.42 -6.06
C VAL B 180 -0.59 -4.73 -6.78
N GLU B 181 -0.30 -5.78 -6.02
CA GLU B 181 0.07 -7.04 -6.62
C GLU B 181 0.32 -8.01 -5.53
N PRO B 182 1.38 -7.84 -4.78
CA PRO B 182 1.54 -8.85 -3.73
C PRO B 182 0.33 -8.81 -2.80
N TYR B 183 -0.61 -7.95 -3.17
CA TYR B 183 -1.83 -7.75 -2.42
C TYR B 183 -2.80 -8.93 -2.54
N ASN B 184 -3.73 -8.81 -3.50
CA ASN B 184 -4.76 -9.81 -3.78
C ASN B 184 -4.36 -11.28 -3.70
N ALA B 185 -3.10 -11.57 -3.94
CA ALA B 185 -2.60 -12.95 -3.88
C ALA B 185 -2.82 -13.56 -2.50
N THR B 186 -3.21 -12.73 -1.54
CA THR B 186 -3.45 -13.16 -0.17
C THR B 186 -4.97 -13.13 0.02
N LEU B 187 -5.67 -12.91 -1.09
CA LEU B 187 -7.13 -12.87 -1.06
C LEU B 187 -7.69 -14.13 -1.71
N SER B 188 -7.24 -14.40 -2.93
CA SER B 188 -7.65 -15.60 -3.64
C SER B 188 -7.08 -16.77 -2.85
N VAL B 189 -6.85 -16.52 -1.55
CA VAL B 189 -6.29 -17.47 -0.57
C VAL B 189 -7.46 -17.87 0.29
N HIS B 190 -8.59 -17.29 -0.07
CA HIS B 190 -9.83 -17.56 0.63
C HIS B 190 -11.01 -16.98 -0.15
N GLN B 191 -10.71 -16.04 -1.04
CA GLN B 191 -11.78 -15.47 -1.83
C GLN B 191 -12.17 -16.60 -2.75
N LEU B 192 -12.08 -17.82 -2.23
CA LEU B 192 -12.43 -19.00 -3.00
C LEU B 192 -12.49 -20.20 -2.07
N VAL B 193 -12.50 -19.91 -0.76
CA VAL B 193 -12.61 -20.97 0.25
C VAL B 193 -13.44 -20.35 1.36
N GLU B 194 -13.85 -19.10 1.12
CA GLU B 194 -14.68 -18.37 2.05
C GLU B 194 -15.84 -17.90 1.23
N ASN B 195 -16.95 -17.55 1.88
CA ASN B 195 -18.14 -17.11 1.15
C ASN B 195 -17.73 -16.48 -0.20
N THR B 196 -18.19 -17.09 -1.27
CA THR B 196 -17.90 -16.60 -2.59
C THR B 196 -18.33 -17.72 -3.52
N ASP B 197 -19.32 -18.49 -3.06
CA ASP B 197 -19.89 -19.60 -3.79
C ASP B 197 -19.85 -19.31 -5.27
N GLU B 198 -19.91 -18.02 -5.59
CA GLU B 198 -19.87 -17.55 -6.94
C GLU B 198 -19.35 -16.10 -7.05
N THR B 199 -18.44 -15.84 -8.00
CA THR B 199 -17.84 -14.52 -8.19
C THR B 199 -17.25 -14.20 -9.58
N TYR B 200 -17.83 -13.24 -10.29
CA TYR B 200 -17.33 -12.86 -11.61
C TYR B 200 -15.97 -12.22 -11.40
N CYS B 201 -15.19 -11.97 -12.46
CA CYS B 201 -13.85 -11.37 -12.28
C CYS B 201 -13.24 -10.63 -13.47
N ILE B 202 -12.93 -9.36 -13.27
CA ILE B 202 -12.37 -8.50 -14.30
C ILE B 202 -10.86 -8.35 -14.09
N ASP B 203 -10.13 -8.08 -15.17
CA ASP B 203 -8.67 -7.93 -15.13
C ASP B 203 -8.26 -6.63 -15.82
N ASN B 204 -7.98 -5.60 -15.03
CA ASN B 204 -7.63 -4.29 -15.60
C ASN B 204 -6.72 -4.37 -16.78
N GLU B 205 -5.90 -5.40 -16.81
CA GLU B 205 -5.00 -5.60 -17.93
C GLU B 205 -5.91 -5.54 -19.16
N ALA B 206 -6.78 -6.55 -19.24
CA ALA B 206 -7.75 -6.71 -20.33
C ALA B 206 -8.48 -5.41 -20.64
N LEU B 207 -8.74 -4.62 -19.61
CA LEU B 207 -9.43 -3.38 -19.82
C LEU B 207 -8.58 -2.37 -20.60
N TYR B 208 -7.32 -2.18 -20.24
CA TYR B 208 -6.49 -1.25 -21.01
C TYR B 208 -6.61 -1.77 -22.43
N ASP B 209 -6.03 -2.95 -22.62
CA ASP B 209 -5.98 -3.65 -23.89
C ASP B 209 -7.20 -3.47 -24.79
N ILE B 210 -8.39 -3.34 -24.22
CA ILE B 210 -9.56 -3.15 -25.06
C ILE B 210 -9.57 -1.73 -25.59
N CYS B 211 -9.36 -0.78 -24.70
CA CYS B 211 -9.34 0.64 -25.06
C CYS B 211 -8.05 0.93 -25.82
N PHE B 212 -7.41 -0.13 -26.30
CA PHE B 212 -6.16 -0.01 -27.00
C PHE B 212 -6.09 -1.03 -28.13
N ARG B 213 -5.83 -2.28 -27.75
CA ARG B 213 -5.69 -3.39 -28.70
C ARG B 213 -6.90 -3.63 -29.61
N THR B 214 -8.03 -3.02 -29.29
CA THR B 214 -9.23 -3.19 -30.10
C THR B 214 -9.91 -1.84 -30.14
N LEU B 215 -10.77 -1.55 -29.18
CA LEU B 215 -11.44 -0.26 -29.16
C LEU B 215 -10.35 0.77 -29.28
N LYS B 216 -10.74 2.02 -29.58
CA LYS B 216 -9.78 3.12 -29.69
C LYS B 216 -9.38 3.66 -28.31
N LEU B 217 -8.91 4.91 -28.29
CA LEU B 217 -8.48 5.62 -27.07
C LEU B 217 -6.97 5.70 -26.98
N THR B 218 -6.40 6.88 -27.20
CA THR B 218 -4.95 7.06 -27.13
C THR B 218 -4.50 6.89 -25.68
N THR B 219 -5.49 6.75 -24.80
CA THR B 219 -5.27 6.52 -23.38
C THR B 219 -6.63 6.25 -22.76
N PRO B 220 -6.70 5.34 -21.77
CA PRO B 220 -7.97 5.03 -21.12
C PRO B 220 -8.17 5.74 -19.79
N THR B 221 -8.98 6.80 -19.81
CA THR B 221 -9.30 7.56 -18.62
C THR B 221 -10.07 6.55 -17.81
N TYR B 222 -10.06 6.65 -16.49
CA TYR B 222 -10.82 5.69 -15.71
C TYR B 222 -12.27 5.84 -16.22
N GLY B 223 -12.50 6.93 -16.94
CA GLY B 223 -13.82 7.19 -17.49
C GLY B 223 -13.92 6.40 -18.78
N ASP B 224 -13.00 5.44 -18.94
CA ASP B 224 -12.92 4.54 -20.10
C ASP B 224 -12.74 3.12 -19.58
N LEU B 225 -11.57 2.88 -19.00
CA LEU B 225 -11.24 1.58 -18.45
C LEU B 225 -12.19 1.29 -17.28
N ASN B 226 -13.45 1.70 -17.40
CA ASN B 226 -14.40 1.46 -16.33
C ASN B 226 -15.78 1.30 -16.90
N HIS B 227 -15.98 1.87 -18.09
CA HIS B 227 -17.27 1.80 -18.77
C HIS B 227 -17.72 0.35 -18.85
N LEU B 228 -17.00 -0.44 -19.64
CA LEU B 228 -17.27 -1.85 -19.81
C LEU B 228 -17.55 -2.46 -18.45
N VAL B 229 -16.71 -2.11 -17.48
CA VAL B 229 -16.84 -2.64 -16.13
C VAL B 229 -18.26 -2.59 -15.64
N SER B 230 -19.01 -1.58 -16.08
CA SER B 230 -20.38 -1.50 -15.63
C SER B 230 -21.39 -2.02 -16.63
N ALA B 231 -21.18 -1.74 -17.92
CA ALA B 231 -22.10 -2.21 -18.97
C ALA B 231 -21.93 -3.71 -19.18
N THR B 232 -21.17 -4.32 -18.27
CA THR B 232 -20.91 -5.75 -18.30
C THR B 232 -21.55 -6.38 -17.07
N MET B 233 -21.49 -5.67 -15.95
CA MET B 233 -22.11 -6.20 -14.75
C MET B 233 -23.60 -6.17 -14.94
N SER B 234 -24.14 -4.99 -15.29
CA SER B 234 -25.56 -4.82 -15.54
C SER B 234 -26.01 -5.90 -16.52
N GLY B 235 -25.15 -6.16 -17.51
CA GLY B 235 -25.41 -7.15 -18.53
C GLY B 235 -25.41 -8.58 -18.00
N VAL B 236 -25.44 -8.70 -16.68
CA VAL B 236 -25.46 -10.00 -16.03
C VAL B 236 -26.26 -9.83 -14.76
N THR B 237 -26.32 -8.58 -14.32
CA THR B 237 -27.06 -8.24 -13.12
C THR B 237 -28.51 -8.29 -13.53
N THR B 238 -29.17 -7.15 -13.39
CA THR B 238 -30.60 -6.97 -13.69
C THR B 238 -31.27 -7.93 -14.72
N CYS B 239 -30.51 -8.44 -15.70
CA CYS B 239 -31.03 -9.40 -16.68
C CYS B 239 -30.99 -10.67 -15.90
N LEU B 240 -31.47 -11.78 -16.45
CA LEU B 240 -31.44 -13.01 -15.64
C LEU B 240 -32.06 -12.58 -14.28
N ARG B 241 -32.75 -11.43 -14.31
CA ARG B 241 -33.43 -10.86 -13.14
C ARG B 241 -34.86 -10.41 -13.54
N PHE B 242 -34.96 -9.36 -14.36
CA PHE B 242 -36.27 -8.84 -14.78
C PHE B 242 -36.84 -9.53 -16.05
N PRO B 243 -38.18 -9.73 -16.08
CA PRO B 243 -39.00 -10.35 -17.11
C PRO B 243 -38.29 -11.06 -18.26
N GLY B 244 -37.99 -10.32 -19.33
CA GLY B 244 -37.34 -10.90 -20.50
C GLY B 244 -37.94 -12.24 -20.85
N GLN B 245 -37.12 -13.15 -21.35
CA GLN B 245 -37.63 -14.48 -21.68
C GLN B 245 -37.64 -15.30 -20.39
N LEU B 246 -38.83 -15.75 -20.01
CA LEU B 246 -39.01 -16.55 -18.79
C LEU B 246 -38.39 -15.83 -17.58
N ASN B 247 -37.58 -16.54 -16.80
CA ASN B 247 -36.98 -15.89 -15.65
C ASN B 247 -35.61 -16.43 -15.30
N ALA B 248 -35.18 -16.07 -14.09
CA ALA B 248 -33.88 -16.46 -13.52
C ALA B 248 -33.71 -15.75 -12.17
N ASP B 249 -32.90 -16.32 -11.29
CA ASP B 249 -32.65 -15.70 -10.00
C ASP B 249 -31.16 -15.55 -9.84
N LEU B 250 -30.68 -15.38 -8.61
CA LEU B 250 -29.24 -15.26 -8.38
C LEU B 250 -28.63 -16.49 -7.70
N ARG B 251 -29.19 -17.66 -7.92
CA ARG B 251 -28.63 -18.85 -7.28
C ARG B 251 -28.66 -20.18 -8.00
N LYS B 252 -29.67 -20.45 -8.81
CA LYS B 252 -29.70 -21.70 -9.55
C LYS B 252 -28.42 -21.68 -10.38
N LEU B 253 -27.86 -20.47 -10.54
CA LEU B 253 -26.64 -20.19 -11.31
C LEU B 253 -25.46 -20.93 -10.72
N ALA B 254 -25.16 -20.55 -9.49
CA ALA B 254 -24.08 -21.13 -8.75
C ALA B 254 -24.15 -22.65 -8.75
N VAL B 255 -25.26 -23.22 -9.22
CA VAL B 255 -25.38 -24.67 -9.25
C VAL B 255 -25.21 -25.21 -10.67
N ASN B 256 -25.34 -24.35 -11.68
CA ASN B 256 -25.13 -24.82 -13.06
C ASN B 256 -23.80 -24.27 -13.56
N MET B 257 -23.26 -23.31 -12.84
CA MET B 257 -22.00 -22.72 -13.26
C MET B 257 -20.80 -23.04 -12.37
N VAL B 258 -21.01 -23.81 -11.31
CA VAL B 258 -19.96 -24.13 -10.40
C VAL B 258 -19.84 -25.63 -10.23
N PRO B 259 -19.17 -26.30 -11.16
CA PRO B 259 -19.01 -27.76 -11.08
C PRO B 259 -18.33 -28.19 -9.78
N PHE B 260 -17.43 -27.36 -9.22
CA PHE B 260 -16.71 -27.72 -8.00
C PHE B 260 -16.65 -26.73 -6.83
N PRO B 261 -16.41 -27.23 -5.62
CA PRO B 261 -16.33 -26.42 -4.41
C PRO B 261 -15.42 -25.22 -4.54
N ARG B 262 -14.12 -25.49 -4.67
CA ARG B 262 -13.12 -24.45 -4.82
C ARG B 262 -13.46 -23.81 -6.16
N LEU B 263 -14.74 -24.00 -6.48
CA LEU B 263 -15.37 -23.47 -7.66
C LEU B 263 -14.41 -23.18 -8.76
N HIS B 264 -14.72 -22.06 -9.41
CA HIS B 264 -13.98 -21.47 -10.49
C HIS B 264 -14.53 -20.05 -10.72
N PHE B 265 -13.62 -19.14 -11.02
CA PHE B 265 -13.95 -17.75 -11.25
C PHE B 265 -14.52 -17.56 -12.62
N PHE B 266 -15.61 -16.81 -12.72
CA PHE B 266 -16.21 -16.60 -14.02
C PHE B 266 -15.40 -15.57 -14.83
N MET B 267 -15.36 -15.76 -16.15
CA MET B 267 -14.65 -14.86 -17.04
C MET B 267 -15.68 -14.11 -17.87
N PRO B 268 -16.31 -13.09 -17.29
CA PRO B 268 -17.32 -12.28 -18.00
C PRO B 268 -16.82 -11.73 -19.32
N GLY B 269 -17.73 -11.24 -20.15
CA GLY B 269 -17.34 -10.70 -21.45
C GLY B 269 -18.45 -10.22 -22.37
N PHE B 270 -18.68 -8.92 -22.35
CA PHE B 270 -19.69 -8.24 -23.18
C PHE B 270 -19.34 -8.60 -24.62
N ALA B 271 -19.76 -7.77 -25.57
CA ALA B 271 -19.47 -8.03 -26.98
C ALA B 271 -19.56 -6.79 -27.86
N PRO B 272 -20.76 -6.22 -27.99
CA PRO B 272 -20.91 -5.03 -28.83
C PRO B 272 -20.13 -3.84 -28.32
N LEU B 273 -18.80 -3.95 -28.31
CA LEU B 273 -17.93 -2.85 -27.84
C LEU B 273 -17.61 -1.99 -29.04
N THR B 274 -17.32 -2.67 -30.15
CA THR B 274 -17.00 -2.03 -31.44
C THR B 274 -16.00 -0.89 -31.31
N SER B 275 -16.52 0.31 -31.53
CA SER B 275 -15.79 1.57 -31.48
C SER B 275 -16.73 2.53 -32.18
N ARG B 276 -16.35 3.79 -32.27
CA ARG B 276 -17.16 4.77 -32.95
C ARG B 276 -17.29 4.31 -34.40
N GLY B 277 -17.11 5.25 -35.32
CA GLY B 277 -17.19 4.93 -36.73
C GLY B 277 -18.52 4.33 -37.15
N SER B 278 -18.76 4.28 -38.46
CA SER B 278 -19.96 3.69 -39.01
C SER B 278 -19.76 2.22 -38.71
N GLN B 279 -20.07 1.87 -37.47
CA GLN B 279 -19.91 0.51 -36.98
C GLN B 279 -20.63 -0.44 -37.92
N GLN B 280 -19.92 -0.84 -38.97
CA GLN B 280 -20.47 -1.76 -39.97
C GLN B 280 -19.72 -3.10 -39.91
N TYR B 281 -18.91 -3.23 -38.87
CA TYR B 281 -18.16 -4.45 -38.59
C TYR B 281 -19.35 -5.37 -38.34
N ARG B 282 -19.83 -6.00 -39.41
CA ARG B 282 -21.00 -6.86 -39.29
C ARG B 282 -22.15 -6.00 -38.75
N ALA B 283 -21.91 -4.69 -38.63
CA ALA B 283 -22.91 -3.75 -38.12
C ALA B 283 -23.84 -4.50 -37.17
N LEU B 284 -23.25 -4.94 -36.07
CA LEU B 284 -23.96 -5.72 -35.07
C LEU B 284 -24.87 -6.78 -35.67
N THR B 285 -24.33 -7.59 -36.59
CA THR B 285 -25.12 -8.66 -37.17
C THR B 285 -25.58 -9.58 -36.04
N VAL B 286 -26.78 -10.10 -36.16
CA VAL B 286 -27.33 -11.00 -35.15
C VAL B 286 -26.37 -12.15 -34.83
N PRO B 287 -25.64 -12.64 -35.84
CA PRO B 287 -24.70 -13.76 -35.62
C PRO B 287 -23.38 -13.22 -35.13
N GLU B 288 -23.23 -11.89 -35.22
CA GLU B 288 -21.99 -11.21 -34.77
C GLU B 288 -21.90 -11.28 -33.26
N LEU B 289 -22.99 -10.93 -32.61
CA LEU B 289 -23.02 -11.00 -31.17
C LEU B 289 -22.43 -12.39 -30.84
N THR B 290 -22.81 -13.39 -31.63
CA THR B 290 -22.31 -14.74 -31.43
C THR B 290 -20.91 -14.93 -31.97
N GLN B 291 -20.05 -13.97 -31.70
CA GLN B 291 -18.66 -14.04 -32.13
C GLN B 291 -18.00 -12.79 -31.56
N GLN B 292 -18.71 -11.67 -31.69
CA GLN B 292 -18.22 -10.41 -31.18
C GLN B 292 -18.01 -10.59 -29.68
N MET B 293 -18.47 -11.73 -29.16
CA MET B 293 -18.36 -12.02 -27.74
C MET B 293 -17.37 -13.11 -27.36
N PHE B 294 -17.63 -14.33 -27.81
CA PHE B 294 -16.79 -15.51 -27.50
C PHE B 294 -15.27 -15.42 -27.75
N ASP B 295 -14.71 -14.21 -27.78
CA ASP B 295 -13.25 -14.05 -27.99
C ASP B 295 -12.52 -13.10 -27.05
N ALA B 296 -11.28 -13.50 -26.74
CA ALA B 296 -10.41 -12.72 -25.88
C ALA B 296 -10.19 -11.27 -26.36
N LYS B 297 -10.50 -11.01 -27.62
CA LYS B 297 -10.36 -9.67 -28.18
C LYS B 297 -11.51 -8.84 -27.57
N ASN B 298 -12.41 -9.54 -26.87
CA ASN B 298 -13.57 -8.92 -26.26
C ASN B 298 -13.96 -9.59 -24.95
N MET B 299 -12.95 -10.03 -24.19
CA MET B 299 -13.16 -10.68 -22.88
C MET B 299 -12.60 -9.75 -21.80
N MET B 300 -13.29 -9.69 -20.65
CA MET B 300 -12.87 -8.82 -19.55
C MET B 300 -11.83 -9.41 -18.59
N ALA B 301 -11.11 -10.45 -19.01
CA ALA B 301 -10.10 -11.07 -18.15
C ALA B 301 -8.85 -11.30 -18.96
N ALA B 302 -9.03 -11.24 -20.28
CA ALA B 302 -7.95 -11.45 -21.23
C ALA B 302 -7.07 -12.62 -20.81
N CYS B 303 -7.41 -13.81 -21.30
CA CYS B 303 -6.69 -15.03 -20.97
C CYS B 303 -6.77 -16.14 -22.01
N ASP B 304 -6.70 -15.78 -23.29
CA ASP B 304 -6.77 -16.77 -24.37
C ASP B 304 -7.72 -17.92 -23.98
N PRO B 305 -9.03 -17.70 -24.09
CA PRO B 305 -9.95 -18.78 -23.73
C PRO B 305 -9.61 -20.02 -24.49
N ARG B 306 -9.10 -19.82 -25.69
CA ARG B 306 -8.74 -20.92 -26.55
C ARG B 306 -7.70 -21.82 -25.89
N HIS B 307 -7.56 -21.75 -24.57
CA HIS B 307 -6.60 -22.60 -23.88
C HIS B 307 -7.22 -23.92 -23.46
N GLY B 308 -7.99 -23.86 -22.38
CA GLY B 308 -8.70 -25.02 -21.86
C GLY B 308 -10.18 -24.84 -22.12
N ARG B 309 -10.90 -25.94 -22.09
CA ARG B 309 -12.32 -25.86 -22.34
C ARG B 309 -13.04 -25.14 -21.22
N TYR B 310 -14.30 -24.79 -21.41
CA TYR B 310 -15.06 -24.11 -20.36
C TYR B 310 -15.85 -25.20 -19.67
N LEU B 311 -15.87 -25.24 -18.34
CA LEU B 311 -16.66 -26.30 -17.67
C LEU B 311 -18.14 -26.02 -17.86
N THR B 312 -18.43 -24.75 -18.13
CA THR B 312 -19.79 -24.27 -18.36
C THR B 312 -19.68 -22.86 -18.93
N VAL B 313 -20.79 -22.29 -19.38
CA VAL B 313 -20.81 -20.95 -19.95
C VAL B 313 -22.24 -20.49 -20.02
N ALA B 314 -22.48 -19.24 -19.63
CA ALA B 314 -23.82 -18.68 -19.67
C ALA B 314 -23.79 -17.58 -20.68
N ALA B 315 -24.88 -17.37 -21.40
CA ALA B 315 -24.90 -16.30 -22.36
C ALA B 315 -26.09 -15.48 -21.96
N VAL B 316 -26.17 -14.24 -22.42
CA VAL B 316 -27.31 -13.39 -22.09
C VAL B 316 -27.52 -12.39 -23.21
N PHE B 317 -28.15 -12.83 -24.31
CA PHE B 317 -28.40 -11.95 -25.44
C PHE B 317 -29.35 -10.85 -25.06
N ARG B 318 -28.96 -9.64 -25.41
CA ARG B 318 -29.73 -8.45 -25.08
C ARG B 318 -30.16 -7.67 -26.31
N GLY B 319 -31.33 -7.04 -26.20
CA GLY B 319 -31.87 -6.26 -27.31
C GLY B 319 -32.73 -7.11 -28.23
N ARG B 320 -34.03 -7.16 -27.93
CA ARG B 320 -34.99 -7.93 -28.71
C ARG B 320 -34.64 -8.16 -30.20
N MET B 321 -34.46 -9.43 -30.53
CA MET B 321 -34.14 -9.89 -31.87
C MET B 321 -34.33 -11.41 -32.01
N SER B 322 -34.41 -11.87 -33.27
CA SER B 322 -34.61 -13.28 -33.65
C SER B 322 -34.03 -14.36 -32.74
N MET B 323 -34.80 -14.79 -31.75
CA MET B 323 -34.33 -15.82 -30.84
C MET B 323 -33.87 -17.07 -31.59
N LYS B 324 -34.34 -17.25 -32.82
CA LYS B 324 -33.96 -18.42 -33.63
C LYS B 324 -32.48 -18.41 -33.88
N GLU B 325 -32.02 -17.36 -34.57
CA GLU B 325 -30.61 -17.17 -34.89
C GLU B 325 -29.67 -17.45 -33.68
N VAL B 326 -30.09 -17.01 -32.50
CA VAL B 326 -29.32 -17.15 -31.28
C VAL B 326 -29.05 -18.56 -30.80
N ASP B 327 -29.98 -19.46 -31.02
CA ASP B 327 -29.80 -20.85 -30.61
C ASP B 327 -29.19 -21.55 -31.79
N GLU B 328 -29.35 -20.92 -32.95
CA GLU B 328 -28.81 -21.42 -34.20
C GLU B 328 -27.34 -21.03 -34.26
N GLN B 329 -27.00 -19.98 -33.54
CA GLN B 329 -25.64 -19.49 -33.50
C GLN B 329 -24.87 -19.92 -32.26
N MET B 330 -25.56 -19.92 -31.11
CA MET B 330 -24.97 -20.30 -29.81
C MET B 330 -24.57 -21.77 -29.75
N LEU B 331 -25.32 -22.63 -30.42
CA LEU B 331 -24.98 -24.05 -30.44
C LEU B 331 -23.87 -24.16 -31.47
N ASN B 332 -24.01 -23.39 -32.54
CA ASN B 332 -23.06 -23.36 -33.63
C ASN B 332 -21.63 -23.53 -33.14
N VAL B 333 -21.17 -22.58 -32.33
CA VAL B 333 -19.80 -22.60 -31.80
C VAL B 333 -19.68 -23.72 -30.76
N GLN B 334 -20.81 -24.04 -30.14
CA GLN B 334 -20.83 -25.10 -29.17
C GLN B 334 -20.59 -26.37 -30.00
N ASN B 335 -20.92 -26.28 -31.29
CA ASN B 335 -20.72 -27.37 -32.26
C ASN B 335 -19.49 -27.03 -33.09
N LYS B 336 -18.93 -25.84 -32.85
CA LYS B 336 -17.75 -25.37 -33.55
C LYS B 336 -16.47 -25.78 -32.84
N ASN B 337 -15.93 -24.94 -31.97
CA ASN B 337 -14.69 -25.26 -31.29
C ASN B 337 -14.86 -26.43 -30.33
N SER B 338 -15.45 -27.54 -30.80
CA SER B 338 -15.69 -28.71 -29.96
C SER B 338 -14.44 -29.09 -29.18
N SER B 339 -13.37 -28.35 -29.41
CA SER B 339 -12.12 -28.56 -28.73
C SER B 339 -12.06 -27.74 -27.44
N TYR B 340 -13.09 -26.93 -27.19
CA TYR B 340 -13.14 -26.11 -25.98
C TYR B 340 -14.47 -26.14 -25.21
N PHE B 341 -14.89 -27.33 -24.83
CA PHE B 341 -16.08 -27.51 -24.02
C PHE B 341 -15.95 -28.83 -23.29
N VAL B 342 -15.23 -28.82 -22.17
CA VAL B 342 -14.92 -30.00 -21.36
C VAL B 342 -15.41 -31.33 -21.89
N GLU B 343 -16.70 -31.43 -22.20
CA GLU B 343 -17.27 -32.65 -22.78
C GLU B 343 -17.44 -33.84 -21.83
N TRP B 344 -17.85 -33.53 -20.60
CA TRP B 344 -18.14 -34.53 -19.60
C TRP B 344 -19.23 -33.89 -18.75
N ILE B 345 -19.76 -32.80 -19.29
CA ILE B 345 -20.84 -32.04 -18.65
C ILE B 345 -21.91 -31.82 -19.73
N PRO B 346 -22.77 -32.83 -19.94
CA PRO B 346 -23.88 -32.91 -20.87
C PRO B 346 -24.66 -31.63 -21.03
N ASN B 347 -24.25 -30.83 -22.02
CA ASN B 347 -24.90 -29.55 -22.33
C ASN B 347 -24.31 -28.49 -21.42
N ASN B 348 -23.03 -28.24 -21.63
CA ASN B 348 -22.29 -27.26 -20.86
C ASN B 348 -22.58 -25.82 -21.27
N VAL B 349 -23.80 -25.56 -21.74
CA VAL B 349 -24.19 -24.21 -22.16
C VAL B 349 -25.71 -24.02 -22.19
N LYS B 350 -26.15 -22.78 -22.01
CA LYS B 350 -27.57 -22.43 -22.04
C LYS B 350 -27.61 -20.97 -22.42
N THR B 351 -28.52 -20.61 -23.32
CA THR B 351 -28.66 -19.23 -23.76
C THR B 351 -29.66 -18.52 -22.86
N ALA B 352 -29.88 -17.24 -23.11
CA ALA B 352 -30.81 -16.45 -22.35
C ALA B 352 -31.06 -15.26 -23.24
N VAL B 353 -32.33 -14.96 -23.44
CA VAL B 353 -32.78 -13.84 -24.29
C VAL B 353 -33.66 -12.96 -23.43
N CYS B 354 -33.39 -11.66 -23.31
CA CYS B 354 -34.28 -10.90 -22.44
C CYS B 354 -34.84 -9.51 -22.75
N ASP B 355 -35.48 -9.39 -23.92
CA ASP B 355 -36.19 -8.18 -24.36
C ASP B 355 -35.42 -6.87 -24.35
N ILE B 356 -35.98 -5.95 -23.56
CA ILE B 356 -35.51 -4.58 -23.33
C ILE B 356 -34.00 -4.52 -23.38
N PRO B 357 -33.47 -3.71 -24.29
CA PRO B 357 -32.02 -3.53 -24.46
C PRO B 357 -31.46 -2.37 -23.67
N PRO B 358 -30.14 -2.17 -23.73
CA PRO B 358 -29.39 -1.11 -23.06
C PRO B 358 -29.70 0.32 -23.54
N ARG B 359 -28.64 1.08 -23.81
CA ARG B 359 -28.82 2.45 -24.24
C ARG B 359 -28.00 2.86 -25.49
N GLY B 360 -27.74 1.90 -26.38
CA GLY B 360 -26.99 2.24 -27.59
C GLY B 360 -26.53 1.11 -28.49
N LEU B 361 -27.05 -0.10 -28.29
CA LEU B 361 -26.61 -1.21 -29.12
C LEU B 361 -27.62 -1.84 -30.07
N LYS B 362 -28.91 -1.80 -29.73
CA LYS B 362 -29.94 -2.43 -30.55
C LYS B 362 -29.81 -3.97 -30.46
N MET B 363 -28.69 -4.40 -29.87
CA MET B 363 -28.38 -5.81 -29.67
C MET B 363 -27.10 -5.89 -28.83
N SER B 364 -27.04 -6.85 -27.91
CA SER B 364 -25.84 -7.02 -27.07
C SER B 364 -25.85 -8.33 -26.27
N ALA B 365 -24.70 -8.97 -26.16
CA ALA B 365 -24.61 -10.22 -25.42
C ALA B 365 -23.87 -10.03 -24.10
N THR B 366 -23.57 -11.14 -23.43
CA THR B 366 -22.84 -11.08 -22.15
C THR B 366 -22.30 -12.42 -21.72
N PHE B 367 -21.01 -12.65 -22.00
CA PHE B 367 -20.32 -13.88 -21.66
C PHE B 367 -20.29 -14.08 -20.14
N ILE B 368 -20.22 -15.32 -19.69
CA ILE B 368 -20.19 -15.67 -18.26
C ILE B 368 -19.76 -17.12 -18.24
N GLY B 369 -18.51 -17.39 -18.57
CA GLY B 369 -18.08 -18.77 -18.60
C GLY B 369 -17.04 -19.18 -17.61
N ASN B 370 -17.13 -20.42 -17.18
CA ASN B 370 -16.17 -20.99 -16.26
C ASN B 370 -15.14 -21.67 -17.15
N SER B 371 -14.31 -20.86 -17.80
CA SER B 371 -13.29 -21.37 -18.69
C SER B 371 -11.97 -21.54 -18.01
N THR B 372 -11.41 -22.75 -18.03
CA THR B 372 -10.14 -23.02 -17.39
C THR B 372 -9.00 -22.16 -17.93
N ALA B 373 -9.34 -21.12 -18.69
CA ALA B 373 -8.33 -20.22 -19.25
C ALA B 373 -7.98 -19.10 -18.27
N ILE B 374 -8.92 -18.75 -17.41
CA ILE B 374 -8.69 -17.73 -16.42
C ILE B 374 -7.52 -18.21 -15.58
N GLN B 375 -7.16 -19.49 -15.75
CA GLN B 375 -6.03 -20.07 -15.03
C GLN B 375 -4.88 -19.06 -15.08
N GLU B 376 -4.61 -18.54 -16.27
CA GLU B 376 -3.55 -17.56 -16.44
C GLU B 376 -3.71 -16.42 -15.45
N LEU B 377 -4.85 -15.75 -15.51
CA LEU B 377 -5.18 -14.62 -14.64
C LEU B 377 -5.19 -15.09 -13.21
N PHE B 378 -4.40 -16.10 -12.90
CA PHE B 378 -4.32 -16.62 -11.55
C PHE B 378 -2.89 -16.97 -11.22
N LYS B 379 -2.28 -17.75 -12.10
CA LYS B 379 -0.88 -18.16 -11.93
C LYS B 379 -0.01 -16.93 -12.20
N ARG B 380 -0.69 -15.79 -12.36
CA ARG B 380 -0.05 -14.48 -12.56
C ARG B 380 0.16 -14.00 -11.13
N ILE B 381 -0.94 -13.63 -10.50
CA ILE B 381 -0.92 -13.18 -9.13
C ILE B 381 -0.44 -14.40 -8.36
N SER B 382 0.57 -15.09 -8.89
CA SER B 382 1.10 -16.28 -8.23
C SER B 382 2.59 -16.45 -8.48
N GLU B 383 3.06 -15.90 -9.59
CA GLU B 383 4.47 -15.98 -9.92
C GLU B 383 5.04 -14.59 -9.73
N GLN B 384 4.60 -13.98 -8.64
CA GLN B 384 5.01 -12.65 -8.24
C GLN B 384 5.26 -12.77 -6.73
N PHE B 385 4.47 -13.60 -6.06
CA PHE B 385 4.59 -13.81 -4.61
C PHE B 385 5.77 -14.74 -4.38
N THR B 386 5.65 -15.97 -4.88
CA THR B 386 6.75 -16.92 -4.73
C THR B 386 7.92 -16.30 -5.46
N ALA B 387 7.60 -15.33 -6.31
CA ALA B 387 8.63 -14.63 -7.08
C ALA B 387 8.80 -13.21 -6.57
N MET B 388 8.91 -13.08 -5.25
CA MET B 388 9.06 -11.79 -4.60
C MET B 388 8.81 -12.04 -3.15
N PHE B 389 7.60 -11.74 -2.71
CA PHE B 389 7.23 -11.96 -1.31
C PHE B 389 7.72 -13.32 -0.75
N ARG B 390 8.51 -14.03 -1.55
CA ARG B 390 9.09 -15.28 -1.12
C ARG B 390 10.48 -15.27 -1.71
N ARG B 391 10.60 -14.75 -2.92
CA ARG B 391 11.90 -14.67 -3.57
C ARG B 391 12.86 -13.94 -2.62
N LYS B 392 12.26 -13.36 -1.58
CA LYS B 392 12.97 -12.61 -0.55
C LYS B 392 11.96 -11.89 0.34
N ALA B 393 11.68 -10.63 0.03
CA ALA B 393 10.73 -9.87 0.81
C ALA B 393 10.30 -8.51 0.27
N PHE B 394 9.37 -7.93 1.03
CA PHE B 394 8.76 -6.63 0.85
C PHE B 394 7.57 -6.67 1.80
N LEU B 395 7.45 -7.85 2.40
CA LEU B 395 6.40 -8.20 3.35
C LEU B 395 6.63 -7.52 4.68
N HIS B 396 7.83 -7.02 4.88
CA HIS B 396 8.15 -6.35 6.12
C HIS B 396 7.47 -4.97 6.14
N TRP B 397 6.19 -5.00 5.81
CA TRP B 397 5.33 -3.82 5.73
C TRP B 397 3.97 -4.21 6.25
N TYR B 398 3.79 -5.51 6.44
CA TYR B 398 2.54 -6.07 6.91
C TYR B 398 2.67 -6.51 8.36
N THR B 399 3.76 -7.20 8.65
CA THR B 399 4.00 -7.71 10.00
C THR B 399 3.67 -6.64 11.03
N GLY B 400 3.80 -5.38 10.61
CA GLY B 400 3.51 -4.26 11.50
C GLY B 400 2.20 -4.59 12.17
N GLU B 401 1.26 -4.98 11.34
CA GLU B 401 -0.05 -5.36 11.82
C GLU B 401 -0.01 -6.90 11.82
N GLY B 402 0.28 -7.48 12.99
CA GLY B 402 0.36 -8.92 13.13
C GLY B 402 1.02 -9.54 11.93
N MET B 403 0.28 -10.40 11.27
CA MET B 403 0.73 -11.06 10.05
C MET B 403 2.12 -11.68 10.04
N ASP B 404 2.70 -11.91 11.23
CA ASP B 404 4.02 -12.50 11.25
C ASP B 404 4.13 -13.72 10.32
N GLU B 405 5.37 -13.92 9.85
CA GLU B 405 5.79 -15.02 8.98
C GLU B 405 4.83 -15.30 7.86
N MET B 406 4.46 -16.58 7.74
CA MET B 406 3.56 -17.08 6.69
C MET B 406 2.31 -16.25 6.49
N GLU B 407 1.14 -16.90 6.39
CA GLU B 407 -0.09 -16.17 6.18
C GLU B 407 0.08 -15.50 4.80
N PHE B 408 1.26 -15.74 4.21
CA PHE B 408 1.62 -15.23 2.89
C PHE B 408 2.16 -16.43 2.12
N THR B 409 2.28 -17.54 2.83
CA THR B 409 2.78 -18.76 2.24
C THR B 409 1.70 -19.82 2.28
N GLU B 410 0.85 -19.76 3.31
CA GLU B 410 -0.25 -20.69 3.45
C GLU B 410 -1.27 -20.09 2.53
N ALA B 411 -0.97 -18.85 2.16
CA ALA B 411 -1.79 -18.09 1.25
C ALA B 411 -1.19 -18.32 -0.12
N GLU B 412 0.08 -18.70 -0.14
CA GLU B 412 0.76 -18.97 -1.40
C GLU B 412 0.51 -20.45 -1.68
N SER B 413 0.22 -21.19 -0.60
CA SER B 413 -0.10 -22.62 -0.70
C SER B 413 -1.62 -22.73 -0.80
N ASN B 414 -2.19 -22.00 -1.76
CA ASN B 414 -3.62 -22.00 -1.97
C ASN B 414 -3.91 -21.47 -3.37
N MET B 415 -3.97 -20.17 -3.49
CA MET B 415 -4.22 -19.57 -4.78
C MET B 415 -3.20 -20.10 -5.76
N ASN B 416 -2.05 -20.54 -5.29
CA ASN B 416 -1.10 -21.09 -6.25
C ASN B 416 -1.64 -22.46 -6.68
N ASP B 417 -2.32 -23.16 -5.77
CA ASP B 417 -2.89 -24.48 -6.07
C ASP B 417 -3.68 -24.50 -7.38
N LEU B 418 -4.79 -23.75 -7.40
CA LEU B 418 -5.66 -23.66 -8.58
C LEU B 418 -4.92 -24.00 -9.86
N VAL B 419 -3.66 -23.59 -9.95
CA VAL B 419 -2.87 -23.94 -11.11
C VAL B 419 -3.16 -25.41 -11.39
N SER B 420 -2.73 -26.25 -10.46
CA SER B 420 -2.91 -27.69 -10.56
C SER B 420 -4.39 -28.02 -10.69
N GLU B 421 -5.16 -27.68 -9.66
CA GLU B 421 -6.59 -27.92 -9.67
C GLU B 421 -7.12 -27.65 -11.08
N TYR B 422 -7.21 -26.38 -11.44
CA TYR B 422 -7.69 -25.98 -12.76
C TYR B 422 -7.07 -26.78 -13.88
N GLN B 423 -5.74 -26.92 -13.88
CA GLN B 423 -5.06 -27.67 -14.93
C GLN B 423 -5.52 -29.12 -15.07
N GLN B 424 -6.33 -29.58 -14.12
CA GLN B 424 -6.82 -30.95 -14.13
C GLN B 424 -8.00 -31.23 -15.07
N TYR B 425 -8.63 -30.19 -15.60
CA TYR B 425 -9.75 -30.37 -16.55
C TYR B 425 -9.46 -29.53 -17.78
N GLN B 426 -8.56 -28.57 -17.62
CA GLN B 426 -8.16 -27.69 -18.70
C GLN B 426 -7.83 -28.59 -19.85
N ASP B 427 -6.98 -29.57 -19.57
CA ASP B 427 -6.51 -30.61 -20.50
C ASP B 427 -6.54 -30.33 -22.01
N MET C 1 -6.61 17.95 4.45
CA MET C 1 -7.20 17.57 5.78
C MET C 1 -6.14 17.11 6.79
N ARG C 2 -5.79 15.82 6.74
CA ARG C 2 -4.78 15.23 7.64
C ARG C 2 -3.38 15.79 7.36
N GLU C 3 -2.91 16.67 8.24
CA GLU C 3 -1.61 17.32 8.07
C GLU C 3 -0.46 16.60 8.79
N CYS C 4 0.68 16.46 8.08
CA CYS C 4 1.87 15.85 8.64
C CYS C 4 2.64 17.04 9.22
N ILE C 5 3.33 16.83 10.34
CA ILE C 5 4.09 17.93 10.96
C ILE C 5 5.54 17.95 10.51
N SER C 6 6.11 19.14 10.41
CA SER C 6 7.51 19.29 10.01
C SER C 6 8.31 20.07 11.07
N ILE C 7 9.54 19.64 11.33
CA ILE C 7 10.40 20.27 12.33
C ILE C 7 11.84 20.37 11.82
N HIS C 8 12.32 21.58 11.52
CA HIS C 8 13.68 21.75 11.01
C HIS C 8 14.67 22.18 12.09
N VAL C 9 15.51 21.25 12.54
CA VAL C 9 16.51 21.50 13.58
C VAL C 9 17.85 21.76 12.96
N GLY C 10 18.47 22.88 13.28
CA GLY C 10 19.78 23.16 12.73
C GLY C 10 19.99 24.00 11.49
N GLN C 11 20.64 25.15 11.68
CA GLN C 11 20.97 26.10 10.61
C GLN C 11 20.78 25.55 9.20
N ALA C 12 21.48 24.46 8.88
CA ALA C 12 21.37 23.87 7.55
C ALA C 12 19.94 23.54 7.26
N GLY C 13 19.23 23.13 8.30
CA GLY C 13 17.82 22.82 8.13
C GLY C 13 17.00 24.08 8.19
N VAL C 14 17.21 24.89 9.22
CA VAL C 14 16.48 26.13 9.36
C VAL C 14 16.59 26.92 8.09
N GLN C 15 17.81 27.17 7.63
CA GLN C 15 17.99 27.90 6.40
C GLN C 15 17.19 27.23 5.26
N ILE C 16 17.39 25.92 5.02
CA ILE C 16 16.64 25.21 3.98
C ILE C 16 15.17 25.52 4.22
N GLY C 17 14.59 24.81 5.18
CA GLY C 17 13.20 24.99 5.52
C GLY C 17 12.77 26.42 5.33
N ASN C 18 13.56 27.35 5.85
CA ASN C 18 13.24 28.77 5.75
C ASN C 18 12.95 29.20 4.32
N ALA C 19 13.65 28.59 3.38
CA ALA C 19 13.48 28.92 1.97
C ALA C 19 12.52 27.97 1.25
N CYS C 20 11.81 27.16 2.02
CA CYS C 20 10.86 26.23 1.42
C CYS C 20 9.46 26.77 1.58
N TRP C 21 9.13 27.26 2.76
CA TRP C 21 7.82 27.81 2.92
C TRP C 21 7.84 29.08 2.07
N GLU C 22 8.99 29.38 1.49
CA GLU C 22 9.10 30.54 0.60
C GLU C 22 8.75 29.98 -0.78
N LEU C 23 9.09 28.71 -0.99
CA LEU C 23 8.81 28.06 -2.26
C LEU C 23 7.38 27.60 -2.14
N TYR C 24 6.99 27.24 -0.92
CA TYR C 24 5.63 26.80 -0.69
C TYR C 24 4.71 28.02 -0.81
N CYS C 25 4.97 28.84 -1.83
CA CYS C 25 4.15 30.02 -2.10
C CYS C 25 3.22 29.55 -3.20
N LEU C 26 3.26 28.24 -3.45
CA LEU C 26 2.39 27.65 -4.44
C LEU C 26 0.96 27.65 -3.87
N GLU C 27 0.20 28.65 -4.31
CA GLU C 27 -1.19 28.90 -3.94
C GLU C 27 -1.54 29.27 -2.51
N HIS C 28 -2.85 29.30 -2.28
CA HIS C 28 -3.47 29.66 -1.01
C HIS C 28 -2.81 29.17 0.30
N GLY C 29 -2.13 30.10 0.97
CA GLY C 29 -1.44 29.85 2.22
C GLY C 29 -0.48 31.01 2.41
N ILE C 30 -0.97 32.22 2.12
CA ILE C 30 -0.20 33.45 2.21
C ILE C 30 -0.98 34.62 2.81
N GLN C 31 -1.89 35.22 2.03
CA GLN C 31 -2.68 36.38 2.48
C GLN C 31 -3.35 36.23 3.83
N PRO C 32 -3.72 37.37 4.46
CA PRO C 32 -4.37 37.49 5.76
C PRO C 32 -4.70 36.19 6.49
N ASP C 33 -3.69 35.34 6.58
CA ASP C 33 -3.82 34.06 7.24
C ASP C 33 -3.01 34.20 8.51
N GLY C 34 -2.24 35.28 8.60
CA GLY C 34 -1.45 35.50 9.79
C GLY C 34 -2.41 35.27 10.95
N GLN C 35 -2.19 34.19 11.69
CA GLN C 35 -3.05 33.88 12.84
C GLN C 35 -4.50 33.56 12.44
N MET C 36 -4.73 33.35 11.15
CA MET C 36 -6.03 32.98 10.62
C MET C 36 -5.90 31.53 10.20
N PRO C 37 -6.05 30.59 11.16
CA PRO C 37 -5.93 29.15 10.91
C PRO C 37 -7.09 28.60 10.10
N SER C 38 -8.21 29.28 10.28
CA SER C 38 -9.47 28.93 9.64
C SER C 38 -9.38 28.65 8.12
N ASP C 39 -10.54 28.27 7.56
CA ASP C 39 -10.69 27.97 6.14
C ASP C 39 -10.35 26.51 5.77
N LYS C 40 -9.76 26.35 4.58
CA LYS C 40 -9.32 25.06 4.05
C LYS C 40 -8.29 24.39 4.96
N THR C 41 -8.21 23.07 4.90
CA THR C 41 -7.29 22.31 5.73
C THR C 41 -6.00 21.82 5.07
N ILE C 42 -5.18 22.71 4.50
CA ILE C 42 -3.91 22.25 3.94
C ILE C 42 -2.89 23.23 3.36
N GLY C 43 -1.63 22.89 3.65
CA GLY C 43 -0.48 23.68 3.24
C GLY C 43 0.06 24.10 4.59
N GLY C 44 -0.72 23.73 5.60
CA GLY C 44 -0.46 24.05 6.98
C GLY C 44 -1.69 24.87 7.33
N GLY C 45 -2.55 24.35 8.21
CA GLY C 45 -3.77 25.06 8.58
C GLY C 45 -3.44 26.35 9.28
N ASP C 46 -2.16 26.66 9.18
CA ASP C 46 -1.53 27.82 9.76
C ASP C 46 -0.08 27.67 9.26
N ASP C 47 0.03 27.36 7.95
CA ASP C 47 1.31 27.15 7.26
C ASP C 47 2.55 27.50 8.10
N ALA C 65 4.76 22.85 12.00
CA ALA C 65 5.53 24.08 12.01
C ALA C 65 6.33 24.27 13.30
N VAL C 66 7.55 23.73 13.33
CA VAL C 66 8.41 23.82 14.52
C VAL C 66 9.83 24.13 14.06
N PHE C 67 10.34 25.31 14.40
CA PHE C 67 11.72 25.70 14.04
C PHE C 67 12.61 25.71 15.29
N VAL C 68 13.40 24.65 15.45
CA VAL C 68 14.24 24.55 16.61
C VAL C 68 15.68 24.47 16.24
N ASP C 69 16.41 25.54 16.50
CA ASP C 69 17.84 25.57 16.24
C ASP C 69 18.51 25.71 17.59
N LEU C 70 19.80 25.49 17.61
CA LEU C 70 20.51 25.59 18.85
C LEU C 70 21.34 26.84 18.92
N GLU C 71 21.34 27.59 17.82
CA GLU C 71 22.10 28.84 17.70
C GLU C 71 21.09 29.99 17.52
N PRO C 72 20.60 30.56 18.63
CA PRO C 72 19.63 31.66 18.54
C PRO C 72 20.07 32.82 17.67
N THR C 73 19.94 32.64 16.36
CA THR C 73 20.36 33.69 15.45
C THR C 73 20.04 33.35 14.01
N VAL C 74 20.63 32.26 13.52
CA VAL C 74 20.39 31.84 12.15
C VAL C 74 18.88 31.62 12.08
N ILE C 75 18.34 31.20 13.21
CA ILE C 75 16.94 30.92 13.33
C ILE C 75 16.29 32.17 13.91
N ASP C 76 16.98 33.31 13.80
CA ASP C 76 16.46 34.59 14.32
C ASP C 76 16.14 35.53 13.16
N GLU C 77 16.48 35.11 11.95
CA GLU C 77 16.15 35.87 10.75
C GLU C 77 14.71 35.42 10.36
N VAL C 78 13.82 35.53 11.35
CA VAL C 78 12.43 35.15 11.19
C VAL C 78 11.62 36.04 12.14
N ARG C 79 11.98 36.05 13.42
CA ARG C 79 11.23 36.84 14.40
C ARG C 79 11.90 38.14 14.85
N THR C 80 13.02 38.03 15.57
CA THR C 80 13.78 39.20 16.06
C THR C 80 14.71 39.72 14.95
N GLY C 81 14.18 40.67 14.20
CA GLY C 81 14.89 41.23 13.07
C GLY C 81 14.05 40.67 11.93
N THR C 82 13.51 39.48 12.19
CA THR C 82 12.65 38.80 11.23
C THR C 82 13.47 38.47 10.00
N TYR C 83 12.81 38.50 8.85
CA TYR C 83 13.46 38.22 7.56
C TYR C 83 12.39 38.14 6.46
N ARG C 84 11.80 39.29 6.13
CA ARG C 84 10.79 39.35 5.10
C ARG C 84 9.50 38.65 5.50
N GLN C 85 9.49 38.02 6.67
CA GLN C 85 8.27 37.32 7.07
C GLN C 85 8.28 36.62 8.42
N LEU C 86 7.11 36.09 8.78
CA LEU C 86 6.93 35.39 10.05
C LEU C 86 5.61 34.60 10.09
N PHE C 87 5.73 33.29 10.36
CA PHE C 87 4.57 32.42 10.44
C PHE C 87 3.90 32.60 11.77
N HIS C 88 4.52 32.12 12.84
CA HIS C 88 3.89 32.25 14.15
C HIS C 88 4.82 32.33 15.33
N PRO C 89 5.37 33.52 15.61
CA PRO C 89 6.30 33.71 16.74
C PRO C 89 5.89 32.89 17.95
N GLU C 90 6.50 31.70 18.07
CA GLU C 90 6.20 30.79 19.15
C GLU C 90 6.66 29.39 18.76
N GLN C 91 6.52 29.06 17.47
CA GLN C 91 6.88 27.74 16.92
C GLN C 91 8.36 27.63 16.53
N LEU C 92 9.15 28.63 16.93
CA LEU C 92 10.57 28.61 16.63
C LEU C 92 11.40 28.61 17.90
N ILE C 93 11.51 27.44 18.49
CA ILE C 93 12.26 27.26 19.73
C ILE C 93 13.68 27.73 19.50
N THR C 94 14.32 28.21 20.57
CA THR C 94 15.68 28.72 20.46
C THR C 94 16.36 28.79 21.82
N GLY C 95 17.70 28.64 21.81
CA GLY C 95 18.46 28.69 23.05
C GLY C 95 19.35 29.91 23.21
N LYS C 96 20.57 29.67 23.69
CA LYS C 96 21.55 30.73 23.90
C LYS C 96 22.92 30.18 23.53
N GLU C 97 23.12 28.94 23.96
CA GLU C 97 24.35 28.17 23.74
C GLU C 97 24.83 28.28 22.32
N ASP C 98 25.45 29.43 22.01
CA ASP C 98 26.00 29.80 20.71
C ASP C 98 25.99 28.72 19.59
N ALA C 99 26.17 27.46 20.00
CA ALA C 99 26.20 26.31 19.10
C ALA C 99 26.50 25.06 19.93
N ALA C 100 27.52 24.33 19.48
CA ALA C 100 27.97 23.11 20.13
C ALA C 100 29.03 22.50 19.18
N ASN C 101 28.62 21.51 18.40
CA ASN C 101 29.48 20.83 17.42
C ASN C 101 30.37 19.73 17.96
N ASN C 102 29.76 18.86 18.76
CA ASN C 102 30.45 17.70 19.35
C ASN C 102 29.32 16.67 19.57
N TYR C 103 28.45 16.53 18.57
CA TYR C 103 27.30 15.61 18.62
C TYR C 103 26.87 15.47 20.04
N ALA C 104 27.64 14.74 20.83
CA ALA C 104 27.29 14.61 22.22
C ALA C 104 26.95 16.03 22.65
N ARG C 105 27.81 16.97 22.26
CA ARG C 105 27.62 18.38 22.59
C ARG C 105 26.47 18.86 21.72
N GLY C 106 25.24 18.57 22.16
CA GLY C 106 24.06 18.97 21.42
C GLY C 106 23.06 17.81 21.29
N HIS C 107 23.53 16.60 21.56
CA HIS C 107 22.68 15.43 21.50
C HIS C 107 22.44 15.01 22.93
N TYR C 108 23.46 15.22 23.77
CA TYR C 108 23.38 14.90 25.18
C TYR C 108 23.38 16.23 25.92
N THR C 109 24.50 16.53 26.57
CA THR C 109 24.70 17.75 27.34
C THR C 109 23.62 18.81 27.09
N ILE C 110 23.92 19.74 26.19
CA ILE C 110 22.97 20.80 25.87
C ILE C 110 21.60 20.29 25.39
N GLY C 111 21.62 19.50 24.33
CA GLY C 111 20.37 18.97 23.82
C GLY C 111 19.43 18.68 24.97
N LYS C 112 19.84 17.81 25.88
CA LYS C 112 19.02 17.45 27.00
C LYS C 112 18.29 18.62 27.62
N GLU C 113 18.70 19.85 27.33
CA GLU C 113 17.98 20.99 27.91
C GLU C 113 16.80 21.42 27.05
N ILE C 114 17.07 21.85 25.81
CA ILE C 114 15.99 22.24 24.92
C ILE C 114 15.67 21.03 24.08
N ILE C 115 14.81 20.17 24.63
CA ILE C 115 14.37 18.95 23.99
C ILE C 115 12.97 18.66 24.58
N ASP C 116 12.66 19.38 25.64
CA ASP C 116 11.37 19.26 26.32
C ASP C 116 10.52 20.51 26.13
N LEU C 117 11.03 21.44 25.35
CA LEU C 117 10.27 22.63 25.07
C LEU C 117 9.92 22.37 23.64
N VAL C 118 10.78 21.62 22.98
CA VAL C 118 10.57 21.24 21.58
C VAL C 118 9.65 20.02 21.52
N LEU C 119 9.88 19.04 22.40
CA LEU C 119 9.04 17.88 22.37
C LEU C 119 7.65 18.20 22.87
N ASP C 120 7.57 19.22 23.74
CA ASP C 120 6.31 19.70 24.33
C ASP C 120 5.55 20.50 23.28
N ARG C 121 6.25 21.45 22.67
CA ARG C 121 5.66 22.27 21.64
C ARG C 121 5.13 21.30 20.55
N ILE C 122 6.01 20.48 20.00
CA ILE C 122 5.56 19.55 18.98
C ILE C 122 4.26 18.87 19.41
N ARG C 123 4.30 18.03 20.44
CA ARG C 123 3.11 17.33 20.93
C ARG C 123 1.95 18.31 20.97
N LYS C 124 2.22 19.53 21.39
CA LYS C 124 1.18 20.54 21.46
C LYS C 124 1.07 21.24 20.12
N LEU C 125 1.10 20.43 19.08
CA LEU C 125 0.99 20.89 17.72
C LEU C 125 0.59 19.64 16.95
N ALA C 126 1.37 18.59 17.20
CA ALA C 126 1.16 17.28 16.58
C ALA C 126 -0.12 16.73 17.16
N ASP C 127 -0.67 17.46 18.11
CA ASP C 127 -1.91 17.02 18.75
C ASP C 127 -2.91 18.15 18.72
N GLN C 128 -3.23 18.56 17.49
CA GLN C 128 -4.19 19.63 17.17
C GLN C 128 -4.94 19.17 15.93
N CYS C 129 -6.27 19.20 15.98
CA CYS C 129 -7.12 18.73 14.87
C CYS C 129 -6.87 17.23 14.61
N THR C 130 -7.90 16.46 14.93
CA THR C 130 -7.90 15.02 14.84
C THR C 130 -7.16 14.38 13.68
N GLY C 131 -6.65 13.17 13.93
CA GLY C 131 -5.94 12.40 12.93
C GLY C 131 -4.58 12.92 12.53
N LEU C 132 -3.52 12.44 13.19
CA LEU C 132 -2.16 12.91 12.92
C LEU C 132 -1.54 12.30 11.68
N GLN C 133 -0.68 11.29 11.88
CA GLN C 133 -0.05 10.61 10.76
C GLN C 133 1.01 11.46 10.03
N GLY C 134 2.25 11.43 10.49
CA GLY C 134 3.30 12.20 9.82
C GLY C 134 4.25 13.15 10.54
N PHE C 135 5.49 13.20 10.07
CA PHE C 135 6.53 14.06 10.62
C PHE C 135 7.65 14.29 9.63
N SER C 136 7.68 15.44 8.97
CA SER C 136 8.75 15.69 8.04
C SER C 136 9.85 16.49 8.72
N VAL C 137 10.88 15.77 9.19
CA VAL C 137 12.06 16.34 9.87
C VAL C 137 13.10 16.80 8.89
N PHE C 138 13.16 18.11 8.66
CA PHE C 138 14.16 18.68 7.77
C PHE C 138 15.43 18.66 8.64
N HIS C 139 16.48 18.01 8.14
CA HIS C 139 17.68 17.82 8.92
C HIS C 139 18.91 18.58 8.56
N SER C 140 19.97 17.80 8.29
CA SER C 140 21.31 18.25 7.93
C SER C 140 22.29 17.69 8.95
N PHE C 141 23.07 16.68 8.59
CA PHE C 141 23.98 16.14 9.57
C PHE C 141 25.39 16.53 9.27
N GLY C 142 26.22 16.41 10.31
CA GLY C 142 27.63 16.74 10.25
C GLY C 142 28.00 17.91 11.14
N GLY C 143 27.13 18.22 12.09
CA GLY C 143 27.44 19.35 12.94
C GLY C 143 26.60 19.60 14.17
N GLY C 144 26.54 18.61 15.06
CA GLY C 144 25.78 18.76 16.28
C GLY C 144 24.57 19.65 16.15
N THR C 145 24.00 20.05 17.28
CA THR C 145 22.82 20.88 17.23
C THR C 145 21.90 20.15 16.29
N GLY C 146 21.93 20.54 15.02
CA GLY C 146 21.08 19.89 14.03
C GLY C 146 21.64 18.56 13.54
N SER C 147 22.66 18.06 14.21
CA SER C 147 23.26 16.81 13.80
C SER C 147 23.18 15.86 14.99
N GLY C 148 23.20 16.45 16.18
CA GLY C 148 23.16 15.68 17.41
C GLY C 148 21.88 15.86 18.21
N PHE C 149 21.22 17.01 18.06
CA PHE C 149 19.97 17.27 18.78
C PHE C 149 18.74 16.57 18.19
N THR C 150 18.79 16.29 16.89
CA THR C 150 17.72 15.60 16.17
C THR C 150 17.85 14.08 16.36
N SER C 151 19.07 13.65 16.62
CA SER C 151 19.40 12.26 16.86
C SER C 151 18.62 11.90 18.11
N LEU C 152 18.24 12.93 18.85
CA LEU C 152 17.47 12.81 20.10
C LEU C 152 16.00 13.14 19.88
N LEU C 153 15.75 14.22 19.14
CA LEU C 153 14.38 14.61 18.83
C LEU C 153 13.62 13.32 18.49
N MET C 154 14.03 12.68 17.41
CA MET C 154 13.42 11.43 16.94
C MET C 154 13.39 10.35 18.00
N GLU C 155 14.51 10.14 18.69
CA GLU C 155 14.57 9.12 19.73
C GLU C 155 13.43 9.39 20.70
N ARG C 156 12.94 10.62 20.67
CA ARG C 156 11.85 11.04 21.52
C ARG C 156 10.53 10.79 20.82
N LEU C 157 10.36 11.43 19.66
CA LEU C 157 9.15 11.28 18.87
C LEU C 157 8.79 9.80 18.73
N SER C 158 9.72 9.00 18.21
CA SER C 158 9.52 7.57 18.03
C SER C 158 9.01 6.93 19.30
N VAL C 159 9.20 7.63 20.41
CA VAL C 159 8.77 7.14 21.71
C VAL C 159 7.34 7.54 21.99
N ASP C 160 6.86 8.57 21.28
CA ASP C 160 5.50 9.07 21.48
C ASP C 160 4.70 9.31 20.21
N TYR C 161 4.97 8.52 19.17
CA TYR C 161 4.28 8.62 17.89
C TYR C 161 4.63 7.39 17.04
N GLY C 162 5.14 6.36 17.70
CA GLY C 162 5.54 5.14 17.01
C GLY C 162 4.70 4.80 15.80
N LYS C 163 3.38 4.90 15.96
CA LYS C 163 2.43 4.55 14.91
C LYS C 163 2.47 5.53 13.75
N LYS C 164 3.20 6.63 13.94
CA LYS C 164 3.31 7.66 12.92
C LYS C 164 4.61 7.46 12.15
N SER C 165 4.59 7.83 10.87
CA SER C 165 5.76 7.70 9.98
C SER C 165 6.64 8.94 10.09
N LYS C 166 7.86 8.86 9.56
CA LYS C 166 8.81 9.98 9.58
C LYS C 166 9.68 10.13 8.33
N LEU C 167 9.68 11.33 7.76
CA LEU C 167 10.51 11.59 6.60
C LEU C 167 11.58 12.53 7.10
N GLU C 168 12.69 12.64 6.38
CA GLU C 168 13.78 13.53 6.80
C GLU C 168 14.69 13.83 5.64
N PHE C 169 14.75 15.10 5.24
CA PHE C 169 15.61 15.51 4.15
C PHE C 169 16.94 15.91 4.77
N SER C 170 17.72 14.94 5.24
CA SER C 170 18.99 15.28 5.85
C SER C 170 20.05 15.68 4.82
N ILE C 171 20.51 16.92 4.92
CA ILE C 171 21.53 17.48 4.04
C ILE C 171 22.90 16.84 4.28
N TYR C 172 23.41 16.15 3.26
CA TYR C 172 24.70 15.46 3.34
C TYR C 172 25.84 16.45 3.16
N PRO C 173 26.93 16.25 3.93
CA PRO C 173 28.12 17.12 3.90
C PRO C 173 28.66 17.33 2.48
N ALA C 174 29.48 18.35 2.30
CA ALA C 174 30.02 18.63 0.98
C ALA C 174 31.54 18.46 0.85
N PRO C 175 31.99 17.51 0.01
CA PRO C 175 33.40 17.18 -0.27
C PRO C 175 34.26 18.42 -0.29
N GLN C 176 33.62 19.59 -0.46
CA GLN C 176 34.33 20.85 -0.42
C GLN C 176 34.64 20.89 1.06
N VAL C 177 34.41 19.73 1.67
CA VAL C 177 34.57 19.44 3.09
C VAL C 177 34.44 20.66 4.00
N SER C 178 33.28 20.77 4.63
CA SER C 178 33.05 21.87 5.56
C SER C 178 33.21 21.23 6.93
N THR C 179 34.37 21.49 7.56
CA THR C 179 34.68 20.97 8.90
C THR C 179 35.19 19.52 8.98
N ALA C 180 36.05 19.28 9.96
CA ALA C 180 36.61 17.97 10.23
C ALA C 180 35.76 17.61 11.42
N VAL C 181 35.94 16.43 11.99
CA VAL C 181 35.09 16.00 13.10
C VAL C 181 33.69 15.99 12.53
N VAL C 182 33.57 16.47 11.30
CA VAL C 182 32.29 16.56 10.60
C VAL C 182 32.00 15.19 10.01
N GLU C 183 32.95 14.67 9.27
CA GLU C 183 32.77 13.40 8.64
C GLU C 183 32.12 12.54 9.67
N PRO C 184 32.83 12.22 10.76
CA PRO C 184 32.40 11.38 11.89
C PRO C 184 31.07 11.61 12.59
N TYR C 185 30.41 12.73 12.37
CA TYR C 185 29.12 12.91 13.00
C TYR C 185 28.14 11.90 12.38
N ASN C 186 27.99 11.98 11.07
CA ASN C 186 27.12 11.09 10.32
C ASN C 186 27.08 9.75 11.00
N SER C 187 28.23 9.12 11.14
CA SER C 187 28.33 7.81 11.77
C SER C 187 27.77 7.71 13.19
N ILE C 188 28.24 8.52 14.14
CA ILE C 188 27.69 8.42 15.49
C ILE C 188 26.27 8.98 15.45
N LEU C 189 25.79 9.32 14.26
CA LEU C 189 24.43 9.86 14.09
C LEU C 189 23.49 8.79 13.52
N THR C 190 23.78 8.33 12.31
CA THR C 190 22.98 7.31 11.67
C THR C 190 22.71 6.19 12.65
N THR C 191 23.78 5.56 13.16
CA THR C 191 23.71 4.45 14.12
C THR C 191 22.43 4.27 14.93
N HIS C 192 21.68 5.34 15.14
CA HIS C 192 20.44 5.26 15.91
C HIS C 192 19.40 6.18 15.32
N THR C 193 19.79 7.03 14.39
CA THR C 193 18.80 7.90 13.79
C THR C 193 18.16 7.14 12.62
N THR C 194 18.00 5.83 12.83
CA THR C 194 17.39 4.94 11.84
C THR C 194 16.29 4.10 12.53
N LEU C 195 16.41 2.78 12.47
CA LEU C 195 15.44 1.88 13.09
C LEU C 195 14.64 2.53 14.18
N GLU C 196 15.35 3.21 15.06
CA GLU C 196 14.77 3.91 16.19
C GLU C 196 14.06 5.16 15.70
N HIS C 197 13.63 5.12 14.42
CA HIS C 197 12.91 6.19 13.74
C HIS C 197 13.18 6.26 12.25
N SER C 198 12.37 7.05 11.55
CA SER C 198 12.52 7.27 10.12
C SER C 198 12.33 6.07 9.21
N ASP C 199 11.34 6.12 8.34
CA ASP C 199 11.09 5.04 7.41
C ASP C 199 11.77 5.42 6.09
N CYS C 200 11.81 6.72 5.81
CA CYS C 200 12.40 7.23 4.59
C CYS C 200 13.28 8.41 4.97
N ALA C 201 14.22 8.79 4.10
CA ALA C 201 15.13 9.93 4.35
C ALA C 201 15.84 10.30 3.07
N PHE C 202 15.64 11.52 2.59
CA PHE C 202 16.25 11.96 1.34
C PHE C 202 17.61 12.65 1.43
N MET C 203 18.69 11.90 1.22
CA MET C 203 20.05 12.44 1.28
C MET C 203 20.27 13.54 0.26
N VAL C 204 20.75 14.70 0.67
CA VAL C 204 20.99 15.78 -0.27
C VAL C 204 22.41 15.88 -0.82
N ASP C 205 23.42 15.90 0.04
CA ASP C 205 24.83 16.00 -0.40
C ASP C 205 25.17 17.33 -1.10
N ASN C 206 25.35 18.37 -0.29
CA ASN C 206 25.67 19.70 -0.81
C ASN C 206 26.63 19.70 -1.99
N GLU C 207 27.58 18.76 -1.96
CA GLU C 207 28.55 18.64 -3.04
C GLU C 207 27.77 18.84 -4.33
N ALA C 208 26.79 17.98 -4.51
CA ALA C 208 25.91 18.00 -5.66
C ALA C 208 25.71 19.40 -6.22
N ILE C 209 24.87 20.19 -5.52
CA ILE C 209 24.49 21.56 -5.91
C ILE C 209 25.64 22.55 -6.14
N TYR C 210 26.61 22.57 -5.20
CA TYR C 210 27.76 23.46 -5.36
C TYR C 210 28.42 23.09 -6.68
N ASP C 211 27.83 22.12 -7.37
CA ASP C 211 28.31 21.63 -8.65
C ASP C 211 27.27 21.90 -9.72
N ILE C 212 26.03 21.51 -9.43
CA ILE C 212 24.95 21.68 -10.41
C ILE C 212 24.50 23.14 -10.47
N CYS C 213 24.37 23.78 -9.31
CA CYS C 213 23.91 25.16 -9.29
C CYS C 213 25.07 26.05 -9.72
N ARG C 214 26.10 25.41 -10.25
CA ARG C 214 27.27 26.11 -10.74
C ARG C 214 27.40 25.78 -12.24
N ARG C 215 26.77 24.67 -12.65
CA ARG C 215 26.80 24.20 -14.04
C ARG C 215 25.48 24.52 -14.72
N ASN C 216 24.49 23.66 -14.49
CA ASN C 216 23.18 23.86 -15.10
C ASN C 216 22.54 25.20 -14.72
N LEU C 217 23.13 25.87 -13.72
CA LEU C 217 22.61 27.16 -13.28
C LEU C 217 23.69 28.23 -13.22
N ASP C 218 24.81 27.97 -13.88
CA ASP C 218 25.89 28.94 -13.88
C ASP C 218 26.22 29.23 -12.41
N ILE C 219 26.25 30.51 -12.05
CA ILE C 219 26.56 30.90 -10.69
C ILE C 219 28.00 30.49 -10.35
N GLU C 220 28.80 31.48 -9.94
CA GLU C 220 30.18 31.26 -9.59
C GLU C 220 30.40 30.64 -8.20
N ARG C 221 29.98 31.38 -7.18
CA ARG C 221 30.14 30.96 -5.79
C ARG C 221 28.78 30.67 -5.14
N PRO C 222 28.14 29.57 -5.54
CA PRO C 222 26.84 29.10 -5.06
C PRO C 222 26.51 29.38 -3.58
N THR C 223 26.00 30.58 -3.29
CA THR C 223 25.64 30.94 -1.91
C THR C 223 24.58 30.02 -1.29
N TYR C 224 24.67 29.79 0.02
CA TYR C 224 23.73 28.91 0.72
C TYR C 224 22.31 29.04 0.22
N THR C 225 21.84 30.28 0.02
CA THR C 225 20.48 30.50 -0.45
C THR C 225 20.29 29.93 -1.85
N ASN C 226 21.34 30.07 -2.66
CA ASN C 226 21.34 29.56 -4.03
C ASN C 226 21.13 28.06 -3.91
N LEU C 227 21.82 27.50 -2.95
CA LEU C 227 21.73 26.09 -2.70
C LEU C 227 20.44 25.77 -1.94
N ASN C 228 19.83 26.78 -1.35
CA ASN C 228 18.59 26.55 -0.63
C ASN C 228 17.43 26.73 -1.57
N ARG C 229 17.57 27.66 -2.52
CA ARG C 229 16.53 27.91 -3.52
C ARG C 229 16.49 26.76 -4.53
N LEU C 230 17.27 25.72 -4.26
CA LEU C 230 17.35 24.55 -5.13
C LEU C 230 17.13 23.22 -4.41
N ILE C 231 17.46 23.14 -3.14
CA ILE C 231 17.20 21.90 -2.43
C ILE C 231 15.74 22.11 -2.04
N GLY C 232 15.35 23.39 -2.02
CA GLY C 232 14.00 23.79 -1.65
C GLY C 232 12.98 23.46 -2.72
N GLN C 233 13.38 23.58 -3.98
CA GLN C 233 12.48 23.26 -5.09
C GLN C 233 12.19 21.76 -5.05
N ILE C 234 13.26 20.98 -5.07
CA ILE C 234 13.17 19.53 -5.05
C ILE C 234 12.23 19.03 -3.96
N VAL C 235 12.36 19.57 -2.76
CA VAL C 235 11.50 19.18 -1.66
C VAL C 235 10.03 19.35 -2.00
N SER C 236 9.71 20.42 -2.73
CA SER C 236 8.32 20.63 -3.12
C SER C 236 7.99 19.45 -4.03
N SER C 237 8.80 19.30 -5.07
CA SER C 237 8.60 18.22 -6.02
C SER C 237 8.78 16.84 -5.41
N ILE C 238 8.29 16.73 -4.17
CA ILE C 238 8.27 15.49 -3.40
C ILE C 238 7.12 15.75 -2.46
N THR C 239 7.45 16.08 -1.22
CA THR C 239 6.44 16.35 -0.21
C THR C 239 5.30 17.00 -0.91
N ALA C 240 5.43 18.31 -1.11
CA ALA C 240 4.40 19.07 -1.77
C ALA C 240 3.92 18.33 -3.02
N SER C 241 4.86 18.01 -3.92
CA SER C 241 4.58 17.30 -5.17
C SER C 241 3.60 16.14 -5.01
N LEU C 242 3.53 15.60 -3.81
CA LEU C 242 2.65 14.48 -3.56
C LEU C 242 2.04 14.62 -2.19
N ARG C 243 1.51 15.80 -1.88
CA ARG C 243 0.91 15.95 -0.55
C ARG C 243 -0.29 16.87 -0.43
N PHE C 244 -0.94 17.07 -1.57
CA PHE C 244 -2.17 17.87 -1.68
C PHE C 244 -3.20 17.32 -2.71
N ASP C 245 -3.79 16.15 -2.40
CA ASP C 245 -4.78 15.51 -3.27
C ASP C 245 -4.64 16.01 -4.72
N GLY C 246 -5.67 16.70 -5.21
CA GLY C 246 -5.65 17.23 -6.55
C GLY C 246 -6.22 16.25 -7.54
N ALA C 247 -5.32 15.46 -8.14
CA ALA C 247 -5.67 14.44 -9.12
C ALA C 247 -5.01 13.12 -8.69
N LEU C 248 -4.06 12.61 -9.49
CA LEU C 248 -3.36 11.38 -9.13
C LEU C 248 -2.73 11.74 -7.81
N ASN C 249 -2.81 10.87 -6.83
CA ASN C 249 -2.26 11.26 -5.54
C ASN C 249 -1.31 10.30 -4.81
N VAL C 250 -1.28 10.40 -3.47
CA VAL C 250 -0.41 9.57 -2.62
C VAL C 250 -0.70 9.80 -1.11
N ASP C 251 -0.26 8.87 -0.27
CA ASP C 251 -0.39 9.00 1.19
C ASP C 251 0.97 8.70 1.81
N LEU C 252 1.33 9.47 2.85
CA LEU C 252 2.60 9.32 3.52
C LEU C 252 2.83 7.86 3.87
N THR C 253 1.78 7.17 4.31
CA THR C 253 1.88 5.77 4.67
C THR C 253 2.34 5.06 3.44
N GLU C 254 1.79 5.50 2.33
CA GLU C 254 2.12 4.91 1.05
C GLU C 254 3.22 5.68 0.34
N PHE C 255 4.32 5.92 1.07
CA PHE C 255 5.46 6.63 0.50
C PHE C 255 6.61 5.63 0.48
N GLN C 256 6.63 4.75 1.47
CA GLN C 256 7.68 3.74 1.56
C GLN C 256 7.29 2.53 0.72
N THR C 257 6.04 2.11 0.89
CA THR C 257 5.50 0.96 0.18
C THR C 257 6.07 0.98 -1.23
N ASN C 258 6.40 2.17 -1.66
CA ASN C 258 6.97 2.38 -2.97
C ASN C 258 8.09 3.38 -2.69
N LEU C 259 9.32 2.88 -2.59
CA LEU C 259 10.52 3.69 -2.31
C LEU C 259 11.28 3.07 -1.16
N VAL C 260 10.64 2.17 -0.44
CA VAL C 260 11.29 1.61 0.69
C VAL C 260 11.31 0.09 0.86
N PRO C 261 12.26 -0.58 0.18
CA PRO C 261 12.45 -2.03 0.20
C PRO C 261 12.34 -2.69 1.57
N TYR C 262 13.38 -2.58 2.37
CA TYR C 262 13.34 -3.21 3.67
C TYR C 262 13.40 -2.21 4.84
N PRO C 263 12.98 -2.67 6.06
CA PRO C 263 13.00 -1.77 7.20
C PRO C 263 14.30 -1.03 7.27
N ARG C 264 15.34 -1.63 6.71
CA ARG C 264 16.65 -0.98 6.70
C ARG C 264 16.60 0.34 5.92
N ALA C 265 15.72 1.20 6.48
CA ALA C 265 15.39 2.56 6.06
C ALA C 265 15.85 3.15 4.76
N HIS C 266 16.35 2.30 3.87
CA HIS C 266 16.89 2.70 2.58
C HIS C 266 16.62 4.16 2.18
N PHE C 267 17.69 4.81 1.75
CA PHE C 267 17.67 6.21 1.39
C PHE C 267 17.43 6.38 -0.08
N PRO C 268 16.23 6.76 -0.44
CA PRO C 268 15.91 6.96 -1.85
C PRO C 268 16.70 8.12 -2.46
N LEU C 269 17.18 7.95 -3.69
CA LEU C 269 17.96 8.99 -4.38
C LEU C 269 17.07 9.89 -5.20
N ALA C 270 17.25 11.20 -5.06
CA ALA C 270 16.46 12.24 -5.74
C ALA C 270 17.04 12.81 -7.04
N THR C 271 16.19 13.26 -7.96
CA THR C 271 16.68 13.77 -9.24
C THR C 271 15.70 14.66 -10.02
N TYR C 272 15.95 15.96 -10.02
CA TYR C 272 15.13 16.98 -10.69
C TYR C 272 15.70 17.20 -12.10
N ALA C 273 14.84 17.38 -13.11
CA ALA C 273 15.35 17.52 -14.48
C ALA C 273 15.30 18.86 -15.26
N PRO C 274 14.16 19.57 -15.23
CA PRO C 274 14.17 20.83 -16.00
C PRO C 274 14.70 22.03 -15.22
N VAL C 275 16.03 22.19 -15.26
CA VAL C 275 16.69 23.29 -14.55
C VAL C 275 17.31 24.30 -15.52
N ILE C 276 16.72 25.50 -15.52
CA ILE C 276 17.15 26.59 -16.38
C ILE C 276 17.04 27.95 -15.70
N SER C 277 18.19 28.62 -15.64
CA SER C 277 18.37 29.93 -15.05
C SER C 277 17.39 31.04 -15.47
N ALA C 278 17.70 31.68 -16.59
CA ALA C 278 16.92 32.77 -17.13
C ALA C 278 17.79 33.44 -18.20
N GLU C 279 19.08 33.53 -17.86
CA GLU C 279 20.10 34.13 -18.72
C GLU C 279 20.46 33.22 -19.90
N LYS C 280 19.99 31.97 -19.86
CA LYS C 280 20.26 31.02 -20.92
C LYS C 280 18.93 30.52 -21.48
N ALA C 281 18.96 29.90 -22.67
CA ALA C 281 17.75 29.41 -23.35
C ALA C 281 17.16 28.09 -22.86
N TYR C 282 15.92 28.22 -22.36
CA TYR C 282 15.07 27.15 -21.81
C TYR C 282 14.64 26.31 -22.99
N HIS C 283 14.83 26.87 -24.18
CA HIS C 283 14.53 26.27 -25.48
C HIS C 283 13.02 26.29 -25.77
N GLU C 284 12.34 27.30 -25.24
CA GLU C 284 10.88 27.47 -25.34
C GLU C 284 10.26 26.42 -24.42
N GLN C 285 10.78 25.21 -24.55
CA GLN C 285 10.33 24.08 -23.75
C GLN C 285 11.17 22.85 -24.06
N LEU C 286 10.99 21.81 -23.25
CA LEU C 286 11.66 20.53 -23.46
C LEU C 286 10.52 19.52 -23.56
N SER C 287 10.53 18.71 -24.60
CA SER C 287 9.47 17.74 -24.76
C SER C 287 9.29 17.11 -23.41
N VAL C 288 8.08 16.69 -23.11
CA VAL C 288 7.78 16.05 -21.85
C VAL C 288 8.71 14.83 -21.69
N ALA C 289 9.55 14.62 -22.70
CA ALA C 289 10.53 13.54 -22.73
C ALA C 289 11.96 14.10 -22.94
N GLU C 290 12.04 15.38 -23.34
CA GLU C 290 13.31 16.07 -23.53
C GLU C 290 13.92 16.23 -22.14
N ILE C 291 13.03 16.16 -21.17
CA ILE C 291 13.34 16.29 -19.76
C ILE C 291 13.67 14.95 -19.08
N THR C 292 12.72 14.03 -19.15
CA THR C 292 12.84 12.73 -18.52
C THR C 292 13.93 11.82 -19.06
N ASN C 293 15.12 12.39 -19.14
CA ASN C 293 16.31 11.70 -19.61
C ASN C 293 17.45 12.43 -18.91
N ALA C 294 17.33 13.76 -18.86
CA ALA C 294 18.30 14.58 -18.17
C ALA C 294 17.93 14.15 -16.77
N CYS C 295 16.64 13.91 -16.60
CA CYS C 295 16.13 13.44 -15.32
C CYS C 295 16.84 12.12 -15.04
N PHE C 296 17.53 11.60 -16.06
CA PHE C 296 18.28 10.36 -15.92
C PHE C 296 19.75 10.63 -16.22
N GLU C 297 20.10 11.91 -16.23
CA GLU C 297 21.49 12.32 -16.45
C GLU C 297 22.11 12.42 -15.05
N PRO C 298 23.33 11.87 -14.88
CA PRO C 298 23.95 11.95 -13.55
C PRO C 298 23.85 13.32 -12.90
N ALA C 299 24.61 14.28 -13.42
CA ALA C 299 24.65 15.63 -12.89
C ALA C 299 23.34 16.30 -12.46
N ASN C 300 22.20 15.65 -12.69
CA ASN C 300 20.93 16.27 -12.29
C ASN C 300 20.34 15.64 -11.02
N GLN C 301 21.11 14.77 -10.37
CA GLN C 301 20.69 14.07 -9.15
C GLN C 301 20.98 14.86 -7.88
N MET C 302 20.75 14.22 -6.74
CA MET C 302 21.02 14.81 -5.43
C MET C 302 22.33 14.23 -4.95
N VAL C 303 22.27 13.06 -4.32
CA VAL C 303 23.49 12.40 -3.84
C VAL C 303 24.38 12.17 -5.05
N LYS C 304 25.62 12.66 -5.00
CA LYS C 304 26.57 12.48 -6.10
C LYS C 304 27.01 11.01 -6.12
N CYS C 305 26.09 10.17 -6.57
CA CYS C 305 26.23 8.72 -6.64
C CYS C 305 26.77 8.23 -7.98
N ASP C 306 26.18 7.13 -8.45
CA ASP C 306 26.51 6.46 -9.70
C ASP C 306 25.80 5.09 -9.78
N PRO C 307 24.47 5.12 -9.99
CA PRO C 307 23.60 3.94 -10.09
C PRO C 307 23.99 3.14 -11.31
N ARG C 308 25.18 3.43 -11.80
CA ARG C 308 25.73 2.79 -12.97
C ARG C 308 26.15 1.39 -12.56
N HIS C 309 26.20 1.16 -11.25
CA HIS C 309 26.60 -0.14 -10.74
C HIS C 309 25.62 -0.49 -9.64
N GLY C 310 24.38 -0.79 -9.97
CA GLY C 310 23.41 -1.11 -8.93
C GLY C 310 21.98 -1.34 -9.39
N LYS C 311 21.42 -2.47 -8.96
CA LYS C 311 20.07 -2.85 -9.35
C LYS C 311 18.97 -2.14 -8.59
N TYR C 312 18.34 -1.16 -9.23
CA TYR C 312 17.25 -0.40 -8.60
C TYR C 312 16.31 -1.39 -7.90
N MET C 313 15.73 -0.98 -6.78
CA MET C 313 14.80 -1.83 -6.05
C MET C 313 13.42 -1.20 -6.17
N ALA C 314 13.40 -0.08 -6.89
CA ALA C 314 12.18 0.69 -7.14
C ALA C 314 12.27 1.51 -8.44
N CYS C 315 12.20 2.83 -8.28
CA CYS C 315 12.25 3.81 -9.38
C CYS C 315 10.80 4.19 -9.70
N CYS C 316 10.44 5.46 -9.49
CA CYS C 316 9.10 5.98 -9.77
C CYS C 316 9.14 7.47 -10.10
N LEU C 317 8.78 7.81 -11.34
CA LEU C 317 8.80 9.21 -11.77
C LEU C 317 7.69 10.08 -11.20
N LEU C 318 7.96 11.39 -11.19
CA LEU C 318 7.04 12.40 -10.68
C LEU C 318 7.09 13.56 -11.66
N TYR C 319 6.15 13.62 -12.59
CA TYR C 319 6.10 14.73 -13.54
C TYR C 319 5.21 15.74 -12.85
N ARG C 320 5.38 17.01 -13.18
CA ARG C 320 4.55 18.02 -12.54
C ARG C 320 4.13 19.07 -13.55
N GLY C 321 3.00 19.73 -13.30
CA GLY C 321 2.50 20.74 -14.23
C GLY C 321 1.90 20.09 -15.45
N ASP C 322 0.61 19.79 -15.37
CA ASP C 322 -0.18 19.17 -16.44
C ASP C 322 0.53 18.40 -17.59
N VAL C 323 0.35 17.09 -17.57
CA VAL C 323 0.92 16.20 -18.57
C VAL C 323 -0.02 15.00 -18.78
N VAL C 324 -0.13 14.56 -20.05
CA VAL C 324 -0.97 13.43 -20.47
C VAL C 324 -0.12 12.17 -20.60
N PRO C 325 -0.39 11.17 -19.75
CA PRO C 325 0.31 9.88 -19.69
C PRO C 325 0.81 9.33 -21.02
N LYS C 326 -0.09 9.28 -22.01
CA LYS C 326 0.22 8.76 -23.35
C LYS C 326 1.54 9.25 -23.93
N ASP C 327 2.07 10.36 -23.40
CA ASP C 327 3.32 10.88 -23.90
C ASP C 327 4.47 10.54 -22.95
N VAL C 328 4.13 10.28 -21.70
CA VAL C 328 5.17 9.95 -20.73
C VAL C 328 5.93 8.69 -21.09
N ASN C 329 5.26 7.55 -21.03
CA ASN C 329 5.88 6.28 -21.36
C ASN C 329 6.73 6.34 -22.62
N ALA C 330 6.48 7.35 -23.44
CA ALA C 330 7.22 7.53 -24.68
C ALA C 330 8.74 7.52 -24.45
N ALA C 331 9.15 7.89 -23.24
CA ALA C 331 10.56 7.92 -22.89
C ALA C 331 10.81 6.74 -21.95
N ILE C 332 9.85 6.51 -21.05
CA ILE C 332 9.95 5.40 -20.11
C ILE C 332 10.21 4.20 -21.01
N ALA C 333 9.93 4.41 -22.28
CA ALA C 333 10.12 3.40 -23.29
C ALA C 333 11.53 3.55 -23.81
N THR C 334 11.71 4.59 -24.62
CA THR C 334 12.99 4.88 -25.21
C THR C 334 14.10 4.39 -24.26
N ILE C 335 13.99 4.80 -23.00
CA ILE C 335 14.99 4.41 -22.03
C ILE C 335 15.09 2.88 -21.98
N LYS C 336 13.98 2.24 -21.61
CA LYS C 336 13.85 0.78 -21.52
C LYS C 336 14.67 0.09 -22.63
N THR C 337 14.62 0.69 -23.82
CA THR C 337 15.32 0.18 -25.00
C THR C 337 16.82 0.12 -24.81
N LYS C 338 17.31 0.79 -23.75
CA LYS C 338 18.75 0.83 -23.43
C LYS C 338 19.07 -0.29 -22.45
N ARG C 339 19.99 -1.18 -22.87
CA ARG C 339 20.43 -2.36 -22.10
C ARG C 339 20.86 -2.03 -20.66
N THR C 340 21.24 -0.77 -20.45
CA THR C 340 21.70 -0.29 -19.16
C THR C 340 20.60 -0.36 -18.11
N ILE C 341 20.62 0.59 -17.19
CA ILE C 341 19.62 0.62 -16.13
C ILE C 341 19.68 -0.70 -15.37
N GLN C 342 18.73 -1.57 -15.70
CA GLN C 342 18.65 -2.89 -15.07
C GLN C 342 18.18 -2.80 -13.61
N PHE C 343 17.27 -3.71 -13.23
CA PHE C 343 16.77 -3.78 -11.87
C PHE C 343 17.36 -4.96 -11.16
N VAL C 344 16.68 -5.39 -10.11
CA VAL C 344 17.13 -6.53 -9.32
C VAL C 344 16.38 -7.73 -9.82
N ASP C 345 15.53 -8.27 -8.95
CA ASP C 345 14.73 -9.44 -9.27
C ASP C 345 13.38 -9.30 -8.57
N TRP C 346 13.41 -9.51 -7.26
CA TRP C 346 12.23 -9.45 -6.39
C TRP C 346 11.35 -8.20 -6.53
N CYS C 347 11.47 -7.51 -7.66
CA CYS C 347 10.69 -6.30 -7.91
C CYS C 347 10.35 -6.12 -9.41
N PRO C 348 9.04 -6.02 -9.74
CA PRO C 348 8.62 -5.85 -11.13
C PRO C 348 9.29 -4.68 -11.80
N THR C 349 10.48 -4.93 -12.35
CA THR C 349 11.29 -3.92 -13.00
C THR C 349 10.54 -2.90 -13.85
N GLY C 350 9.75 -2.08 -13.15
CA GLY C 350 8.95 -1.04 -13.78
C GLY C 350 9.05 0.33 -13.11
N PHE C 351 7.92 0.99 -13.00
CA PHE C 351 7.86 2.33 -12.44
C PHE C 351 6.73 2.51 -11.39
N LYS C 352 6.16 3.72 -11.38
CA LYS C 352 5.09 4.09 -10.46
C LYS C 352 4.72 5.52 -10.81
N VAL C 353 5.19 5.96 -11.97
CA VAL C 353 4.98 7.31 -12.50
C VAL C 353 3.74 8.12 -12.06
N GLY C 354 3.98 9.30 -11.51
CA GLY C 354 2.88 10.13 -11.07
C GLY C 354 2.92 11.48 -11.76
N ILE C 355 1.77 11.94 -12.23
CA ILE C 355 1.69 13.23 -12.92
C ILE C 355 0.86 14.27 -12.16
N ASN C 356 1.38 15.49 -12.15
CA ASN C 356 0.76 16.61 -11.48
C ASN C 356 0.43 17.64 -12.56
N TYR C 357 -0.77 18.19 -12.54
CA TYR C 357 -1.13 19.19 -13.51
C TYR C 357 -0.63 20.53 -13.00
N GLU C 358 -0.69 20.69 -11.68
CA GLU C 358 -0.24 21.90 -11.03
C GLU C 358 1.08 22.37 -11.64
N PRO C 359 1.15 23.65 -12.07
CA PRO C 359 2.41 24.15 -12.67
C PRO C 359 3.55 24.32 -11.66
N PRO C 360 4.79 24.16 -12.15
CA PRO C 360 6.00 24.30 -11.34
C PRO C 360 6.23 25.76 -10.88
N THR C 361 6.07 25.96 -9.57
CA THR C 361 6.20 27.28 -8.95
C THR C 361 7.64 27.75 -8.80
N VAL C 362 7.94 28.88 -9.42
CA VAL C 362 9.27 29.47 -9.37
C VAL C 362 9.17 30.81 -8.64
N VAL C 363 10.28 31.28 -8.08
CA VAL C 363 10.28 32.55 -7.35
C VAL C 363 11.15 33.57 -8.02
N PRO C 364 10.93 34.87 -7.71
CA PRO C 364 11.63 36.05 -8.22
C PRO C 364 13.17 36.00 -8.14
N GLY C 365 13.78 35.48 -9.22
CA GLY C 365 15.23 35.34 -9.30
C GLY C 365 15.77 34.21 -8.42
N GLY C 366 15.00 33.85 -7.39
CA GLY C 366 15.38 32.80 -6.46
C GLY C 366 15.34 31.39 -7.02
N ASP C 367 14.31 31.07 -7.81
CA ASP C 367 14.20 29.73 -8.42
C ASP C 367 14.75 29.75 -9.84
N LEU C 368 14.70 30.93 -10.46
CA LEU C 368 15.21 31.13 -11.80
C LEU C 368 14.48 30.41 -12.93
N ALA C 369 13.60 31.18 -13.58
CA ALA C 369 12.79 30.70 -14.70
C ALA C 369 11.73 29.67 -14.28
N LYS C 370 10.54 29.80 -14.87
CA LYS C 370 9.45 28.87 -14.59
C LYS C 370 9.43 27.84 -15.72
N VAL C 371 9.22 26.59 -15.35
CA VAL C 371 9.21 25.54 -16.34
C VAL C 371 7.77 25.30 -16.81
N GLN C 372 7.64 24.54 -17.90
CA GLN C 372 6.35 24.18 -18.46
C GLN C 372 6.10 22.83 -17.88
N ARG C 373 7.16 22.07 -17.78
CA ARG C 373 7.05 20.74 -17.24
C ARG C 373 8.13 20.39 -16.22
N ALA C 374 7.66 20.12 -15.01
CA ALA C 374 8.53 19.74 -13.91
C ALA C 374 8.63 18.21 -13.87
N VAL C 375 9.84 17.72 -13.61
CA VAL C 375 10.05 16.28 -13.53
C VAL C 375 11.10 15.96 -12.47
N CYS C 376 10.73 15.10 -11.52
CA CYS C 376 11.61 14.70 -10.43
C CYS C 376 11.26 13.30 -9.93
N MET C 377 12.03 12.28 -10.30
CA MET C 377 11.72 10.92 -9.89
C MET C 377 12.37 10.51 -8.58
N LEU C 378 12.19 9.24 -8.21
CA LEU C 378 12.75 8.70 -6.96
C LEU C 378 13.07 7.22 -7.06
N SER C 379 14.35 6.89 -7.06
CA SER C 379 14.76 5.49 -7.12
C SER C 379 15.82 5.18 -6.06
N ASN C 380 15.77 3.99 -5.49
CA ASN C 380 16.77 3.66 -4.50
C ASN C 380 17.73 2.60 -5.06
N THR C 381 18.69 3.07 -5.87
CA THR C 381 19.69 2.21 -6.50
C THR C 381 20.70 1.72 -5.48
N THR C 382 21.08 0.46 -5.58
CA THR C 382 22.06 -0.05 -4.62
C THR C 382 23.43 0.56 -4.86
N ALA C 383 23.47 1.74 -5.49
CA ALA C 383 24.73 2.39 -5.77
C ALA C 383 24.95 3.61 -4.90
N ILE C 384 23.93 4.07 -4.20
CA ILE C 384 24.12 5.22 -3.35
C ILE C 384 25.07 4.75 -2.27
N ALA C 385 25.01 3.46 -1.99
CA ALA C 385 25.89 2.87 -0.99
C ALA C 385 27.33 3.39 -1.19
N GLU C 386 27.70 3.61 -2.44
CA GLU C 386 29.05 4.08 -2.77
C GLU C 386 29.33 5.46 -2.16
N ALA C 387 28.72 6.51 -2.70
CA ALA C 387 28.95 7.84 -2.20
C ALA C 387 28.44 7.91 -0.76
N TRP C 388 28.01 6.78 -0.23
CA TRP C 388 27.50 6.79 1.10
C TRP C 388 28.39 6.11 2.12
N ALA C 389 29.42 5.40 1.66
CA ALA C 389 30.34 4.71 2.57
C ALA C 389 31.73 5.34 2.48
N ARG C 390 31.91 6.18 1.47
CA ARG C 390 33.16 6.89 1.28
C ARG C 390 33.18 7.82 2.46
N LEU C 391 32.00 8.15 2.94
CA LEU C 391 31.85 9.01 4.09
C LEU C 391 32.20 8.18 5.30
N ASP C 392 32.48 6.90 5.07
CA ASP C 392 32.84 6.02 6.18
C ASP C 392 34.35 5.91 6.16
N HIS C 393 34.97 6.31 5.06
CA HIS C 393 36.43 6.26 4.91
C HIS C 393 37.03 7.45 5.64
N LYS C 394 36.51 8.64 5.37
CA LYS C 394 37.01 9.81 6.02
C LYS C 394 36.54 9.72 7.46
N PHE C 395 36.69 8.52 8.04
CA PHE C 395 36.29 8.23 9.43
C PHE C 395 37.02 6.99 9.90
N ASP C 396 36.88 5.91 9.14
CA ASP C 396 37.59 4.69 9.52
C ASP C 396 39.06 5.16 9.48
N LEU C 397 39.26 6.27 8.77
CA LEU C 397 40.59 6.87 8.58
C LEU C 397 41.17 7.36 9.87
N MET C 398 40.71 8.52 10.33
CA MET C 398 41.18 9.11 11.57
C MET C 398 40.58 8.41 12.78
N TYR C 399 39.26 8.50 12.91
CA TYR C 399 38.49 7.91 14.02
C TYR C 399 38.69 6.45 14.33
N ALA C 400 39.82 5.93 13.86
CA ALA C 400 40.19 4.55 14.10
C ALA C 400 41.66 4.57 14.48
N LYS C 401 42.33 5.64 14.07
CA LYS C 401 43.74 5.76 14.34
C LYS C 401 44.13 6.87 15.28
N ARG C 402 43.18 7.39 16.05
CA ARG C 402 43.41 8.47 17.06
C ARG C 402 42.27 9.47 17.06
N ALA C 403 42.24 10.30 16.02
CA ALA C 403 41.25 11.35 15.76
C ALA C 403 40.74 12.20 16.91
N PHE C 404 39.99 13.24 16.56
CA PHE C 404 39.40 14.18 17.53
C PHE C 404 38.43 13.50 18.53
N VAL C 405 38.60 12.20 18.79
CA VAL C 405 37.69 11.50 19.67
C VAL C 405 37.54 12.04 21.07
N HIS C 406 38.50 12.78 21.58
CA HIS C 406 38.38 13.23 22.95
C HIS C 406 37.40 14.37 23.22
N TRP C 407 36.81 14.98 22.19
CA TRP C 407 35.87 16.07 22.45
C TRP C 407 34.51 15.44 22.69
N TYR C 408 34.21 14.41 21.91
CA TYR C 408 32.95 13.70 22.04
C TYR C 408 32.99 12.93 23.36
N VAL C 409 33.86 13.39 24.25
CA VAL C 409 34.04 12.79 25.55
C VAL C 409 34.05 13.87 26.62
N GLY C 410 35.06 14.74 26.52
CA GLY C 410 35.21 15.84 27.45
C GLY C 410 34.05 16.81 27.35
N GLU C 411 32.98 16.35 26.72
CA GLU C 411 31.77 17.15 26.57
C GLU C 411 30.61 16.20 26.54
N GLY C 412 30.84 15.00 27.07
CA GLY C 412 29.81 13.98 27.10
C GLY C 412 30.40 12.58 27.15
N MET C 413 29.54 11.58 27.15
CA MET C 413 29.97 10.20 27.22
C MET C 413 30.31 9.63 25.84
N GLU C 414 30.93 8.43 25.85
CA GLU C 414 31.34 7.75 24.61
C GLU C 414 32.37 6.59 24.76
N GLU C 415 33.45 6.72 24.00
CA GLU C 415 34.56 5.78 23.95
C GLU C 415 34.05 4.49 23.37
N GLY C 416 33.29 4.64 22.30
CA GLY C 416 32.68 3.49 21.66
C GLY C 416 31.33 4.04 21.27
N GLU C 417 31.22 5.36 21.40
CA GLU C 417 30.02 6.11 21.05
C GLU C 417 30.16 5.88 19.56
N PHE C 418 31.38 5.55 19.22
CA PHE C 418 31.80 5.26 17.89
C PHE C 418 31.99 3.73 17.86
N SER C 419 32.59 3.18 16.80
CA SER C 419 32.78 1.75 16.71
C SER C 419 31.41 1.13 16.93
N GLU C 420 31.02 0.98 18.20
CA GLU C 420 29.73 0.42 18.55
C GLU C 420 28.70 0.87 17.53
N ALA C 421 28.81 2.13 17.14
CA ALA C 421 27.94 2.74 16.17
C ALA C 421 28.69 2.92 14.87
N ARG C 422 29.26 1.84 14.36
CA ARG C 422 29.99 1.92 13.10
C ARG C 422 29.69 0.64 12.37
N GLU C 423 29.28 -0.36 13.13
CA GLU C 423 28.96 -1.65 12.57
C GLU C 423 27.64 -1.61 11.77
N ASP C 424 26.57 -1.16 12.43
CA ASP C 424 25.26 -1.09 11.78
C ASP C 424 25.36 -0.10 10.65
N MET C 425 26.15 0.94 10.85
CA MET C 425 26.34 1.95 9.81
C MET C 425 27.36 1.40 8.86
N ALA C 426 27.70 0.14 9.06
CA ALA C 426 28.65 -0.54 8.20
C ALA C 426 27.82 -1.62 7.56
N ALA C 427 27.05 -2.28 8.40
CA ALA C 427 26.17 -3.34 7.96
C ALA C 427 25.25 -2.80 6.86
N LEU C 428 25.31 -1.49 6.66
CA LEU C 428 24.50 -0.88 5.64
C LEU C 428 25.00 -1.27 4.27
N GLU C 429 26.27 -0.97 3.97
CA GLU C 429 26.80 -1.34 2.66
C GLU C 429 26.86 -2.85 2.68
N LYS C 430 26.55 -3.42 3.85
CA LYS C 430 26.51 -4.87 4.00
C LYS C 430 25.15 -5.27 3.38
N ASP C 431 24.07 -4.72 3.93
CA ASP C 431 22.71 -4.99 3.43
C ASP C 431 22.60 -4.61 1.97
N TYR C 432 23.10 -3.45 1.62
CA TYR C 432 23.04 -2.99 0.24
C TYR C 432 23.66 -3.92 -0.80
N GLU C 433 24.10 -5.08 -0.34
CA GLU C 433 24.67 -6.07 -1.23
C GLU C 433 23.89 -7.35 -1.06
N GLU C 434 23.13 -7.40 0.02
CA GLU C 434 22.32 -8.58 0.28
C GLU C 434 21.12 -8.40 -0.59
N VAL C 435 21.26 -7.46 -1.52
CA VAL C 435 20.23 -7.12 -2.49
C VAL C 435 20.93 -6.69 -3.77
N GLY C 436 22.10 -7.24 -4.05
CA GLY C 436 22.82 -6.85 -5.27
C GLY C 436 23.92 -7.76 -5.79
N VAL C 437 24.43 -8.64 -4.94
CA VAL C 437 25.49 -9.56 -5.32
C VAL C 437 24.91 -10.86 -5.91
N ASP C 438 23.67 -11.18 -5.54
CA ASP C 438 23.07 -12.40 -6.03
C ASP C 438 21.64 -12.36 -6.50
N SER C 439 21.25 -13.45 -7.16
CA SER C 439 19.92 -13.66 -7.74
C SER C 439 18.78 -13.93 -6.76
N VAL C 440 18.96 -13.53 -5.50
CA VAL C 440 17.93 -13.72 -4.48
C VAL C 440 17.10 -12.43 -4.35
N MET D 1 27.07 37.29 21.37
CA MET D 1 27.19 36.12 22.29
C MET D 1 28.62 35.70 22.63
N ARG D 2 29.48 35.69 21.62
CA ARG D 2 30.87 35.34 21.85
C ARG D 2 31.45 36.40 22.81
N GLU D 3 30.79 36.56 23.95
CA GLU D 3 31.24 37.51 24.95
C GLU D 3 32.65 37.08 25.35
N ILE D 4 33.68 37.74 24.82
CA ILE D 4 35.08 37.40 25.15
C ILE D 4 35.62 38.30 26.24
N VAL D 5 36.09 37.70 27.31
CA VAL D 5 36.61 38.47 28.41
C VAL D 5 38.11 38.61 28.26
N HIS D 6 38.56 39.53 27.41
CA HIS D 6 39.98 39.74 27.15
C HIS D 6 40.87 40.01 28.37
N ILE D 7 41.88 39.16 28.56
CA ILE D 7 42.82 39.33 29.66
C ILE D 7 44.15 39.79 29.09
N GLN D 8 44.82 40.67 29.85
CA GLN D 8 46.10 41.26 29.48
C GLN D 8 46.89 41.48 30.77
N ALA D 9 47.90 40.64 31.00
CA ALA D 9 48.72 40.75 32.20
C ALA D 9 50.23 40.81 31.97
N GLY D 10 50.94 41.38 32.94
CA GLY D 10 52.38 41.49 32.85
C GLY D 10 52.85 42.72 32.08
N GLN D 11 53.95 43.30 32.55
CA GLN D 11 54.52 44.51 31.92
C GLN D 11 54.77 44.32 30.44
N CYS D 12 55.79 43.54 30.15
CA CYS D 12 56.16 43.29 28.78
C CYS D 12 55.16 42.41 28.06
N GLY D 13 53.90 42.58 28.44
CA GLY D 13 52.82 41.84 27.83
C GLY D 13 51.72 42.83 27.50
N ASN D 14 51.44 43.71 28.45
CA ASN D 14 50.42 44.76 28.30
C ASN D 14 50.80 45.63 27.11
N GLN D 15 52.11 45.89 27.02
CA GLN D 15 52.69 46.71 25.98
C GLN D 15 52.27 46.24 24.59
N ILE D 16 52.16 44.91 24.45
CA ILE D 16 51.77 44.32 23.18
C ILE D 16 50.26 44.26 23.16
N GLY D 17 49.70 43.61 24.17
CA GLY D 17 48.26 43.49 24.24
C GLY D 17 47.57 44.84 24.15
N ALA D 18 48.29 45.88 24.53
CA ALA D 18 47.71 47.20 24.45
C ALA D 18 47.53 47.59 22.99
N LYS D 19 48.62 48.01 22.33
CA LYS D 19 48.63 48.44 20.93
C LYS D 19 47.95 47.46 20.02
N PHE D 20 47.25 46.51 20.63
CA PHE D 20 46.46 45.50 19.94
C PHE D 20 45.15 46.24 19.77
N TRP D 21 44.66 46.78 20.88
CA TRP D 21 43.42 47.55 20.90
C TRP D 21 43.63 48.84 20.10
N GLU D 22 44.87 49.02 19.68
CA GLU D 22 45.18 50.17 18.89
C GLU D 22 44.85 49.62 17.51
N VAL D 23 45.16 48.34 17.31
CA VAL D 23 44.90 47.69 16.02
C VAL D 23 43.43 47.43 15.83
N ILE D 24 42.71 47.26 16.92
CA ILE D 24 41.25 47.08 16.83
C ILE D 24 40.68 48.50 16.66
N SER D 25 40.69 48.93 15.39
CA SER D 25 40.22 50.25 14.98
C SER D 25 38.78 50.28 14.50
N ASP D 26 37.96 50.94 15.33
CA ASP D 26 36.52 51.19 15.14
C ASP D 26 36.11 52.11 16.33
N GLU D 27 37.14 52.63 17.01
CA GLU D 27 37.01 53.54 18.16
C GLU D 27 35.76 53.37 19.02
N HIS D 28 35.33 54.51 19.56
CA HIS D 28 34.13 54.63 20.40
C HIS D 28 33.11 55.44 19.60
N GLY D 29 32.50 54.76 18.63
CA GLY D 29 31.54 55.33 17.71
C GLY D 29 32.29 55.99 16.57
N ILE D 30 31.54 56.56 15.62
CA ILE D 30 32.10 57.25 14.47
C ILE D 30 32.66 56.33 13.35
N ASP D 31 31.85 55.35 12.93
CA ASP D 31 32.22 54.39 11.88
C ASP D 31 31.56 54.71 10.52
N VAL D 49 31.05 43.77 9.46
CA VAL D 49 30.48 44.91 8.75
C VAL D 49 29.70 45.80 9.71
N TYR D 50 28.94 46.75 9.17
CA TYR D 50 28.15 47.61 10.03
C TYR D 50 27.07 46.73 10.70
N TYR D 51 27.22 45.42 10.55
CA TYR D 51 26.35 44.46 11.21
C TYR D 51 27.30 43.81 12.20
N ASN D 52 27.97 44.69 12.94
CA ASN D 52 28.97 44.38 13.94
C ASN D 52 28.77 43.22 14.92
N GLU D 53 29.88 42.57 15.23
CA GLU D 53 29.91 41.44 16.12
C GLU D 53 30.80 41.80 17.31
N ALA D 54 30.48 42.89 17.98
CA ALA D 54 31.27 43.33 19.11
C ALA D 54 31.30 42.32 20.27
N ALA D 55 32.20 41.34 20.14
CA ALA D 55 32.42 40.30 21.14
C ALA D 55 33.36 40.78 22.25
N GLY D 56 32.98 40.42 23.46
CA GLY D 56 33.74 40.83 24.62
C GLY D 56 32.74 41.51 25.53
N ASN D 57 32.82 42.84 25.60
CA ASN D 57 31.94 43.66 26.44
C ASN D 57 31.42 44.98 25.80
N LYS D 58 30.66 45.74 26.59
CA LYS D 58 30.12 46.99 26.11
C LYS D 58 31.26 47.86 25.60
N TYR D 59 30.92 49.02 25.02
CA TYR D 59 31.88 49.95 24.41
C TYR D 59 33.07 50.57 25.17
N VAL D 60 33.72 49.68 25.92
CA VAL D 60 34.90 49.96 26.68
C VAL D 60 35.52 48.58 26.73
N PRO D 61 36.69 48.41 26.09
CA PRO D 61 37.42 47.14 26.04
C PRO D 61 37.11 46.24 27.25
N ARG D 62 36.56 45.05 27.02
CA ARG D 62 36.28 44.22 28.16
C ARG D 62 37.60 43.90 28.84
N ALA D 63 38.69 44.29 28.18
CA ALA D 63 40.03 44.06 28.69
C ALA D 63 40.14 44.28 30.18
N ILE D 64 40.97 43.47 30.81
CA ILE D 64 41.23 43.53 32.22
C ILE D 64 42.73 43.46 32.48
N LEU D 65 43.41 44.54 32.12
CA LEU D 65 44.86 44.66 32.28
C LEU D 65 45.25 44.19 33.68
N VAL D 66 46.41 43.52 33.81
CA VAL D 66 46.91 43.05 35.11
C VAL D 66 48.44 42.99 35.17
N ASP D 67 49.03 43.80 36.04
CA ASP D 67 50.47 43.84 36.19
C ASP D 67 50.87 43.63 37.65
N LEU D 68 52.06 43.10 37.84
CA LEU D 68 52.54 42.88 39.19
C LEU D 68 53.11 44.22 39.65
N GLU D 69 53.99 44.81 38.84
CA GLU D 69 54.62 46.11 39.15
C GLU D 69 53.71 47.25 38.67
N PRO D 70 54.27 48.44 38.39
CA PRO D 70 53.34 49.48 37.93
C PRO D 70 53.25 49.67 36.39
N GLY D 71 53.63 48.63 35.64
CA GLY D 71 53.64 48.67 34.17
C GLY D 71 52.33 48.81 33.46
N THR D 72 51.23 48.81 34.19
CA THR D 72 49.90 48.98 33.58
C THR D 72 49.74 50.42 33.08
N MET D 73 50.82 51.19 33.07
CA MET D 73 50.74 52.58 32.63
C MET D 73 51.56 52.91 31.39
N ASP D 74 52.82 52.47 31.37
CA ASP D 74 53.74 52.73 30.26
C ASP D 74 53.03 53.46 29.12
N SER D 75 52.88 52.78 27.99
CA SER D 75 52.17 53.38 26.88
C SER D 75 50.76 52.85 27.05
N VAL D 76 50.59 52.05 28.10
CA VAL D 76 49.30 51.45 28.44
C VAL D 76 48.36 52.63 28.56
N ARG D 77 48.48 53.32 29.68
CA ARG D 77 47.69 54.49 29.94
C ARG D 77 48.44 55.68 29.33
N SER D 78 48.84 55.53 28.07
CA SER D 78 49.57 56.58 27.35
C SER D 78 48.99 56.94 26.00
N GLY D 79 49.78 57.71 25.25
CA GLY D 79 49.41 58.18 23.92
C GLY D 79 48.44 57.35 23.10
N PRO D 80 48.57 56.01 23.11
CA PRO D 80 47.62 55.22 22.32
C PRO D 80 46.20 55.42 22.81
N PHE D 81 45.76 54.52 23.67
CA PHE D 81 44.42 54.57 24.22
C PHE D 81 44.51 54.34 25.72
N GLY D 82 45.06 55.32 26.44
CA GLY D 82 45.22 55.20 27.88
C GLY D 82 43.92 55.38 28.61
N GLN D 83 42.93 54.57 28.25
CA GLN D 83 41.61 54.63 28.86
C GLN D 83 40.96 53.23 28.87
N ILE D 84 41.78 52.21 29.13
CA ILE D 84 41.30 50.82 29.16
C ILE D 84 40.45 50.57 30.40
N PHE D 85 39.29 51.23 30.47
CA PHE D 85 38.38 51.08 31.62
C PHE D 85 39.08 51.52 32.89
N ARG D 86 40.19 52.24 32.71
CA ARG D 86 41.02 52.78 33.79
C ARG D 86 40.63 52.44 35.24
N PRO D 87 39.41 52.81 35.67
CA PRO D 87 38.93 52.54 37.03
C PRO D 87 38.73 51.07 37.38
N ASP D 88 39.66 50.21 36.96
CA ASP D 88 39.57 48.77 37.22
C ASP D 88 40.96 48.16 37.18
N ASN D 89 41.83 48.78 36.38
CA ASN D 89 43.20 48.36 36.20
C ASN D 89 43.81 47.76 37.48
N PHE D 90 44.72 46.81 37.31
CA PHE D 90 45.35 46.17 38.46
C PHE D 90 46.82 46.43 38.66
N VAL D 91 47.17 46.67 39.92
CA VAL D 91 48.52 46.96 40.33
C VAL D 91 48.66 46.54 41.77
N PHE D 92 47.54 46.74 42.49
CA PHE D 92 47.35 46.48 43.93
C PHE D 92 47.77 47.79 44.64
N GLY D 93 48.87 48.34 44.14
CA GLY D 93 49.48 49.54 44.68
C GLY D 93 50.82 49.13 45.28
N GLN D 94 51.92 49.45 44.61
CA GLN D 94 53.23 49.09 45.14
C GLN D 94 53.42 47.58 45.27
N SER D 95 54.52 47.07 44.72
CA SER D 95 54.85 45.64 44.75
C SER D 95 56.12 45.37 43.96
N GLY D 96 56.31 44.13 43.52
CA GLY D 96 57.51 43.79 42.78
C GLY D 96 57.40 42.65 41.79
N ALA D 97 57.90 41.46 42.17
CA ALA D 97 57.91 40.26 41.32
C ALA D 97 58.68 40.47 40.00
N GLY D 98 60.00 40.27 40.05
CA GLY D 98 60.82 40.47 38.87
C GLY D 98 60.83 39.28 37.94
N ASN D 99 61.90 38.50 37.96
CA ASN D 99 61.98 37.32 37.10
C ASN D 99 62.06 36.06 37.91
N ASN D 100 61.16 35.94 38.88
CA ASN D 100 61.09 34.78 39.74
C ASN D 100 59.76 34.10 39.53
N TRP D 101 59.72 32.94 38.87
CA TRP D 101 58.42 32.28 38.67
C TRP D 101 57.71 32.15 39.99
N ALA D 102 58.33 31.43 40.94
CA ALA D 102 57.76 31.28 42.27
C ALA D 102 57.06 32.59 42.64
N LYS D 103 57.68 33.71 42.27
CA LYS D 103 57.10 35.03 42.52
C LYS D 103 55.96 35.22 41.51
N GLY D 104 54.84 35.76 41.99
CA GLY D 104 53.72 36.02 41.10
C GLY D 104 52.96 34.78 40.71
N HIS D 105 53.17 33.71 41.47
CA HIS D 105 52.50 32.44 41.20
C HIS D 105 52.56 31.56 42.45
N TYR D 106 53.21 32.09 43.47
CA TYR D 106 53.37 31.42 44.75
C TYR D 106 53.51 32.50 45.80
N THR D 107 53.92 33.69 45.36
CA THR D 107 54.14 34.82 46.24
C THR D 107 53.59 36.15 45.75
N GLU D 108 54.39 37.21 45.79
CA GLU D 108 54.00 38.56 45.38
C GLU D 108 53.14 38.61 44.10
N GLY D 109 52.00 37.96 44.18
CA GLY D 109 51.06 37.87 43.07
C GLY D 109 49.85 37.16 43.63
N ALA D 110 50.11 36.12 44.43
CA ALA D 110 49.04 35.38 45.08
C ALA D 110 48.35 36.42 45.94
N GLU D 111 48.90 37.62 45.94
CA GLU D 111 48.33 38.74 46.67
C GLU D 111 47.34 39.28 45.65
N LEU D 112 47.86 39.55 44.47
CA LEU D 112 47.07 40.11 43.38
C LEU D 112 45.94 39.21 42.90
N VAL D 113 46.23 37.94 42.61
CA VAL D 113 45.18 37.03 42.16
C VAL D 113 43.79 37.41 42.69
N ASP D 114 43.61 37.25 44.00
CA ASP D 114 42.35 37.57 44.63
C ASP D 114 41.79 38.88 44.05
N SER D 115 42.68 39.84 43.86
CA SER D 115 42.28 41.14 43.32
C SER D 115 41.68 40.98 41.94
N VAL D 116 42.41 40.27 41.08
CA VAL D 116 41.96 40.03 39.72
C VAL D 116 40.76 39.13 39.75
N LEU D 117 40.93 37.94 40.32
CA LEU D 117 39.83 37.00 40.42
C LEU D 117 38.72 37.58 41.29
N ASP D 118 38.54 38.89 41.18
CA ASP D 118 37.50 39.65 41.89
C ASP D 118 36.94 40.67 40.92
N VAL D 119 37.74 41.07 39.93
CA VAL D 119 37.31 42.05 38.95
C VAL D 119 37.06 41.44 37.60
N VAL D 120 37.55 40.22 37.38
CA VAL D 120 37.27 39.61 36.09
C VAL D 120 35.90 39.04 36.26
N ARG D 121 35.62 38.52 37.45
CA ARG D 121 34.30 37.97 37.69
C ARG D 121 33.27 39.09 37.68
N LYS D 122 33.56 40.21 38.34
CA LYS D 122 32.63 41.34 38.33
C LYS D 122 32.81 42.04 36.98
N GLU D 123 33.05 41.20 35.96
CA GLU D 123 33.25 41.62 34.58
C GLU D 123 32.88 40.47 33.64
N SER D 124 33.30 39.27 34.00
CA SER D 124 33.03 38.10 33.19
C SER D 124 31.54 38.05 33.01
N GLU D 125 30.87 37.73 34.13
CA GLU D 125 29.42 37.62 34.18
C GLU D 125 28.76 38.48 33.12
N SER D 126 28.49 39.75 33.46
CA SER D 126 27.86 40.66 32.51
C SER D 126 27.01 39.83 31.54
N CYS D 127 25.75 39.62 31.95
CA CYS D 127 24.71 38.85 31.22
C CYS D 127 25.18 37.91 30.07
N ASP D 128 25.03 38.37 28.83
CA ASP D 128 25.45 37.64 27.64
C ASP D 128 26.33 36.45 27.99
N CYS D 129 26.11 35.34 27.30
CA CYS D 129 26.89 34.11 27.46
C CYS D 129 28.41 34.39 27.29
N LEU D 130 29.18 34.00 28.30
CA LEU D 130 30.62 34.23 28.29
C LEU D 130 31.38 33.31 27.39
N GLN D 131 32.05 33.88 26.40
CA GLN D 131 32.83 33.12 25.43
C GLN D 131 33.82 32.25 26.17
N GLY D 132 34.83 32.90 26.73
CA GLY D 132 35.90 32.26 27.48
C GLY D 132 36.83 33.39 27.88
N PHE D 133 38.13 33.12 27.92
CA PHE D 133 39.09 34.18 28.25
C PHE D 133 40.38 34.07 27.45
N GLN D 134 40.63 35.02 26.58
CA GLN D 134 41.84 34.94 25.84
C GLN D 134 42.81 35.79 26.66
N LEU D 135 43.68 35.11 27.40
CA LEU D 135 44.72 35.72 28.26
C LEU D 135 46.03 36.01 27.54
N THR D 136 46.43 37.29 27.47
CA THR D 136 47.69 37.67 26.81
C THR D 136 48.84 37.67 27.83
N HIS D 137 50.06 37.48 27.34
CA HIS D 137 51.27 37.49 28.19
C HIS D 137 52.41 36.82 27.46
N SER D 138 53.62 36.90 28.03
CA SER D 138 54.83 36.30 27.42
C SER D 138 55.59 35.32 28.32
N LEU D 139 55.38 34.02 28.12
CA LEU D 139 56.00 32.96 28.90
C LEU D 139 57.41 33.26 29.33
N GLY D 140 57.74 32.95 30.60
CA GLY D 140 59.09 33.19 31.12
C GLY D 140 59.47 34.57 31.68
N GLY D 141 58.65 35.10 32.58
CA GLY D 141 58.90 36.40 33.13
C GLY D 141 58.08 36.70 34.38
N GLY D 142 57.72 35.62 35.11
CA GLY D 142 56.96 35.69 36.36
C GLY D 142 56.10 36.87 36.78
N THR D 143 56.31 38.04 36.19
CA THR D 143 55.51 39.21 36.51
C THR D 143 54.09 38.88 36.10
N GLY D 144 53.88 38.81 34.78
CA GLY D 144 52.58 38.49 34.22
C GLY D 144 52.64 37.23 33.37
N SER D 145 53.64 36.39 33.61
CA SER D 145 53.81 35.13 32.91
C SER D 145 54.09 34.13 34.01
N GLY D 146 53.54 34.44 35.18
CA GLY D 146 53.63 33.64 36.37
C GLY D 146 52.34 33.97 37.13
N MET D 147 51.92 35.22 36.96
CA MET D 147 50.72 35.74 37.55
C MET D 147 49.65 35.23 36.63
N GLY D 148 49.82 35.45 35.33
CA GLY D 148 48.85 35.00 34.34
C GLY D 148 48.72 33.49 34.24
N THR D 149 49.86 32.79 34.17
CA THR D 149 49.87 31.33 34.07
C THR D 149 49.16 30.83 35.32
N LEU D 150 49.10 31.68 36.34
CA LEU D 150 48.42 31.34 37.58
C LEU D 150 46.93 31.63 37.35
N LEU D 151 46.63 32.85 36.90
CA LEU D 151 45.27 33.27 36.62
C LEU D 151 44.55 32.12 35.94
N ILE D 152 45.19 31.61 34.89
CA ILE D 152 44.64 30.51 34.14
C ILE D 152 44.17 29.44 35.12
N SER D 153 45.11 28.70 35.70
CA SER D 153 44.77 27.64 36.66
C SER D 153 43.84 28.16 37.76
N LYS D 154 43.59 29.47 37.71
CA LYS D 154 42.72 30.16 38.66
C LYS D 154 41.41 30.58 38.02
N ILE D 155 41.39 30.66 36.69
CA ILE D 155 40.17 31.01 35.96
C ILE D 155 39.59 29.63 35.66
N ARG D 156 40.50 28.67 35.46
CA ARG D 156 40.12 27.28 35.19
C ARG D 156 39.56 26.77 36.51
N GLU D 157 39.50 25.44 36.63
CA GLU D 157 39.00 24.78 37.84
C GLU D 157 38.07 25.71 38.64
N GLU D 158 37.24 26.43 37.88
CA GLU D 158 36.25 27.38 38.36
C GLU D 158 35.27 27.56 37.19
N TYR D 159 35.80 27.80 35.98
CA TYR D 159 34.97 27.95 34.77
C TYR D 159 35.25 26.80 33.81
N PRO D 160 35.33 25.54 34.31
CA PRO D 160 35.61 24.44 33.37
C PRO D 160 35.00 24.62 32.00
N ASP D 161 33.68 24.50 31.93
CA ASP D 161 33.02 24.64 30.64
C ASP D 161 33.79 25.57 29.70
N ARG D 162 33.81 26.86 30.02
CA ARG D 162 34.45 27.89 29.18
C ARG D 162 35.83 27.61 28.61
N ILE D 163 35.96 27.94 27.33
CA ILE D 163 37.19 27.75 26.59
C ILE D 163 38.12 28.92 26.84
N MET D 164 39.39 28.59 27.15
CA MET D 164 40.44 29.57 27.44
C MET D 164 41.44 29.68 26.30
N ASN D 165 41.95 30.88 26.09
CA ASN D 165 42.89 31.11 25.01
C ASN D 165 44.06 31.84 25.62
N THR D 166 45.17 31.86 24.88
CA THR D 166 46.37 32.55 25.33
C THR D 166 47.29 32.85 24.17
N PHE D 167 47.79 34.08 24.14
CA PHE D 167 48.71 34.50 23.10
C PHE D 167 50.10 34.58 23.73
N SER D 168 50.51 33.52 24.39
CA SER D 168 51.82 33.50 25.03
C SER D 168 52.94 33.82 24.05
N VAL D 169 53.99 34.47 24.54
CA VAL D 169 55.14 34.82 23.75
C VAL D 169 56.35 34.08 24.30
N VAL D 170 56.95 33.22 23.47
CA VAL D 170 58.12 32.45 23.87
C VAL D 170 59.42 33.26 23.74
N PRO D 171 60.21 33.27 24.82
CA PRO D 171 61.49 33.98 24.89
C PRO D 171 62.43 33.56 23.79
N SER D 172 62.69 34.46 22.84
CA SER D 172 63.59 34.17 21.72
C SER D 172 64.83 33.38 22.16
N PRO D 173 65.18 32.32 21.39
CA PRO D 173 66.35 31.51 21.71
C PRO D 173 67.57 32.42 21.98
N LYS D 174 67.42 33.70 21.62
CA LYS D 174 68.46 34.69 21.79
C LYS D 174 69.03 34.66 23.20
N VAL D 175 68.13 34.59 24.17
CA VAL D 175 68.47 34.51 25.59
C VAL D 175 68.75 35.81 26.34
N SER D 176 67.69 36.39 26.88
CA SER D 176 67.79 37.59 27.70
C SER D 176 67.76 36.93 29.07
N ASP D 177 68.39 37.52 30.09
CA ASP D 177 68.38 36.92 31.41
C ASP D 177 68.86 35.49 31.51
N THR D 178 69.72 35.24 32.48
CA THR D 178 70.19 33.89 32.72
C THR D 178 68.88 33.23 33.19
N VAL D 179 67.81 34.05 33.23
CA VAL D 179 66.51 33.61 33.68
C VAL D 179 65.37 33.72 32.64
N VAL D 180 65.48 34.63 31.67
CA VAL D 180 64.45 34.74 30.62
C VAL D 180 64.64 33.45 29.79
N GLU D 181 64.40 32.29 30.42
CA GLU D 181 64.61 31.03 29.73
C GLU D 181 64.32 29.95 30.72
N PRO D 182 65.18 29.74 31.71
CA PRO D 182 64.76 28.65 32.60
C PRO D 182 63.38 28.96 33.18
N TYR D 183 62.82 30.05 32.69
CA TYR D 183 61.52 30.49 33.13
C TYR D 183 60.39 29.65 32.59
N ASN D 184 59.79 30.12 31.51
CA ASN D 184 58.67 29.48 30.81
C ASN D 184 58.66 27.96 30.73
N ALA D 185 59.84 27.34 30.78
CA ALA D 185 59.97 25.90 30.72
C ALA D 185 59.24 25.23 31.87
N THR D 186 58.84 26.04 32.85
CA THR D 186 58.10 25.55 34.02
C THR D 186 56.67 25.97 33.83
N LEU D 187 56.37 26.48 32.64
CA LEU D 187 55.02 26.93 32.29
C LEU D 187 54.36 25.95 31.33
N SER D 188 55.04 25.68 30.21
CA SER D 188 54.53 24.72 29.24
C SER D 188 54.58 23.34 29.95
N VAL D 189 54.49 23.40 31.28
CA VAL D 189 54.51 22.27 32.20
C VAL D 189 53.10 22.13 32.68
N HIS D 190 52.28 23.04 32.18
CA HIS D 190 50.88 23.06 32.51
C HIS D 190 50.13 24.01 31.59
N GLN D 191 50.86 24.93 30.97
CA GLN D 191 50.22 25.83 30.03
C GLN D 191 49.87 24.95 28.82
N LEU D 192 49.48 23.71 29.13
CA LEU D 192 49.09 22.74 28.12
C LEU D 192 48.48 21.53 28.81
N VAL D 193 48.22 21.67 30.11
CA VAL D 193 47.56 20.62 30.89
C VAL D 193 46.63 21.35 31.86
N GLU D 194 46.61 22.66 31.73
CA GLU D 194 45.76 23.51 32.52
C GLU D 194 45.00 24.35 31.51
N ASN D 195 43.89 24.96 31.94
CA ASN D 195 43.10 25.75 31.02
C ASN D 195 44.02 26.35 29.96
N THR D 196 43.75 25.97 28.73
CA THR D 196 44.50 26.46 27.59
C THR D 196 44.12 25.60 26.39
N ASP D 197 42.88 25.12 26.45
CA ASP D 197 42.24 24.30 25.44
C ASP D 197 42.76 24.76 24.10
N GLU D 198 43.15 26.02 24.03
CA GLU D 198 43.68 26.55 22.80
C GLU D 198 44.48 27.82 23.09
N THR D 199 45.69 27.89 22.50
CA THR D 199 46.65 29.03 22.66
C THR D 199 47.65 29.26 21.51
N TYR D 200 47.54 30.40 20.83
CA TYR D 200 48.45 30.74 19.73
C TYR D 200 49.80 30.97 20.38
N CYS D 201 50.89 31.03 19.61
CA CYS D 201 52.20 31.27 20.20
C CYS D 201 53.25 31.94 19.32
N ILE D 202 53.82 33.02 19.85
CA ILE D 202 54.85 33.81 19.17
C ILE D 202 56.24 33.50 19.74
N ASP D 203 57.27 33.64 18.91
CA ASP D 203 58.68 33.39 19.27
C ASP D 203 59.56 34.63 18.91
N ASN D 204 59.86 35.46 19.92
CA ASN D 204 60.65 36.66 19.72
C ASN D 204 61.80 36.46 18.76
N GLU D 205 62.35 35.26 18.81
CA GLU D 205 63.43 34.92 17.91
C GLU D 205 62.90 35.33 16.55
N ALA D 206 61.90 34.59 16.09
CA ALA D 206 61.26 34.81 14.80
C ALA D 206 60.96 36.27 14.53
N LEU D 207 60.71 37.02 15.59
CA LEU D 207 60.41 38.42 15.44
C LEU D 207 61.65 39.26 15.07
N TYR D 208 62.79 39.03 15.73
CA TYR D 208 64.01 39.78 15.34
C TYR D 208 64.17 39.45 13.84
N ASP D 209 64.46 38.17 13.61
CA ASP D 209 64.67 37.59 12.30
C ASP D 209 63.83 38.19 11.19
N ILE D 210 62.60 38.60 11.48
CA ILE D 210 61.79 39.19 10.43
C ILE D 210 62.25 40.60 10.14
N CYS D 211 62.46 41.35 11.22
CA CYS D 211 62.90 42.73 11.11
C CYS D 211 64.39 42.72 10.73
N PHE D 212 64.86 41.57 10.26
CA PHE D 212 66.26 41.38 9.91
C PHE D 212 66.41 40.52 8.67
N ARG D 213 66.25 39.21 8.86
CA ARG D 213 66.37 38.21 7.80
C ARG D 213 65.44 38.37 6.60
N THR D 214 64.44 39.23 6.73
CA THR D 214 63.51 39.48 5.64
C THR D 214 63.20 40.99 5.64
N LEU D 215 62.19 41.41 6.40
CA LEU D 215 61.89 42.83 6.50
C LEU D 215 63.21 43.55 6.83
N LYS D 216 63.26 44.85 6.62
CA LYS D 216 64.45 45.66 6.93
C LYS D 216 64.55 45.90 8.44
N LEU D 217 65.28 46.96 8.80
CA LEU D 217 65.52 47.41 10.19
C LEU D 217 66.92 47.05 10.70
N THR D 218 67.80 48.03 10.76
CA THR D 218 69.16 47.80 11.24
C THR D 218 69.11 47.39 12.70
N THR D 219 67.91 47.47 13.27
CA THR D 219 67.65 47.10 14.66
C THR D 219 66.14 47.12 14.88
N PRO D 220 65.62 46.17 15.67
CA PRO D 220 64.17 46.18 15.91
C PRO D 220 63.78 46.82 17.25
N THR D 221 63.27 48.06 17.19
CA THR D 221 62.83 48.75 18.39
C THR D 221 61.62 47.91 18.80
N TYR D 222 61.28 47.87 20.09
CA TYR D 222 60.12 47.09 20.51
C TYR D 222 58.98 47.67 19.69
N GLY D 223 59.22 48.84 19.12
CA GLY D 223 58.23 49.49 18.27
C GLY D 223 58.32 48.88 16.88
N ASP D 224 58.98 47.74 16.81
CA ASP D 224 59.18 46.99 15.57
C ASP D 224 58.88 45.55 15.90
N LEU D 225 59.73 44.97 16.74
CA LEU D 225 59.56 43.59 17.14
C LEU D 225 58.29 43.46 18.00
N ASN D 226 57.23 44.17 17.60
CA ASN D 226 55.97 44.11 18.33
C ASN D 226 54.81 44.43 17.42
N HIS D 227 55.10 45.12 16.33
CA HIS D 227 54.09 45.47 15.35
C HIS D 227 53.34 44.21 14.91
N LEU D 228 54.04 43.33 14.20
CA LEU D 228 53.47 42.09 13.74
C LEU D 228 52.68 41.43 14.88
N VAL D 229 53.28 41.44 16.07
CA VAL D 229 52.65 40.82 17.20
C VAL D 229 51.21 41.23 17.31
N SER D 230 50.88 42.46 16.93
CA SER D 230 49.49 42.90 17.03
C SER D 230 48.71 42.81 15.74
N ALA D 231 49.33 43.14 14.61
CA ALA D 231 48.66 43.04 13.31
C ALA D 231 48.51 41.54 12.91
N THR D 232 48.83 40.67 13.86
CA THR D 232 48.75 39.23 13.67
C THR D 232 47.64 38.69 14.57
N MET D 233 47.56 39.21 15.78
CA MET D 233 46.51 38.77 16.68
C MET D 233 45.21 39.27 16.10
N SER D 234 45.11 40.57 15.89
CA SER D 234 43.90 41.13 15.32
C SER D 234 43.51 40.29 14.09
N GLY D 235 44.52 39.91 13.31
CA GLY D 235 44.29 39.12 12.11
C GLY D 235 43.78 37.71 12.37
N VAL D 236 43.36 37.47 13.59
CA VAL D 236 42.83 36.18 14.01
C VAL D 236 41.78 36.46 15.05
N THR D 237 41.89 37.64 15.65
CA THR D 237 40.96 38.04 16.67
C THR D 237 39.73 38.45 15.93
N THR D 238 39.34 39.71 16.09
CA THR D 238 38.14 40.30 15.48
C THR D 238 37.59 39.67 14.19
N CYS D 239 38.46 39.06 13.36
CA CYS D 239 38.03 38.37 12.13
C CYS D 239 37.53 37.04 12.67
N LEU D 240 36.98 36.16 11.83
CA LEU D 240 36.48 34.93 12.41
C LEU D 240 35.62 35.38 13.62
N ARG D 241 35.25 36.67 13.60
CA ARG D 241 34.42 37.32 14.61
C ARG D 241 33.33 38.20 13.99
N PHE D 242 33.72 39.32 13.39
CA PHE D 242 32.74 40.21 12.76
C PHE D 242 32.40 39.85 11.30
N PRO D 243 31.12 40.02 10.90
CA PRO D 243 30.50 39.76 9.60
C PRO D 243 31.26 38.99 8.52
N GLY D 244 32.06 39.71 7.72
CA GLY D 244 32.82 39.11 6.64
C GLY D 244 32.03 38.01 5.95
N GLN D 245 32.71 36.96 5.50
CA GLN D 245 32.03 35.83 4.87
C GLN D 245 31.48 34.94 5.97
N LEU D 246 30.15 34.80 5.98
CA LEU D 246 29.45 33.99 6.96
C LEU D 246 29.87 34.40 8.38
N ASN D 247 30.22 33.42 9.21
CA ASN D 247 30.62 33.77 10.56
C ASN D 247 31.68 32.84 11.13
N ALA D 248 31.83 32.92 12.47
CA ALA D 248 32.77 32.12 13.26
C ALA D 248 32.72 32.61 14.71
N ASP D 249 33.12 31.76 15.64
CA ASP D 249 33.13 32.15 17.05
C ASP D 249 34.51 31.86 17.59
N LEU D 250 34.64 31.77 18.91
CA LEU D 250 35.93 31.49 19.53
C LEU D 250 36.06 30.07 20.13
N ARG D 251 35.29 29.13 19.59
CA ARG D 251 35.35 27.77 20.11
C ARG D 251 35.16 26.60 19.18
N LYS D 252 34.38 26.74 18.13
CA LYS D 252 34.24 25.60 17.22
C LYS D 252 35.67 25.36 16.75
N LEU D 253 36.53 26.36 16.95
CA LEU D 253 37.94 26.33 16.55
C LEU D 253 38.72 25.28 17.29
N ALA D 254 38.73 25.40 18.60
CA ALA D 254 39.42 24.45 19.44
C ALA D 254 38.96 23.04 19.19
N VAL D 255 37.92 22.85 18.37
CA VAL D 255 37.48 21.49 18.09
C VAL D 255 37.90 21.05 16.69
N ASN D 256 38.24 22.00 15.82
CA ASN D 256 38.71 21.64 14.48
C ASN D 256 40.21 21.84 14.40
N MET D 257 40.78 22.53 15.37
CA MET D 257 42.22 22.79 15.36
C MET D 257 42.99 22.10 16.47
N VAL D 258 42.31 21.30 17.27
CA VAL D 258 42.96 20.62 18.38
C VAL D 258 42.71 19.14 18.35
N PRO D 259 43.41 18.42 17.47
CA PRO D 259 43.22 16.99 17.37
C PRO D 259 43.39 16.28 18.70
N PHE D 260 44.23 16.80 19.60
CA PHE D 260 44.42 16.10 20.87
C PHE D 260 44.37 16.90 22.18
N PRO D 261 44.20 16.21 23.32
CA PRO D 261 44.11 16.83 24.65
C PRO D 261 45.26 17.77 24.95
N ARG D 262 46.45 17.17 25.06
CA ARG D 262 47.70 17.87 25.31
C ARG D 262 47.89 18.68 24.06
N LEU D 263 46.74 18.97 23.44
CA LEU D 263 46.60 19.75 22.24
C LEU D 263 47.88 19.88 21.48
N HIS D 264 48.03 21.07 20.94
CA HIS D 264 49.18 21.49 20.20
C HIS D 264 49.06 23.00 20.09
N PHE D 265 50.22 23.66 20.15
CA PHE D 265 50.33 25.10 20.09
C PHE D 265 50.25 25.59 18.66
N PHE D 266 49.44 26.62 18.44
CA PHE D 266 49.31 27.15 17.09
C PHE D 266 50.52 28.01 16.70
N MET D 267 50.89 27.89 15.43
CA MET D 267 52.00 28.60 14.85
C MET D 267 51.47 29.70 13.94
N PRO D 268 50.96 30.80 14.51
CA PRO D 268 50.43 31.93 13.74
C PRO D 268 51.36 32.43 12.67
N GLY D 269 50.87 33.28 11.77
CA GLY D 269 51.74 33.79 10.73
C GLY D 269 51.10 34.64 9.64
N PHE D 270 51.15 35.96 9.82
CA PHE D 270 50.62 36.95 8.87
C PHE D 270 51.25 36.67 7.50
N ALA D 271 51.30 37.69 6.66
CA ALA D 271 51.91 37.48 5.36
C ALA D 271 52.37 38.76 4.71
N PRO D 272 51.44 39.64 4.35
CA PRO D 272 51.85 40.89 3.71
C PRO D 272 52.72 41.76 4.63
N LEU D 273 53.93 41.30 4.93
CA LEU D 273 54.82 42.07 5.77
C LEU D 273 55.65 42.94 4.81
N THR D 274 56.09 42.29 3.72
CA THR D 274 56.91 42.92 2.67
C THR D 274 58.08 43.72 3.26
N SER D 275 57.99 45.04 3.09
CA SER D 275 58.97 46.02 3.54
C SER D 275 58.55 47.25 2.77
N ARG D 276 59.23 48.37 3.02
CA ARG D 276 58.91 49.59 2.32
C ARG D 276 59.10 49.32 0.83
N GLY D 277 59.71 50.27 0.14
CA GLY D 277 59.95 50.13 -1.30
C GLY D 277 58.68 49.97 -2.13
N SER D 278 58.84 50.10 -3.43
CA SER D 278 57.71 49.93 -4.34
C SER D 278 57.47 48.44 -4.24
N GLN D 279 56.74 48.06 -3.19
CA GLN D 279 56.43 46.66 -2.89
C GLN D 279 55.78 46.04 -4.14
N GLN D 280 56.61 45.57 -5.06
CA GLN D 280 56.14 44.95 -6.29
C GLN D 280 56.48 43.47 -6.22
N TYR D 281 56.97 43.04 -5.06
CA TYR D 281 57.28 41.63 -4.85
C TYR D 281 55.89 41.01 -5.05
N ARG D 282 55.58 40.69 -6.30
CA ARG D 282 54.28 40.16 -6.64
C ARG D 282 53.27 41.23 -6.28
N ALA D 283 53.77 42.41 -5.87
CA ALA D 283 52.92 43.54 -5.47
C ALA D 283 51.60 43.01 -4.89
N LEU D 284 51.72 42.29 -3.78
CA LEU D 284 50.60 41.65 -3.08
C LEU D 284 49.65 40.92 -4.04
N THR D 285 50.22 40.13 -4.95
CA THR D 285 49.39 39.41 -5.90
C THR D 285 48.42 38.60 -5.06
N VAL D 286 47.23 38.34 -5.60
CA VAL D 286 46.21 37.55 -4.90
C VAL D 286 46.74 36.15 -4.54
N PRO D 287 47.58 35.56 -5.41
CA PRO D 287 48.12 34.23 -5.16
C PRO D 287 49.33 34.34 -4.23
N GLU D 288 49.85 35.57 -4.11
CA GLU D 288 51.01 35.84 -3.27
C GLU D 288 50.65 35.59 -1.83
N LEU D 289 49.52 36.16 -1.44
CA LEU D 289 49.04 35.98 -0.09
C LEU D 289 49.17 34.49 0.18
N THR D 290 48.86 33.70 -0.85
CA THR D 290 48.93 32.24 -0.77
C THR D 290 50.33 31.69 -0.99
N GLN D 291 51.30 32.38 -0.40
CA GLN D 291 52.69 31.98 -0.45
C GLN D 291 53.43 32.90 0.48
N GLN D 292 53.07 34.19 0.39
CA GLN D 292 53.65 35.22 1.25
C GLN D 292 53.40 34.83 2.70
N MET D 293 52.52 33.86 2.90
CA MET D 293 52.19 33.43 4.24
C MET D 293 52.75 32.06 4.64
N PHE D 294 52.34 31.00 3.94
CA PHE D 294 52.76 29.63 4.26
C PHE D 294 54.28 29.33 4.44
N ASP D 295 55.10 30.33 4.74
CA ASP D 295 56.53 30.08 4.91
C ASP D 295 57.19 30.68 6.13
N ALA D 296 58.18 29.95 6.66
CA ALA D 296 58.93 30.36 7.83
C ALA D 296 59.61 31.70 7.66
N LYS D 297 59.73 32.15 6.42
CA LYS D 297 60.36 33.45 6.15
C LYS D 297 59.35 34.53 6.58
N ASN D 298 58.15 34.05 6.93
CA ASN D 298 57.04 34.91 7.34
C ASN D 298 56.13 34.26 8.41
N MET D 299 56.73 33.48 9.31
CA MET D 299 55.97 32.81 10.38
C MET D 299 56.43 33.41 11.68
N MET D 300 55.50 33.50 12.62
CA MET D 300 55.77 34.11 13.93
C MET D 300 56.32 33.19 15.00
N ALA D 301 56.82 32.02 14.61
CA ALA D 301 57.40 31.10 15.58
C ALA D 301 58.73 30.61 15.07
N ALA D 302 58.96 30.82 13.78
CA ALA D 302 60.19 30.41 13.08
C ALA D 302 60.63 29.01 13.46
N CYS D 303 60.09 28.01 12.76
CA CYS D 303 60.42 26.62 13.05
C CYS D 303 60.34 25.70 11.84
N ASP D 304 60.90 26.13 10.71
CA ASP D 304 60.89 25.31 9.50
C ASP D 304 59.60 24.44 9.46
N PRO D 305 58.47 25.04 9.04
CA PRO D 305 57.24 24.23 8.98
C PRO D 305 57.49 23.00 8.13
N ARG D 306 58.35 23.17 7.13
CA ARG D 306 58.68 22.09 6.23
C ARG D 306 59.24 20.88 6.97
N HIS D 307 59.02 20.81 8.28
CA HIS D 307 59.50 19.66 9.03
C HIS D 307 58.46 18.55 9.08
N GLY D 308 57.49 18.71 9.97
CA GLY D 308 56.42 17.74 10.09
C GLY D 308 55.17 18.34 9.47
N ARG D 309 54.21 17.49 9.15
CA ARG D 309 52.98 18.00 8.56
C ARG D 309 52.17 18.75 9.60
N TYR D 310 51.13 19.46 9.14
CA TYR D 310 50.25 20.18 10.05
C TYR D 310 49.03 19.31 10.30
N LEU D 311 48.68 19.04 11.56
CA LEU D 311 47.51 18.23 11.87
C LEU D 311 46.27 18.97 11.38
N THR D 312 46.39 20.29 11.26
CA THR D 312 45.33 21.18 10.81
C THR D 312 45.91 22.56 10.53
N VAL D 313 45.12 23.41 9.89
CA VAL D 313 45.55 24.75 9.55
C VAL D 313 44.36 25.62 9.24
N ALA D 314 44.37 26.83 9.77
CA ALA D 314 43.30 27.76 9.51
C ALA D 314 43.89 28.91 8.72
N ALA D 315 43.14 29.44 7.78
CA ALA D 315 43.63 30.58 7.02
C ALA D 315 42.64 31.70 7.27
N VAL D 316 42.97 32.95 6.97
CA VAL D 316 42.02 34.02 7.18
C VAL D 316 42.32 35.15 6.25
N PHE D 317 42.03 34.98 4.97
CA PHE D 317 42.31 36.03 3.99
C PHE D 317 41.55 37.31 4.31
N ARG D 318 42.28 38.41 4.28
CA ARG D 318 41.72 39.72 4.61
C ARG D 318 41.83 40.68 3.44
N GLY D 319 40.90 41.63 3.38
CA GLY D 319 40.90 42.59 2.31
C GLY D 319 40.16 42.08 1.08
N ARG D 320 38.89 42.44 0.98
CA ARG D 320 38.03 42.04 -0.13
C ARG D 320 38.70 41.86 -1.51
N MET D 321 38.68 40.61 -1.98
CA MET D 321 39.23 40.21 -3.28
C MET D 321 38.74 38.81 -3.71
N SER D 322 38.85 38.53 -5.00
CA SER D 322 38.43 37.27 -5.63
C SER D 322 38.46 35.98 -4.79
N MET D 323 37.37 35.69 -4.10
CA MET D 323 37.31 34.47 -3.28
C MET D 323 37.63 33.21 -4.09
N LYS D 324 37.52 33.31 -5.41
CA LYS D 324 37.82 32.17 -6.27
C LYS D 324 39.28 31.82 -6.08
N GLU D 325 40.14 32.77 -6.46
CA GLU D 325 41.58 32.61 -6.39
C GLU D 325 42.05 31.96 -5.10
N VAL D 326 41.41 32.37 -4.00
CA VAL D 326 41.76 31.90 -2.66
C VAL D 326 41.55 30.42 -2.37
N ASP D 327 40.52 29.84 -2.95
CA ASP D 327 40.27 28.43 -2.74
C ASP D 327 41.02 27.70 -3.86
N GLU D 328 41.30 28.46 -4.92
CA GLU D 328 42.03 27.95 -6.07
C GLU D 328 43.50 27.88 -5.69
N GLN D 329 43.87 28.74 -4.77
CA GLN D 329 45.24 28.80 -4.32
C GLN D 329 45.48 28.04 -3.00
N MET D 330 44.54 28.15 -2.07
CA MET D 330 44.65 27.51 -0.76
C MET D 330 44.63 26.00 -0.81
N LEU D 331 43.96 25.46 -1.82
CA LEU D 331 43.92 24.00 -1.98
C LEU D 331 45.22 23.67 -2.71
N ASN D 332 45.58 24.56 -3.64
CA ASN D 332 46.77 24.43 -4.45
C ASN D 332 47.91 23.82 -3.64
N VAL D 333 48.37 24.57 -2.65
CA VAL D 333 49.46 24.09 -1.79
C VAL D 333 49.01 22.92 -0.95
N GLN D 334 47.70 22.86 -0.68
CA GLN D 334 47.14 21.74 0.06
C GLN D 334 47.29 20.53 -0.89
N ASN D 335 47.37 20.83 -2.19
CA ASN D 335 47.57 19.81 -3.23
C ASN D 335 49.03 19.84 -3.61
N LYS D 336 49.75 20.82 -3.07
CA LYS D 336 51.18 20.99 -3.35
C LYS D 336 52.05 20.16 -2.43
N ASN D 337 52.55 20.76 -1.35
CA ASN D 337 53.41 20.03 -0.43
C ASN D 337 52.68 18.89 0.26
N SER D 338 52.02 18.05 -0.54
CA SER D 338 51.27 16.91 0.00
C SER D 338 52.12 16.14 1.01
N SER D 339 53.37 16.57 1.13
CA SER D 339 54.29 15.95 2.05
C SER D 339 54.17 16.56 3.44
N TYR D 340 53.36 17.64 3.56
CA TYR D 340 53.18 18.33 4.85
C TYR D 340 51.73 18.58 5.31
N PHE D 341 50.94 17.51 5.34
CA PHE D 341 49.53 17.57 5.76
C PHE D 341 49.15 16.20 6.26
N VAL D 342 49.52 15.92 7.50
CA VAL D 342 49.28 14.63 8.18
C VAL D 342 48.67 13.54 7.33
N GLU D 343 47.54 13.83 6.69
CA GLU D 343 46.84 12.90 5.79
C GLU D 343 46.10 11.71 6.43
N TRP D 344 45.47 11.98 7.57
CA TRP D 344 44.67 11.02 8.32
C TRP D 344 43.58 11.86 8.97
N ILE D 345 43.50 13.11 8.50
CA ILE D 345 42.51 14.06 8.98
C ILE D 345 41.90 14.70 7.72
N PRO D 346 40.93 13.98 7.11
CA PRO D 346 40.16 14.30 5.92
C PRO D 346 39.81 15.77 5.79
N ASN D 347 40.60 16.50 5.02
CA ASN D 347 40.38 17.93 4.81
C ASN D 347 40.91 18.68 6.03
N ASN D 348 42.23 18.63 6.19
CA ASN D 348 42.95 19.26 7.30
C ASN D 348 43.15 20.76 7.06
N VAL D 349 42.23 21.38 6.32
CA VAL D 349 42.29 22.81 6.06
C VAL D 349 40.93 23.43 5.72
N LYS D 350 40.78 24.72 6.00
CA LYS D 350 39.56 25.48 5.70
C LYS D 350 39.98 26.93 5.58
N THR D 351 39.50 27.58 4.54
CA THR D 351 39.82 28.98 4.29
C THR D 351 38.84 29.86 5.05
N ALA D 352 39.03 31.16 4.94
CA ALA D 352 38.15 32.12 5.59
C ALA D 352 38.44 33.44 4.88
N VAL D 353 37.38 34.07 4.39
CA VAL D 353 37.48 35.35 3.69
C VAL D 353 36.58 36.30 4.47
N CYS D 354 37.04 37.51 4.81
CA CYS D 354 36.16 38.38 5.58
C CYS D 354 36.09 39.88 5.35
N ASP D 355 35.84 40.26 4.10
CA ASP D 355 35.64 41.66 3.72
C ASP D 355 36.66 42.71 4.18
N ILE D 356 36.12 43.69 4.93
CA ILE D 356 36.85 44.81 5.50
C ILE D 356 38.29 44.49 5.81
N PRO D 357 39.24 45.23 5.19
CA PRO D 357 40.67 45.02 5.40
C PRO D 357 41.26 45.91 6.50
N PRO D 358 42.56 45.69 6.83
CA PRO D 358 43.32 46.44 7.85
C PRO D 358 43.52 47.94 7.49
N ARG D 359 44.76 48.41 7.64
CA ARG D 359 45.05 49.81 7.38
C ARG D 359 46.22 50.09 6.43
N GLY D 360 46.50 49.17 5.50
CA GLY D 360 47.60 49.41 4.57
C GLY D 360 48.04 48.27 3.65
N LEU D 361 47.20 47.25 3.51
CA LEU D 361 47.57 46.13 2.66
C LEU D 361 46.74 45.91 1.40
N LYS D 362 45.44 46.25 1.43
CA LYS D 362 44.57 46.04 0.28
C LYS D 362 44.30 44.53 0.15
N MET D 363 45.09 43.75 0.89
CA MET D 363 45.00 42.31 0.93
C MET D 363 45.92 41.80 2.05
N SER D 364 45.52 40.73 2.73
CA SER D 364 46.34 40.19 3.80
C SER D 364 45.80 38.86 4.33
N ALA D 365 46.69 37.92 4.66
CA ALA D 365 46.29 36.62 5.17
C ALA D 365 46.63 36.46 6.63
N THR D 366 46.45 35.24 7.15
CA THR D 366 46.73 34.97 8.56
C THR D 366 46.79 33.50 8.92
N PHE D 367 47.98 32.96 8.88
CA PHE D 367 48.22 31.56 9.19
C PHE D 367 47.77 31.26 10.62
N ILE D 368 47.43 30.00 10.88
CA ILE D 368 47.01 29.50 12.20
C ILE D 368 47.04 28.02 12.03
N GLY D 369 48.23 27.44 11.99
CA GLY D 369 48.31 26.00 11.81
C GLY D 369 48.84 25.20 12.97
N ASN D 370 48.35 23.97 13.10
CA ASN D 370 48.84 23.10 14.15
C ASN D 370 49.88 22.25 13.46
N SER D 371 51.02 22.87 13.16
CA SER D 371 52.10 22.18 12.49
C SER D 371 53.11 21.62 13.46
N THR D 372 53.33 20.32 13.40
CA THR D 372 54.28 19.64 14.28
C THR D 372 55.73 20.19 14.21
N ALA D 373 55.89 21.34 13.56
CA ALA D 373 57.19 21.98 13.42
C ALA D 373 57.49 22.84 14.64
N ILE D 374 56.45 23.36 15.26
CA ILE D 374 56.65 24.18 16.45
C ILE D 374 57.39 23.31 17.46
N GLN D 375 57.49 22.02 17.17
CA GLN D 375 58.19 21.08 18.05
C GLN D 375 59.49 21.72 18.49
N GLU D 376 60.21 22.23 17.49
CA GLU D 376 61.46 22.89 17.72
C GLU D 376 61.28 23.94 18.82
N LEU D 377 60.41 24.90 18.57
CA LEU D 377 60.12 25.98 19.51
C LEU D 377 59.62 25.44 20.84
N PHE D 378 60.01 24.22 21.14
CA PHE D 378 59.60 23.58 22.36
C PHE D 378 60.73 22.81 22.97
N LYS D 379 61.42 22.02 22.14
CA LYS D 379 62.56 21.21 22.60
C LYS D 379 63.75 22.15 22.82
N ARG D 380 63.47 23.44 22.62
CA ARG D 380 64.42 24.52 22.81
C ARG D 380 64.33 24.75 24.30
N ILE D 381 63.25 25.42 24.69
CA ILE D 381 62.98 25.70 26.09
C ILE D 381 62.91 24.32 26.75
N SER D 382 63.78 23.39 26.34
CA SER D 382 63.79 22.04 26.89
C SER D 382 65.19 21.53 27.02
N GLU D 383 66.06 22.00 26.12
CA GLU D 383 67.46 21.58 26.16
C GLU D 383 68.27 22.74 26.72
N GLN D 384 67.69 23.36 27.75
CA GLN D 384 68.28 24.48 28.46
C GLN D 384 68.10 24.17 29.92
N PHE D 385 66.98 23.53 30.28
CA PHE D 385 66.65 23.15 31.68
C PHE D 385 67.46 21.91 32.06
N THR D 386 67.21 20.80 31.35
CA THR D 386 67.93 19.56 31.60
C THR D 386 69.38 19.89 31.28
N ALA D 387 69.56 20.97 30.52
CA ALA D 387 70.87 21.43 30.13
C ALA D 387 71.22 22.72 30.89
N MET D 388 71.00 22.69 32.20
CA MET D 388 71.30 23.82 33.07
C MET D 388 70.62 23.52 34.38
N PHE D 389 69.40 24.03 34.53
CA PHE D 389 68.64 23.82 35.77
C PHE D 389 68.63 22.37 36.26
N ARG D 390 69.29 21.51 35.48
CA ARG D 390 69.44 20.11 35.82
C ARG D 390 70.93 19.77 35.62
N ARG D 391 71.52 20.35 34.58
CA ARG D 391 72.93 20.12 34.29
C ARG D 391 73.71 20.46 35.55
N LYS D 392 73.02 21.13 36.46
CA LYS D 392 73.56 21.54 37.75
C LYS D 392 72.54 22.43 38.44
N ALA D 393 72.75 23.74 38.34
CA ALA D 393 71.86 24.68 39.00
C ALA D 393 71.90 26.17 38.64
N PHE D 394 70.97 26.89 39.25
CA PHE D 394 70.78 28.31 39.12
C PHE D 394 69.39 28.49 39.74
N LEU D 395 68.76 27.35 40.00
CA LEU D 395 67.44 27.23 40.59
C LEU D 395 67.44 27.68 42.05
N HIS D 396 68.63 27.83 42.61
CA HIS D 396 68.73 28.26 43.99
C HIS D 396 68.44 29.74 44.07
N TRP D 397 67.34 30.12 43.41
CA TRP D 397 66.83 31.48 43.33
C TRP D 397 65.30 31.46 43.44
N TYR D 398 64.75 30.25 43.35
CA TYR D 398 63.31 30.00 43.42
C TYR D 398 62.93 29.38 44.76
N THR D 399 63.72 28.40 45.19
CA THR D 399 63.48 27.73 46.45
C THR D 399 63.15 28.74 47.54
N GLY D 400 63.65 29.97 47.38
CA GLY D 400 63.40 31.02 48.34
C GLY D 400 61.93 31.05 48.63
N GLU D 401 61.16 31.01 47.55
CA GLU D 401 59.73 30.97 47.66
C GLU D 401 59.45 29.50 47.39
N GLY D 402 59.24 28.75 48.47
CA GLY D 402 58.98 27.32 48.37
C GLY D 402 59.76 26.67 47.24
N MET D 403 59.02 26.08 46.32
CA MET D 403 59.62 25.45 45.16
C MET D 403 60.76 24.47 45.40
N ASP D 404 60.93 24.00 46.63
CA ASP D 404 62.01 23.07 46.89
C ASP D 404 62.08 21.93 45.86
N GLU D 405 63.30 21.42 45.68
CA GLU D 405 63.64 20.35 44.75
C GLU D 405 63.02 20.42 43.35
N MET D 406 62.39 19.33 42.93
CA MET D 406 61.75 19.20 41.63
C MET D 406 60.84 20.39 41.28
N GLU D 407 59.62 20.10 40.82
CA GLU D 407 58.71 21.17 40.44
C GLU D 407 59.40 21.87 39.25
N PHE D 408 60.62 21.38 38.94
CA PHE D 408 61.46 21.86 37.84
C PHE D 408 61.90 20.66 37.06
N THR D 409 61.52 19.50 37.56
CA THR D 409 61.86 18.25 36.91
C THR D 409 60.56 17.54 36.49
N GLU D 410 59.51 17.69 37.30
CA GLU D 410 58.20 17.11 37.01
C GLU D 410 57.68 18.08 35.97
N ALA D 411 58.35 19.22 35.91
CA ALA D 411 58.04 20.26 34.97
C ALA D 411 58.93 19.99 33.78
N GLU D 412 60.01 19.27 34.02
CA GLU D 412 60.92 18.92 32.95
C GLU D 412 60.39 17.61 32.39
N SER D 413 59.66 16.87 33.21
CA SER D 413 59.05 15.61 32.79
C SER D 413 57.64 15.95 32.29
N ASN D 414 57.57 16.88 31.33
CA ASN D 414 56.30 17.30 30.78
C ASN D 414 56.54 18.03 29.47
N MET D 415 56.84 19.32 29.57
CA MET D 415 57.08 20.08 28.37
C MET D 415 58.14 19.36 27.55
N ASN D 416 59.02 18.62 28.23
CA ASN D 416 60.02 17.91 27.46
C ASN D 416 59.31 16.80 26.69
N ASP D 417 58.25 16.24 27.28
CA ASP D 417 57.49 15.17 26.65
C ASP D 417 57.15 15.47 25.22
N LEU D 418 56.28 16.48 25.02
CA LEU D 418 55.83 16.92 23.70
C LEU D 418 56.78 16.52 22.57
N VAL D 419 58.08 16.50 22.87
CA VAL D 419 59.07 16.09 21.90
C VAL D 419 58.50 14.82 21.34
N SER D 420 58.50 13.79 22.18
CA SER D 420 57.98 12.48 21.80
C SER D 420 56.55 12.58 21.23
N GLU D 421 55.60 12.97 22.09
CA GLU D 421 54.21 13.16 21.71
C GLU D 421 54.20 13.75 20.29
N TYR D 422 54.53 15.03 20.17
CA TYR D 422 54.54 15.66 18.86
C TYR D 422 55.20 14.82 17.80
N GLN D 423 56.40 14.30 18.11
CA GLN D 423 57.17 13.50 17.16
C GLN D 423 56.44 12.28 16.66
N GLN D 424 55.32 11.98 17.29
CA GLN D 424 54.56 10.81 16.90
C GLN D 424 53.64 10.97 15.69
N TYR D 425 53.49 12.19 15.18
CA TYR D 425 52.66 12.38 13.98
C TYR D 425 53.46 13.21 13.01
N GLN D 426 54.48 13.88 13.55
CA GLN D 426 55.37 14.72 12.76
C GLN D 426 55.76 13.90 11.54
N ASP D 427 56.23 12.68 11.85
CA ASP D 427 56.70 11.64 10.93
C ASP D 427 57.19 12.05 9.53
N UNK E 1 -44.22 -52.69 10.27
CA UNK E 1 -45.42 -52.62 9.37
C UNK E 1 -45.06 -52.51 7.90
N UNK E 2 -46.08 -52.28 7.09
CA UNK E 2 -45.91 -52.08 5.67
C UNK E 2 -45.74 -50.57 5.68
N UNK E 3 -46.31 -49.98 6.73
CA UNK E 3 -46.27 -48.55 6.98
C UNK E 3 -44.83 -48.18 7.31
N UNK E 4 -44.03 -48.05 6.25
CA UNK E 4 -42.62 -47.72 6.36
C UNK E 4 -42.39 -46.39 7.04
N UNK E 5 -43.49 -45.73 7.43
CA UNK E 5 -43.45 -44.42 8.09
C UNK E 5 -42.15 -44.17 8.83
N UNK E 6 -41.60 -45.24 9.40
CA UNK E 6 -40.34 -45.20 10.16
C UNK E 6 -39.16 -44.85 9.25
N UNK E 7 -38.82 -45.80 8.38
CA UNK E 7 -37.73 -45.65 7.42
C UNK E 7 -37.76 -44.26 6.78
N UNK E 8 -38.83 -43.98 6.05
CA UNK E 8 -39.01 -42.70 5.42
C UNK E 8 -39.43 -41.78 6.57
N UNK E 9 -38.44 -41.39 7.39
CA UNK E 9 -38.66 -40.52 8.56
C UNK E 9 -37.35 -40.20 9.28
N UNK E 10 -36.66 -41.25 9.70
CA UNK E 10 -35.40 -41.09 10.43
C UNK E 10 -34.18 -41.17 9.52
N UNK E 11 -34.33 -41.81 8.37
CA UNK E 11 -33.23 -41.84 7.42
C UNK E 11 -33.50 -40.48 6.78
N UNK E 12 -34.69 -39.97 7.15
CA UNK E 12 -35.21 -38.68 6.70
C UNK E 12 -34.90 -37.65 7.78
N UNK E 13 -34.60 -38.16 8.96
CA UNK E 13 -34.27 -37.34 10.12
C UNK E 13 -32.74 -37.18 10.20
N UNK E 14 -32.02 -38.18 9.69
CA UNK E 14 -30.56 -38.15 9.67
C UNK E 14 -30.16 -37.11 8.62
N UNK E 15 -31.19 -36.54 7.99
CA UNK E 15 -31.03 -35.50 6.98
C UNK E 15 -30.64 -34.22 7.70
N UNK E 16 -30.46 -34.34 9.00
CA UNK E 16 -30.10 -33.21 9.82
C UNK E 16 -28.74 -33.40 10.49
N UNK E 17 -28.38 -34.64 10.80
CA UNK E 17 -27.10 -34.96 11.47
C UNK E 17 -25.89 -34.31 10.82
N UNK E 18 -25.07 -35.10 10.14
CA UNK E 18 -23.89 -34.56 9.47
C UNK E 18 -24.37 -33.47 8.52
N UNK E 19 -25.68 -33.23 8.61
CA UNK E 19 -26.32 -32.21 7.80
C UNK E 19 -26.02 -30.92 8.52
N UNK E 20 -26.90 -30.53 9.44
CA UNK E 20 -26.75 -29.31 10.23
C UNK E 20 -25.46 -29.39 10.98
N UNK E 21 -24.54 -30.17 10.44
CA UNK E 21 -23.22 -30.37 11.03
C UNK E 21 -22.11 -29.91 10.08
N UNK E 22 -21.78 -30.75 9.10
CA UNK E 22 -20.71 -30.46 8.14
C UNK E 22 -20.58 -28.99 7.70
N UNK E 23 -21.71 -28.33 7.50
CA UNK E 23 -21.69 -26.95 7.08
C UNK E 23 -21.99 -26.15 8.35
N UNK E 24 -21.98 -26.86 9.47
CA UNK E 24 -22.18 -26.27 10.80
C UNK E 24 -20.82 -26.30 11.52
N UNK E 25 -19.88 -27.03 10.93
CA UNK E 25 -18.51 -27.10 11.44
C UNK E 25 -17.79 -26.06 10.58
N UNK E 26 -17.95 -26.17 9.27
CA UNK E 26 -17.37 -25.21 8.36
C UNK E 26 -17.95 -23.87 8.79
N UNK E 27 -18.78 -23.91 9.81
CA UNK E 27 -19.39 -22.71 10.34
C UNK E 27 -18.80 -22.46 11.71
N UNK E 28 -18.61 -23.53 12.47
CA UNK E 28 -18.00 -23.43 13.80
C UNK E 28 -16.51 -23.17 13.54
N UNK E 29 -16.09 -23.57 12.35
CA UNK E 29 -14.73 -23.43 11.86
C UNK E 29 -14.57 -22.01 11.38
N UNK E 30 -15.22 -21.09 12.08
CA UNK E 30 -15.15 -19.69 11.74
C UNK E 30 -14.10 -19.02 12.65
N UNK E 31 -14.46 -18.84 13.91
CA UNK E 31 -13.58 -18.22 14.88
C UNK E 31 -12.15 -18.70 14.73
N UNK E 32 -11.94 -20.00 14.60
CA UNK E 32 -10.58 -20.48 14.43
C UNK E 32 -9.94 -19.55 13.39
N UNK E 33 -10.65 -19.31 12.31
CA UNK E 33 -10.13 -18.43 11.29
C UNK E 33 -10.53 -17.01 11.64
N UNK E 34 -10.85 -16.81 12.91
CA UNK E 34 -11.23 -15.48 13.39
C UNK E 34 -10.23 -15.01 14.45
N UNK E 35 -9.50 -15.96 15.03
CA UNK E 35 -8.51 -15.62 16.05
C UNK E 35 -7.24 -15.15 15.33
N UNK E 36 -6.80 -15.94 14.34
CA UNK E 36 -5.60 -15.64 13.54
C UNK E 36 -5.78 -14.22 13.08
N UNK E 37 -6.91 -13.69 13.52
CA UNK E 37 -7.35 -12.36 13.25
C UNK E 37 -7.39 -11.80 14.62
N UNK E 38 -8.26 -12.35 15.43
CA UNK E 38 -8.35 -11.87 16.77
C UNK E 38 -6.91 -11.70 17.31
N UNK E 39 -6.17 -12.78 17.49
CA UNK E 39 -4.82 -12.69 18.02
C UNK E 39 -3.77 -12.20 17.03
N UNK E 40 -3.92 -10.98 16.55
CA UNK E 40 -2.97 -10.42 15.60
C UNK E 40 -3.25 -8.95 15.41
N UNK E 41 -4.48 -8.55 15.71
CA UNK E 41 -4.85 -7.15 15.60
C UNK E 41 -4.13 -6.58 16.79
N UNK E 42 -3.90 -7.47 17.75
CA UNK E 42 -3.23 -7.16 19.00
C UNK E 42 -1.72 -7.44 18.96
N UNK E 43 -1.30 -8.66 18.57
CA UNK E 43 0.12 -8.93 18.52
C UNK E 43 0.71 -7.90 17.57
N UNK E 44 -0.08 -6.87 17.28
CA UNK E 44 0.26 -5.76 16.40
C UNK E 44 0.27 -4.46 17.19
N UNK E 45 -0.62 -4.36 18.18
CA UNK E 45 -0.72 -3.19 19.04
C UNK E 45 0.28 -3.37 20.15
N UNK E 46 1.17 -4.34 19.95
CA UNK E 46 2.24 -4.64 20.90
C UNK E 46 3.51 -4.33 20.10
N UNK E 47 3.47 -4.62 18.81
CA UNK E 47 4.57 -4.33 17.92
C UNK E 47 4.94 -2.86 18.14
N UNK E 48 4.04 -2.13 18.80
CA UNK E 48 4.30 -0.74 19.13
C UNK E 48 4.64 -0.86 20.60
N UNK E 49 3.61 -0.94 21.44
CA UNK E 49 3.77 -1.04 22.88
C UNK E 49 5.21 -1.21 23.29
N UNK E 50 5.88 -2.17 22.66
CA UNK E 50 7.29 -2.40 22.95
C UNK E 50 8.21 -1.50 22.09
N UNK E 51 8.33 -1.79 20.79
CA UNK E 51 9.20 -1.01 19.88
C UNK E 51 9.04 0.51 20.05
N UNK E 52 8.12 0.85 20.93
CA UNK E 52 7.78 2.23 21.30
C UNK E 52 7.63 2.30 22.84
N UNK E 53 8.63 1.73 23.50
CA UNK E 53 8.71 1.71 24.94
C UNK E 53 10.10 1.20 25.21
N UNK E 54 10.80 0.83 24.15
CA UNK E 54 12.16 0.34 24.27
C UNK E 54 13.09 1.52 24.07
N UNK E 55 13.22 1.98 22.82
CA UNK E 55 14.09 3.13 22.52
C UNK E 55 13.53 4.29 23.25
N UNK E 56 12.62 3.96 24.17
CA UNK E 56 11.96 4.91 25.05
C UNK E 56 12.69 4.87 26.40
N UNK E 57 12.98 3.67 26.88
CA UNK E 57 13.68 3.54 28.15
C UNK E 57 15.17 3.61 27.93
N UNK E 58 15.67 2.85 26.97
CA UNK E 58 17.10 2.87 26.68
C UNK E 58 17.59 4.32 26.76
N UNK E 59 17.29 5.10 25.73
CA UNK E 59 17.67 6.51 25.71
C UNK E 59 17.59 7.13 27.08
N UNK E 60 16.80 6.54 27.98
CA UNK E 60 16.70 7.12 29.30
C UNK E 60 17.93 6.73 30.11
N UNK E 61 18.54 5.62 29.75
CA UNK E 61 19.74 5.19 30.45
C UNK E 61 20.82 6.08 29.87
N UNK E 62 20.94 6.05 28.55
CA UNK E 62 21.91 6.88 27.88
C UNK E 62 21.61 8.32 28.31
N UNK E 63 21.93 8.61 29.56
CA UNK E 63 21.70 9.92 30.16
C UNK E 63 21.86 9.71 31.66
N UNK E 64 20.86 9.10 32.27
CA UNK E 64 20.91 8.83 33.70
C UNK E 64 22.01 7.80 33.94
N UNK E 65 22.71 7.47 32.86
CA UNK E 65 23.80 6.50 32.91
C UNK E 65 24.76 6.76 31.77
N UNK E 66 25.08 8.01 31.62
CA UNK E 66 26.00 8.45 30.59
C UNK E 66 26.64 9.69 31.18
N UNK E 67 25.81 10.70 31.43
CA UNK E 67 26.27 11.96 32.02
C UNK E 67 27.20 11.65 33.19
N UNK E 68 26.82 10.62 33.97
CA UNK E 68 27.63 10.21 35.11
C UNK E 68 29.06 10.01 34.62
N UNK E 69 29.20 9.60 33.37
CA UNK E 69 30.53 9.46 32.84
C UNK E 69 30.99 10.91 32.66
N UNK E 70 30.27 11.66 31.83
CA UNK E 70 30.58 13.06 31.50
C UNK E 70 30.74 14.01 32.66
N UNK E 71 29.82 14.00 33.60
CA UNK E 71 30.02 14.88 34.72
C UNK E 71 31.25 14.33 35.44
N UNK E 72 31.16 13.12 35.98
CA UNK E 72 32.27 12.53 36.71
C UNK E 72 33.64 12.85 36.12
N UNK E 73 33.67 13.30 34.87
CA UNK E 73 34.95 13.67 34.26
C UNK E 73 35.22 15.10 34.69
N UNK E 74 34.31 16.01 34.42
CA UNK E 74 34.50 17.40 34.85
C UNK E 74 34.67 17.44 36.39
N UNK E 75 35.50 16.56 36.90
CA UNK E 75 35.74 16.50 38.32
C UNK E 75 36.91 15.56 38.46
N UNK E 76 36.73 14.33 38.01
CA UNK E 76 37.79 13.37 38.07
C UNK E 76 39.05 14.13 37.68
N UNK E 77 38.92 14.95 36.65
CA UNK E 77 40.01 15.79 36.13
C UNK E 77 39.55 17.27 36.08
N UNK E 78 39.22 17.82 37.25
CA UNK E 78 38.77 19.19 37.36
C UNK E 78 38.54 19.53 38.83
N UNK E 79 39.24 18.79 39.72
CA UNK E 79 39.12 18.99 41.16
C UNK E 79 39.99 18.07 42.01
N UNK E 80 39.93 16.78 41.73
CA UNK E 80 40.73 15.85 42.49
C UNK E 80 42.14 15.94 41.92
N UNK E 81 42.24 16.61 40.77
CA UNK E 81 43.53 16.79 40.10
C UNK E 81 43.99 18.25 40.21
N UNK E 82 43.10 19.10 40.74
CA UNK E 82 43.42 20.49 40.96
C UNK E 82 43.97 20.59 42.38
N UNK E 83 45.11 19.91 42.60
CA UNK E 83 45.80 19.92 43.91
C UNK E 83 46.90 20.97 43.77
N UNK E 84 46.96 21.58 42.60
CA UNK E 84 47.93 22.62 42.32
C UNK E 84 47.91 23.58 43.47
N UNK E 85 46.83 23.56 44.25
CA UNK E 85 46.76 24.41 45.42
C UNK E 85 47.80 23.84 46.42
N UNK E 86 49.04 24.35 46.29
CA UNK E 86 50.22 23.97 47.08
C UNK E 86 50.85 22.75 46.44
N UNK E 87 51.60 22.99 45.38
CA UNK E 87 52.25 21.93 44.62
C UNK E 87 53.24 21.10 45.44
N UNK E 88 52.70 20.22 46.27
CA UNK E 88 53.53 19.39 47.13
C UNK E 88 54.32 20.36 48.01
N UNK E 89 53.57 21.24 48.69
CA UNK E 89 54.14 22.30 49.56
C UNK E 89 54.50 21.83 50.97
N UNK E 90 55.77 21.48 51.16
CA UNK E 90 56.28 21.03 52.44
C UNK E 90 56.70 22.26 53.23
N UNK E 91 57.60 23.05 52.62
CA UNK E 91 58.09 24.28 53.23
C UNK E 91 56.88 25.20 53.50
PG GTP F . -38.40 -25.84 -9.02
O1G GTP F . -38.01 -24.76 -10.06
O2G GTP F . -38.87 -25.19 -7.73
O3G GTP F . -37.20 -26.71 -8.65
O3B GTP F . -39.61 -26.82 -9.68
PB GTP F . -39.61 -27.74 -11.07
O1B GTP F . -40.89 -27.75 -11.77
O2B GTP F . -38.93 -29.05 -10.73
O3A GTP F . -38.65 -26.90 -11.86
PA GTP F . -38.75 -26.18 -13.15
O1A GTP F . -37.47 -25.45 -13.48
O2A GTP F . -40.03 -25.51 -13.25
O5' GTP F . -38.61 -27.53 -14.03
C5' GTP F . -38.63 -27.34 -15.38
C4' GTP F . -38.48 -28.60 -16.11
O4' GTP F . -39.74 -28.87 -16.72
C3' GTP F . -37.52 -28.43 -17.24
O3' GTP F . -37.11 -29.71 -17.66
C2' GTP F . -38.37 -27.70 -18.26
O2' GTP F . -37.86 -27.92 -19.56
C1' GTP F . -39.74 -28.34 -18.04
N9 GTP F . -40.89 -27.44 -18.14
C8 GTP F . -40.97 -26.10 -17.82
N7 GTP F . -42.15 -25.58 -18.01
C5 GTP F . -42.89 -26.62 -18.49
C6 GTP F . -44.23 -26.71 -18.88
O6 GTP F . -45.07 -25.81 -18.89
N1 GTP F . -44.60 -27.99 -19.32
C2 GTP F . -43.75 -29.10 -19.35
N2 GTP F . -44.22 -30.23 -19.77
N3 GTP F . -42.48 -29.03 -18.99
C4 GTP F . -42.12 -27.79 -18.57
PB GDP G . -8.90 0.56 -3.20
O1B GDP G . -8.26 1.95 -3.17
O2B GDP G . -8.92 -0.09 -1.82
O3B GDP G . -10.35 0.64 -3.69
O3A GDP G . -7.99 -0.33 -4.23
PA GDP G . -7.68 -0.10 -5.70
O1A GDP G . -8.93 -0.38 -6.48
O2A GDP G . -6.96 1.14 -5.92
O5' GDP G . -6.74 -1.40 -5.91
C5' GDP G . -6.96 -2.42 -6.88
C4' GDP G . -6.80 -1.86 -8.28
O4' GDP G . -7.96 -1.07 -8.62
C3' GDP G . -5.63 -0.90 -8.43
O3' GDP G . -4.58 -1.60 -9.04
C2' GDP G . -6.21 0.19 -9.34
O2' GDP G . -5.45 0.32 -10.51
C1' GDP G . -7.55 -0.34 -9.69
N9 GDP G . -8.55 0.69 -9.99
C8 GDP G . -8.58 1.99 -9.59
N7 GDP G . -9.62 2.66 -10.04
C5 GDP G . -10.31 1.73 -10.80
C6 GDP G . -11.50 1.82 -11.56
O6 GDP G . -12.24 2.82 -11.73
N1 GDP G . -11.84 0.58 -12.18
C2 GDP G . -11.10 -0.62 -12.08
N2 GDP G . -11.54 -1.67 -12.70
N3 GDP G . -9.99 -0.70 -11.38
C4 GDP G . -9.64 0.48 -10.76
PG GTP H . 25.35 23.72 14.58
O1G GTP H . 24.48 22.62 13.92
O2G GTP H . 26.25 23.15 15.70
O3G GTP H . 24.51 24.78 15.26
O3B GTP H . 26.19 24.42 13.35
PB GTP H . 25.73 25.15 11.94
O1B GTP H . 25.18 26.45 12.20
O2B GTP H . 24.89 24.09 11.22
O3A GTP H . 27.13 25.31 11.15
PA GTP H . 27.74 25.64 9.70
O1A GTP H . 29.26 25.55 9.74
O2A GTP H . 27.13 26.79 9.04
O5' GTP H . 27.28 24.21 9.02
C5' GTP H . 27.55 23.86 7.68
C4' GTP H . 27.01 22.46 7.33
O4' GTP H . 25.62 22.54 6.91
C3' GTP H . 27.72 21.87 6.13
O3' GTP H . 27.51 20.46 6.11
C2' GTP H . 27.03 22.59 4.99
O2' GTP H . 27.18 21.88 3.80
C1' GTP H . 25.58 22.60 5.49
N9 GTP H . 24.80 23.77 5.10
C8 GTP H . 24.88 25.06 5.59
N7 GTP H . 24.02 25.90 5.05
C5 GTP H . 23.32 25.11 4.16
C6 GTP H . 22.27 25.42 3.28
O6 GTP H . 21.72 26.49 3.12
N1 GTP H . 21.85 24.29 2.52
C2 GTP H . 22.40 23.00 2.62
N2 GTP H . 21.91 22.06 1.86
N3 GTP H . 23.38 22.71 3.44
C4 GTP H . 23.81 23.78 4.18
PB GDP I . 57.54 40.71 32.44
O1B GDP I . 56.26 41.28 31.80
O2B GDP I . 57.98 41.65 33.59
O3B GDP I . 57.27 39.32 33.01
O3A GDP I . 58.67 40.65 31.18
PA GDP I . 58.68 39.81 29.85
O1A GDP I . 59.02 38.37 30.22
O2A GDP I . 57.53 40.10 29.03
O5' GDP I . 60.05 40.38 29.17
C5' GDP I . 61.12 39.57 28.67
C4' GDP I . 60.58 38.56 27.70
O4' GDP I . 59.40 39.10 27.12
C3' GDP I . 61.53 38.28 26.56
O3' GDP I . 61.48 36.89 26.29
C2' GDP I . 61.00 39.09 25.42
O2' GDP I . 61.15 38.31 24.24
C1' GDP I . 59.54 39.23 25.74
N9 GDP I . 58.94 40.49 25.40
C8 GDP I . 58.82 41.58 26.23
N7 GDP I . 58.21 42.60 25.68
C5 GDP I . 57.89 42.17 24.40
C6 GDP I . 57.22 42.81 23.32
O6 GDP I . 56.75 43.97 23.30
N1 GDP I . 57.13 41.98 22.16
C2 GDP I . 57.61 40.69 22.07
N2 GDP I . 57.45 40.07 20.94
N3 GDP I . 58.23 40.07 23.06
C4 GDP I . 58.34 40.84 24.20
#